data_8RCR
#
_entry.id   8RCR
#
_cell.length_a   1.00
_cell.length_b   1.00
_cell.length_c   1.00
_cell.angle_alpha   90.00
_cell.angle_beta   90.00
_cell.angle_gamma   90.00
#
_symmetry.space_group_name_H-M   'P 1'
#
loop_
_entity.id
_entity.type
_entity.pdbx_description
1 polymer 'Transient receptor potential cation channel subfamily M member 4'
2 non-polymer CHOLESTEROL
#
_entity_poly.entity_id   1
_entity_poly.type   'polypeptide(L)'
_entity_poly.pdbx_seq_one_letter_code
;RSFHLEASLMDALLNDRPEFVRLLISHGLSLGHFLTPMRLAQLYSAAPSNSLIRNLLDQASHSAGTKAPALKGGAAELRP
PDVGHVLRMLLGKMCAPRYPSGGAWDPHPGQGFGESMYLLSDKATSPLSLDAGLGQAPWSDLLLWALLLNRAQMAMYFWE
MGSNAVSSALGACLLLRVMARLEPDAEEAARRKDLAFKFEGMGVDLFGECYRSSEVRAARLLLRRCPLWGDATCLQLAMQ
ADARAFFAQDGVQSLLTQKWWGDMASTTPIWALVLAFFCPPLIYTRLITFRKSEEEPTREELEFDMDSVINGEGPVGTAD
PAEKTPLGVPRQSGRPGCCGGRCGGRRCLRRWFHFWGAPVTIFMGNVVSYLLFLLLFSRVLLVDFQPAPPGSLELLLYFW
AFTLLCEELRQGLSGGGGSLASGGPGPGHASLSQRLRLYLADSWNQCDLVALTCFLLGVGCRLTPGLYHLGRTVLCIDFM
VFTVRLLHIFTVNKQLGPKIVIVSKMMKDVFFFLFFLGVWLVAYGVATEGLLRPRDSDFPSILRRVFYRPYLQIFGQIPQ
EDMDVALMEHSNCSSEPGFWAHPPGAQAGTCVSQYANWLVVLLLVIFLLVANILLVNLLIAMFSYTFGKVQGNSDLYWKA
QRYRLIREFHSRPALAPPFIVISHLRLLLRQLCRRPRSPQPSSPALEHFRVYLSKEAERKLLTWESVHKENFLLARARDK
RESDSERLKRTSQKVDLALKQLGHIREY
;
_entity_poly.pdbx_strand_id   A,B,C,D
#
# COMPACT_ATOMS: atom_id res chain seq x y z
N ARG A 1 -51.96 42.19 9.63
CA ARG A 1 -53.03 41.55 8.88
C ARG A 1 -52.45 40.59 7.85
N SER A 2 -53.35 40.00 7.06
CA SER A 2 -52.92 39.02 6.05
C SER A 2 -52.08 39.66 4.96
N PHE A 3 -52.55 40.78 4.40
CA PHE A 3 -51.86 41.38 3.26
C PHE A 3 -50.51 41.97 3.67
N HIS A 4 -50.42 42.48 4.90
CA HIS A 4 -49.14 43.01 5.36
C HIS A 4 -48.05 41.95 5.37
N LEU A 5 -48.39 40.73 5.79
CA LEU A 5 -47.44 39.63 5.73
C LEU A 5 -47.28 39.08 4.32
N GLU A 6 -48.33 39.11 3.50
CA GLU A 6 -48.23 38.63 2.13
C GLU A 6 -47.22 39.46 1.34
N ALA A 7 -47.31 40.80 1.47
CA ALA A 7 -46.37 41.67 0.76
C ALA A 7 -44.94 41.45 1.23
N SER A 8 -44.74 41.27 2.54
CA SER A 8 -43.42 40.99 3.06
C SER A 8 -42.88 39.67 2.51
N LEU A 9 -43.76 38.67 2.38
CA LEU A 9 -43.33 37.40 1.80
C LEU A 9 -42.97 37.54 0.33
N MET A 10 -43.75 38.32 -0.44
CA MET A 10 -43.36 38.62 -1.82
C MET A 10 -41.98 39.24 -1.87
N ASP A 11 -41.72 40.22 -1.01
CA ASP A 11 -40.42 40.88 -1.01
C ASP A 11 -39.30 39.91 -0.63
N ALA A 12 -39.51 39.11 0.43
CA ALA A 12 -38.49 38.19 0.90
C ALA A 12 -38.30 37.02 -0.04
N LEU A 13 -39.20 36.81 -0.98
CA LEU A 13 -38.95 35.84 -2.04
C LEU A 13 -38.28 36.48 -3.26
N LEU A 14 -38.61 37.75 -3.54
CA LEU A 14 -37.92 38.44 -4.63
C LEU A 14 -36.44 38.61 -4.34
N ASN A 15 -36.10 39.03 -3.12
CA ASN A 15 -34.71 39.04 -2.68
C ASN A 15 -34.41 37.79 -1.86
N ASP A 16 -33.14 37.47 -1.72
CA ASP A 16 -32.76 36.24 -1.05
C ASP A 16 -33.19 36.24 0.41
N ARG A 17 -32.54 37.07 1.25
CA ARG A 17 -32.85 37.33 2.66
C ARG A 17 -33.48 36.13 3.36
N PRO A 18 -32.74 35.02 3.52
CA PRO A 18 -33.34 33.80 4.06
C PRO A 18 -33.88 33.94 5.47
N GLU A 19 -33.31 34.84 6.28
CA GLU A 19 -33.75 34.98 7.67
C GLU A 19 -35.18 35.47 7.75
N PHE A 20 -35.54 36.46 6.91
CA PHE A 20 -36.91 36.97 6.90
C PHE A 20 -37.88 35.88 6.47
N VAL A 21 -37.49 35.09 5.47
CA VAL A 21 -38.32 33.97 5.02
C VAL A 21 -38.54 32.98 6.15
N ARG A 22 -37.46 32.62 6.85
CA ARG A 22 -37.57 31.67 7.96
C ARG A 22 -38.51 32.21 9.02
N LEU A 23 -38.35 33.49 9.39
CA LEU A 23 -39.20 34.07 10.42
C LEU A 23 -40.67 34.08 9.98
N LEU A 24 -40.93 34.47 8.73
CA LEU A 24 -42.30 34.59 8.27
C LEU A 24 -43.02 33.24 8.24
N ILE A 25 -42.42 32.24 7.59
CA ILE A 25 -43.08 30.94 7.57
C ILE A 25 -43.08 30.29 8.96
N SER A 26 -42.12 30.61 9.82
CA SER A 26 -42.20 30.12 11.20
C SER A 26 -43.42 30.70 11.91
N HIS A 27 -43.70 31.98 11.69
CA HIS A 27 -44.86 32.62 12.32
C HIS A 27 -46.18 32.22 11.67
N GLY A 28 -46.15 31.70 10.44
CA GLY A 28 -47.36 31.21 9.81
C GLY A 28 -47.97 32.13 8.77
N LEU A 29 -48.16 31.61 7.55
CA LEU A 29 -48.82 32.35 6.48
C LEU A 29 -50.00 31.55 5.92
N SER A 30 -50.57 32.03 4.82
CA SER A 30 -51.72 31.36 4.23
C SER A 30 -51.30 30.12 3.45
N LEU A 31 -50.43 30.29 2.45
CA LEU A 31 -49.93 29.23 1.59
C LEU A 31 -51.04 28.59 0.76
N GLY A 32 -52.26 29.12 0.86
CA GLY A 32 -53.36 28.66 0.03
C GLY A 32 -53.90 29.76 -0.84
N HIS A 33 -53.79 31.00 -0.36
CA HIS A 33 -54.15 32.18 -1.13
C HIS A 33 -52.93 32.97 -1.58
N PHE A 34 -51.73 32.55 -1.15
CA PHE A 34 -50.48 33.20 -1.54
C PHE A 34 -50.00 32.76 -2.91
N LEU A 35 -50.58 31.71 -3.48
CA LEU A 35 -50.09 31.10 -4.71
C LEU A 35 -51.02 31.36 -5.89
N THR A 36 -51.55 32.56 -6.01
CA THR A 36 -52.36 32.90 -7.17
C THR A 36 -51.48 32.96 -8.42
N PRO A 37 -52.04 32.64 -9.59
CA PRO A 37 -51.22 32.63 -10.81
C PRO A 37 -50.57 33.96 -11.13
N MET A 38 -51.20 35.08 -10.76
CA MET A 38 -50.56 36.38 -10.95
C MET A 38 -49.28 36.48 -10.13
N ARG A 39 -49.32 36.03 -8.87
CA ARG A 39 -48.12 36.04 -8.05
C ARG A 39 -47.08 35.05 -8.56
N LEU A 40 -47.54 33.90 -9.09
CA LEU A 40 -46.61 32.96 -9.71
C LEU A 40 -45.87 33.62 -10.87
N ALA A 41 -46.60 34.32 -11.74
CA ALA A 41 -45.96 35.00 -12.86
C ALA A 41 -45.03 36.10 -12.37
N GLN A 42 -45.43 36.83 -11.34
CA GLN A 42 -44.58 37.91 -10.81
C GLN A 42 -43.27 37.36 -10.27
N LEU A 43 -43.33 36.25 -9.52
CA LEU A 43 -42.10 35.65 -9.00
C LEU A 43 -41.26 35.05 -10.12
N TYR A 44 -41.90 34.45 -11.13
CA TYR A 44 -41.16 33.92 -12.27
C TYR A 44 -40.46 35.04 -13.04
N SER A 45 -41.03 36.23 -13.06
CA SER A 45 -40.44 37.36 -13.76
C SER A 45 -39.17 37.88 -13.08
N ALA A 46 -38.86 37.41 -11.87
CA ALA A 46 -37.70 37.88 -11.13
C ALA A 46 -36.39 37.31 -11.64
N ALA A 47 -36.42 36.46 -12.66
CA ALA A 47 -35.20 35.89 -13.20
C ALA A 47 -34.34 36.97 -13.86
N PRO A 48 -33.03 36.91 -13.68
CA PRO A 48 -32.14 37.91 -14.31
C PRO A 48 -32.21 37.82 -15.83
N SER A 49 -32.10 38.97 -16.49
CA SER A 49 -32.11 38.99 -17.95
C SER A 49 -30.89 38.28 -18.52
N ASN A 50 -29.72 38.54 -17.95
CA ASN A 50 -28.47 37.90 -18.40
C ASN A 50 -28.18 36.63 -17.60
N SER A 51 -29.14 35.72 -17.59
CA SER A 51 -29.03 34.45 -16.87
C SER A 51 -29.40 33.30 -17.80
N LEU A 52 -29.46 32.10 -17.23
CA LEU A 52 -29.85 30.90 -17.96
C LEU A 52 -31.32 30.56 -17.78
N ILE A 53 -32.11 31.46 -17.20
CA ILE A 53 -33.52 31.22 -16.92
C ILE A 53 -34.42 31.97 -17.90
N ARG A 54 -34.19 33.28 -18.06
CA ARG A 54 -35.05 34.07 -18.92
C ARG A 54 -34.97 33.63 -20.37
N ASN A 55 -33.77 33.31 -20.86
CA ASN A 55 -33.63 32.86 -22.24
C ASN A 55 -34.37 31.56 -22.48
N LEU A 56 -34.25 30.61 -21.55
CA LEU A 56 -34.97 29.34 -21.70
C LEU A 56 -36.47 29.54 -21.60
N LEU A 57 -36.91 30.43 -20.72
CA LEU A 57 -38.34 30.73 -20.62
C LEU A 57 -38.87 31.33 -21.91
N ASP A 58 -38.11 32.25 -22.51
CA ASP A 58 -38.51 32.85 -23.78
C ASP A 58 -38.54 31.79 -24.88
N GLN A 59 -37.55 30.90 -24.90
CA GLN A 59 -37.54 29.82 -25.89
C GLN A 59 -38.75 28.91 -25.72
N ALA A 60 -39.10 28.58 -24.48
CA ALA A 60 -40.28 27.76 -24.23
C ALA A 60 -41.56 28.46 -24.66
N SER A 61 -41.66 29.77 -24.41
CA SER A 61 -42.83 30.52 -24.82
C SER A 61 -42.94 30.57 -26.34
N HIS A 62 -41.81 30.75 -27.03
CA HIS A 62 -41.81 30.80 -28.49
C HIS A 62 -41.97 29.43 -29.13
N SER A 63 -41.74 28.35 -28.39
CA SER A 63 -41.90 27.00 -28.92
C SER A 63 -43.38 26.67 -29.13
N VAL A 83 -37.00 15.89 -19.06
CA VAL A 83 -36.74 17.26 -18.63
C VAL A 83 -37.46 18.23 -19.56
N GLY A 84 -37.44 17.92 -20.86
CA GLY A 84 -38.13 18.77 -21.82
C GLY A 84 -39.61 18.91 -21.54
N HIS A 85 -40.26 17.80 -21.16
CA HIS A 85 -41.67 17.86 -20.80
C HIS A 85 -41.92 18.76 -19.61
N VAL A 86 -40.97 18.81 -18.66
CA VAL A 86 -41.10 19.71 -17.53
C VAL A 86 -41.11 21.16 -18.01
N LEU A 87 -40.21 21.48 -18.96
CA LEU A 87 -40.17 22.83 -19.51
C LEU A 87 -41.46 23.16 -20.27
N ARG A 88 -42.00 22.18 -20.99
CA ARG A 88 -43.28 22.39 -21.67
C ARG A 88 -44.39 22.67 -20.65
N MET A 89 -44.41 21.92 -19.55
CA MET A 89 -45.48 22.07 -18.56
C MET A 89 -45.36 23.37 -17.78
N LEU A 90 -44.15 23.82 -17.46
CA LEU A 90 -43.97 25.06 -16.71
C LEU A 90 -44.12 26.26 -17.64
N LEU A 91 -44.81 27.29 -17.15
CA LEU A 91 -45.01 28.51 -17.91
C LEU A 91 -44.80 29.71 -16.99
N GLY A 92 -44.42 30.83 -17.60
CA GLY A 92 -44.18 32.05 -16.85
C GLY A 92 -45.42 32.66 -16.23
N PRO A 138 -48.17 22.79 -3.18
CA PRO A 138 -47.87 24.21 -2.91
C PRO A 138 -46.37 24.48 -2.76
N TRP A 139 -45.71 23.71 -1.88
CA TRP A 139 -44.28 23.88 -1.68
C TRP A 139 -43.49 23.44 -2.91
N SER A 140 -44.06 22.57 -3.74
CA SER A 140 -43.34 22.06 -4.90
C SER A 140 -43.05 23.17 -5.90
N ASP A 141 -44.02 24.07 -6.13
CA ASP A 141 -43.80 25.18 -7.04
C ASP A 141 -42.67 26.07 -6.57
N LEU A 142 -42.67 26.41 -5.28
CA LEU A 142 -41.58 27.23 -4.73
C LEU A 142 -40.25 26.51 -4.84
N LEU A 143 -40.23 25.21 -4.57
CA LEU A 143 -38.99 24.44 -4.66
C LEU A 143 -38.43 24.44 -6.08
N LEU A 144 -39.29 24.21 -7.07
CA LEU A 144 -38.81 24.19 -8.45
C LEU A 144 -38.39 25.58 -8.90
N TRP A 145 -39.08 26.62 -8.42
CA TRP A 145 -38.67 27.98 -8.73
C TRP A 145 -37.30 28.28 -8.16
N ALA A 146 -37.04 27.84 -6.93
CA ALA A 146 -35.72 28.01 -6.33
C ALA A 146 -34.66 27.23 -7.10
N LEU A 147 -35.00 26.02 -7.55
CA LEU A 147 -34.07 25.23 -8.34
C LEU A 147 -33.69 25.95 -9.62
N LEU A 148 -34.68 26.40 -10.39
CA LEU A 148 -34.38 27.09 -11.64
C LEU A 148 -33.63 28.39 -11.39
N LEU A 149 -33.98 29.11 -10.34
CA LEU A 149 -33.28 30.33 -9.97
C LEU A 149 -31.99 30.06 -9.20
N ASN A 150 -31.74 28.80 -8.86
CA ASN A 150 -30.52 28.37 -8.15
C ASN A 150 -30.41 28.98 -6.77
N ARG A 151 -31.52 29.22 -6.09
CA ARG A 151 -31.51 29.68 -4.71
C ARG A 151 -31.29 28.48 -3.80
N ALA A 152 -30.06 28.32 -3.30
CA ALA A 152 -29.71 27.14 -2.52
C ALA A 152 -30.50 27.09 -1.21
N GLN A 153 -30.46 28.18 -0.44
CA GLN A 153 -31.13 28.17 0.86
C GLN A 153 -32.65 28.12 0.71
N MET A 154 -33.20 28.84 -0.27
CA MET A 154 -34.63 28.76 -0.52
C MET A 154 -35.05 27.35 -0.91
N ALA A 155 -34.26 26.70 -1.77
CA ALA A 155 -34.58 25.34 -2.18
C ALA A 155 -34.53 24.39 -0.99
N MET A 156 -33.52 24.52 -0.14
CA MET A 156 -33.43 23.65 1.04
C MET A 156 -34.61 23.88 1.97
N TYR A 157 -34.99 25.14 2.20
CA TYR A 157 -36.12 25.44 3.06
C TYR A 157 -37.41 24.87 2.49
N PHE A 158 -37.61 25.03 1.18
CA PHE A 158 -38.82 24.51 0.56
C PHE A 158 -38.86 22.98 0.64
N TRP A 159 -37.71 22.33 0.49
CA TRP A 159 -37.66 20.88 0.60
C TRP A 159 -38.01 20.42 2.01
N GLU A 160 -37.44 21.09 3.03
CA GLU A 160 -37.70 20.64 4.40
C GLU A 160 -39.11 21.00 4.84
N MET A 161 -39.73 22.00 4.22
CA MET A 161 -41.10 22.35 4.58
C MET A 161 -42.14 21.61 3.75
N GLY A 162 -41.75 21.02 2.61
CA GLY A 162 -42.70 20.40 1.73
C GLY A 162 -42.95 18.92 2.03
N SER A 163 -43.84 18.34 1.23
CA SER A 163 -44.20 16.94 1.34
C SER A 163 -43.44 16.12 0.30
N ASN A 164 -43.64 14.81 0.34
CA ASN A 164 -42.94 13.85 -0.53
C ASN A 164 -41.47 14.22 -0.68
N ALA A 165 -40.78 14.32 0.46
CA ALA A 165 -39.45 14.91 0.50
C ALA A 165 -38.45 14.11 -0.33
N VAL A 166 -38.52 12.78 -0.25
CA VAL A 166 -37.55 11.95 -0.97
C VAL A 166 -37.69 12.14 -2.47
N SER A 167 -38.92 12.04 -2.98
CA SER A 167 -39.16 12.20 -4.41
C SER A 167 -38.81 13.62 -4.86
N SER A 168 -39.15 14.62 -4.04
CA SER A 168 -38.82 15.99 -4.39
C SER A 168 -37.31 16.19 -4.48
N ALA A 169 -36.57 15.61 -3.53
CA ALA A 169 -35.12 15.72 -3.55
C ALA A 169 -34.52 15.02 -4.77
N LEU A 170 -35.04 13.84 -5.10
CA LEU A 170 -34.53 13.13 -6.28
C LEU A 170 -34.80 13.92 -7.55
N GLY A 171 -36.01 14.47 -7.69
CA GLY A 171 -36.31 15.29 -8.85
C GLY A 171 -35.44 16.54 -8.90
N ALA A 172 -35.19 17.15 -7.74
CA ALA A 172 -34.32 18.31 -7.68
C ALA A 172 -32.91 17.97 -8.13
N CYS A 173 -32.37 16.83 -7.66
CA CYS A 173 -31.05 16.40 -8.08
C CYS A 173 -31.01 16.16 -9.58
N LEU A 174 -32.04 15.50 -10.12
CA LEU A 174 -32.10 15.27 -11.56
C LEU A 174 -32.09 16.59 -12.34
N LEU A 175 -32.94 17.52 -11.93
CA LEU A 175 -33.03 18.80 -12.63
C LEU A 175 -31.72 19.56 -12.54
N LEU A 176 -31.10 19.56 -11.36
CA LEU A 176 -29.84 20.27 -11.19
C LEU A 176 -28.73 19.65 -12.03
N ARG A 177 -28.66 18.32 -12.08
CA ARG A 177 -27.67 17.67 -12.93
C ARG A 177 -27.87 18.02 -14.39
N VAL A 178 -29.12 17.95 -14.87
CA VAL A 178 -29.39 18.26 -16.27
C VAL A 178 -29.05 19.71 -16.58
N MET A 179 -29.46 20.62 -15.70
CA MET A 179 -29.23 22.04 -15.95
C MET A 179 -27.75 22.38 -15.88
N ALA A 180 -27.01 21.74 -14.97
CA ALA A 180 -25.57 21.95 -14.90
C ALA A 180 -24.88 21.42 -16.15
N ARG A 181 -25.33 20.28 -16.67
CA ARG A 181 -24.81 19.79 -17.93
C ARG A 181 -25.09 20.77 -19.06
N LEU A 182 -26.26 21.41 -19.03
CA LEU A 182 -26.59 22.44 -20.02
C LEU A 182 -25.94 23.78 -19.75
N GLU A 183 -25.32 23.96 -18.58
CA GLU A 183 -24.74 25.25 -18.23
C GLU A 183 -23.54 25.57 -19.11
N PRO A 184 -23.43 26.79 -19.62
CA PRO A 184 -22.24 27.17 -20.40
C PRO A 184 -21.09 27.63 -19.52
N ASP A 185 -21.39 28.13 -18.33
CA ASP A 185 -20.39 28.73 -17.46
C ASP A 185 -20.01 27.79 -16.31
N ALA A 186 -18.70 27.67 -16.10
CA ALA A 186 -18.17 26.68 -15.18
C ALA A 186 -18.56 26.98 -13.73
N GLU A 187 -18.57 28.25 -13.34
CA GLU A 187 -18.88 28.59 -11.95
C GLU A 187 -20.33 28.24 -11.61
N GLU A 188 -21.26 28.57 -12.51
CA GLU A 188 -22.66 28.21 -12.28
C GLU A 188 -22.85 26.70 -12.32
N ALA A 189 -22.16 26.01 -13.24
CA ALA A 189 -22.24 24.56 -13.28
C ALA A 189 -21.75 23.95 -11.98
N ALA A 190 -20.64 24.47 -11.44
CA ALA A 190 -20.07 23.91 -10.21
C ALA A 190 -20.98 24.17 -9.02
N ARG A 191 -21.52 25.39 -8.89
CA ARG A 191 -22.42 25.66 -7.77
C ARG A 191 -23.68 24.80 -7.87
N ARG A 192 -24.22 24.64 -9.08
CA ARG A 192 -25.40 23.81 -9.26
C ARG A 192 -25.11 22.34 -8.91
N LYS A 193 -23.95 21.83 -9.32
CA LYS A 193 -23.67 20.42 -9.08
C LYS A 193 -23.36 20.16 -7.60
N ASP A 194 -22.74 21.11 -6.90
CA ASP A 194 -22.53 20.91 -5.47
C ASP A 194 -23.84 21.04 -4.70
N LEU A 195 -24.74 21.92 -5.17
CA LEU A 195 -26.08 21.96 -4.59
C LEU A 195 -26.79 20.62 -4.79
N ALA A 196 -26.67 20.03 -5.98
CA ALA A 196 -27.25 18.72 -6.23
C ALA A 196 -26.62 17.65 -5.34
N PHE A 197 -25.31 17.74 -5.12
CA PHE A 197 -24.64 16.79 -4.24
C PHE A 197 -25.17 16.88 -2.82
N LYS A 198 -25.32 18.10 -2.30
CA LYS A 198 -25.85 18.25 -0.95
C LYS A 198 -27.30 17.79 -0.86
N PHE A 199 -28.09 18.05 -1.92
CA PHE A 199 -29.47 17.58 -1.96
C PHE A 199 -29.52 16.07 -1.91
N GLU A 200 -28.66 15.40 -2.69
CA GLU A 200 -28.60 13.95 -2.67
C GLU A 200 -28.18 13.45 -1.29
N GLY A 201 -27.23 14.14 -0.66
CA GLY A 201 -26.80 13.75 0.67
C GLY A 201 -27.92 13.80 1.68
N MET A 202 -28.68 14.90 1.70
CA MET A 202 -29.77 14.99 2.66
C MET A 202 -30.87 13.99 2.32
N GLY A 203 -31.08 13.74 1.02
CA GLY A 203 -32.08 12.75 0.64
C GLY A 203 -31.71 11.35 1.09
N VAL A 204 -30.45 10.96 0.92
CA VAL A 204 -30.03 9.62 1.33
C VAL A 204 -30.05 9.51 2.85
N ASP A 205 -29.70 10.60 3.55
CA ASP A 205 -29.79 10.58 5.01
C ASP A 205 -31.24 10.39 5.46
N LEU A 206 -32.17 11.10 4.81
CA LEU A 206 -33.59 10.93 5.11
C LEU A 206 -34.05 9.51 4.82
N PHE A 207 -33.60 8.95 3.69
CA PHE A 207 -33.96 7.58 3.35
C PHE A 207 -33.44 6.60 4.39
N GLY A 208 -32.19 6.79 4.84
CA GLY A 208 -31.64 5.90 5.84
C GLY A 208 -32.40 5.98 7.16
N GLU A 209 -32.73 7.19 7.61
CA GLU A 209 -33.45 7.32 8.87
C GLU A 209 -34.88 6.79 8.75
N CYS A 210 -35.47 6.86 7.55
CA CYS A 210 -36.79 6.26 7.35
C CYS A 210 -36.71 4.75 7.35
N TYR A 211 -35.69 4.19 6.68
CA TYR A 211 -35.54 2.75 6.60
C TYR A 211 -35.24 2.15 7.97
N ARG A 212 -34.51 2.89 8.80
CA ARG A 212 -34.10 2.36 10.11
C ARG A 212 -35.27 2.11 11.03
N SER A 213 -36.46 2.65 10.72
CA SER A 213 -37.64 2.47 11.57
C SER A 213 -38.61 1.42 11.02
N SER A 214 -39.09 1.62 9.79
CA SER A 214 -40.12 0.75 9.20
C SER A 214 -39.62 0.25 7.85
N GLU A 215 -39.14 -1.00 7.83
CA GLU A 215 -38.62 -1.57 6.59
C GLU A 215 -39.70 -1.66 5.52
N VAL A 216 -40.88 -2.16 5.88
CA VAL A 216 -41.92 -2.38 4.88
C VAL A 216 -42.48 -1.06 4.37
N ARG A 217 -42.67 -0.09 5.27
CA ARG A 217 -43.17 1.21 4.85
C ARG A 217 -42.16 1.92 3.96
N ALA A 218 -40.88 1.87 4.35
CA ALA A 218 -39.85 2.43 3.49
C ALA A 218 -39.84 1.76 2.13
N ALA A 219 -40.02 0.44 2.09
CA ALA A 219 -40.06 -0.28 0.83
C ALA A 219 -41.23 0.19 -0.04
N ARG A 220 -42.41 0.33 0.56
CA ARG A 220 -43.57 0.73 -0.23
C ARG A 220 -43.51 2.19 -0.62
N LEU A 221 -42.65 2.99 0.02
CA LEU A 221 -42.45 4.37 -0.43
C LEU A 221 -41.90 4.42 -1.85
N LEU A 222 -41.00 3.50 -2.20
CA LEU A 222 -40.29 3.58 -3.47
C LEU A 222 -41.23 3.50 -4.66
N LEU A 223 -41.91 2.36 -4.81
CA LEU A 223 -42.74 2.12 -5.99
C LEU A 223 -43.97 3.01 -6.04
N ARG A 224 -44.15 3.89 -5.05
CA ARG A 224 -45.20 4.90 -5.13
C ARG A 224 -45.01 5.76 -6.36
N ARG A 225 -46.09 5.95 -7.13
CA ARG A 225 -46.06 6.80 -8.31
C ARG A 225 -46.37 8.22 -7.88
N CYS A 226 -45.33 9.02 -7.70
CA CYS A 226 -45.52 10.40 -7.30
C CYS A 226 -46.02 11.23 -8.48
N PRO A 227 -47.12 11.97 -8.32
CA PRO A 227 -47.66 12.73 -9.46
C PRO A 227 -46.71 13.80 -9.98
N LEU A 228 -45.82 14.30 -9.14
CA LEU A 228 -44.87 15.30 -9.59
C LEU A 228 -43.73 14.66 -10.38
N TRP A 229 -42.95 15.51 -11.06
CA TRP A 229 -41.79 15.09 -11.83
C TRP A 229 -42.15 14.10 -12.94
N GLY A 230 -43.33 14.28 -13.54
CA GLY A 230 -43.72 13.44 -14.65
C GLY A 230 -44.09 12.02 -14.31
N ASP A 231 -44.65 11.80 -13.11
CA ASP A 231 -45.12 10.47 -12.69
C ASP A 231 -43.99 9.43 -12.76
N ALA A 232 -42.81 9.82 -12.30
CA ALA A 232 -41.64 8.95 -12.36
C ALA A 232 -41.39 8.31 -11.01
N THR A 233 -41.08 7.01 -11.02
CA THR A 233 -40.72 6.30 -9.82
C THR A 233 -39.40 6.83 -9.27
N CYS A 234 -39.28 6.78 -7.94
CA CYS A 234 -38.10 7.35 -7.27
C CYS A 234 -36.82 6.73 -7.80
N LEU A 235 -36.81 5.41 -8.03
CA LEU A 235 -35.62 4.74 -8.53
C LEU A 235 -35.24 5.25 -9.91
N GLN A 236 -36.24 5.46 -10.78
CA GLN A 236 -35.96 5.99 -12.11
C GLN A 236 -35.37 7.40 -12.02
N LEU A 237 -35.86 8.22 -11.09
CA LEU A 237 -35.29 9.54 -10.90
C LEU A 237 -33.82 9.46 -10.50
N ALA A 238 -33.51 8.55 -9.57
CA ALA A 238 -32.12 8.40 -9.13
C ALA A 238 -31.25 7.92 -10.28
N MET A 239 -31.75 6.97 -11.09
CA MET A 239 -30.95 6.47 -12.20
C MET A 239 -30.71 7.55 -13.25
N GLN A 240 -31.75 8.30 -13.62
CA GLN A 240 -31.58 9.36 -14.60
C GLN A 240 -30.67 10.46 -14.06
N ALA A 241 -30.72 10.70 -12.76
CA ALA A 241 -29.79 11.62 -12.11
C ALA A 241 -28.45 10.97 -11.80
N ASP A 242 -28.29 9.68 -12.08
CA ASP A 242 -27.08 8.92 -11.74
C ASP A 242 -26.75 9.04 -10.26
N ALA A 243 -27.77 8.96 -9.40
CA ALA A 243 -27.60 9.06 -7.96
C ALA A 243 -26.96 7.77 -7.44
N ARG A 244 -25.69 7.60 -7.78
CA ARG A 244 -24.96 6.40 -7.37
C ARG A 244 -24.86 6.31 -5.86
N ALA A 245 -24.68 7.45 -5.18
CA ALA A 245 -24.68 7.44 -3.73
C ALA A 245 -26.02 6.96 -3.18
N PHE A 246 -27.12 7.36 -3.81
CA PHE A 246 -28.44 6.88 -3.39
C PHE A 246 -28.57 5.38 -3.60
N PHE A 247 -28.11 4.88 -4.75
CA PHE A 247 -28.20 3.45 -5.01
C PHE A 247 -27.30 2.65 -4.08
N ALA A 248 -26.21 3.25 -3.59
CA ALA A 248 -25.31 2.55 -2.70
C ALA A 248 -25.91 2.35 -1.31
N GLN A 249 -27.05 2.97 -1.03
CA GLN A 249 -27.68 2.85 0.28
C GLN A 249 -28.08 1.40 0.54
N ASP A 250 -27.87 0.96 1.78
CA ASP A 250 -28.11 -0.44 2.12
C ASP A 250 -29.58 -0.82 1.97
N GLY A 251 -30.49 0.09 2.30
CA GLY A 251 -31.90 -0.22 2.16
C GLY A 251 -32.32 -0.47 0.74
N VAL A 252 -31.90 0.40 -0.19
CA VAL A 252 -32.24 0.17 -1.59
C VAL A 252 -31.50 -1.04 -2.14
N GLN A 253 -30.28 -1.31 -1.64
CA GLN A 253 -29.60 -2.53 -2.05
C GLN A 253 -30.40 -3.76 -1.64
N SER A 254 -30.92 -3.78 -0.41
CA SER A 254 -31.74 -4.90 0.04
C SER A 254 -33.03 -4.99 -0.76
N LEU A 255 -33.63 -3.85 -1.09
CA LEU A 255 -34.86 -3.88 -1.88
C LEU A 255 -34.62 -4.45 -3.27
N LEU A 256 -33.54 -4.03 -3.93
CA LEU A 256 -33.23 -4.58 -5.24
C LEU A 256 -32.87 -6.05 -5.15
N THR A 257 -32.21 -6.46 -4.07
CA THR A 257 -31.97 -7.89 -3.85
C THR A 257 -33.27 -8.66 -3.75
N GLN A 258 -34.23 -8.12 -3.00
CA GLN A 258 -35.53 -8.79 -2.87
C GLN A 258 -36.25 -8.85 -4.20
N LYS A 259 -36.17 -7.79 -5.00
CA LYS A 259 -36.82 -7.81 -6.31
C LYS A 259 -36.17 -8.83 -7.24
N TRP A 260 -34.84 -8.90 -7.22
CA TRP A 260 -34.15 -9.92 -8.01
C TRP A 260 -34.48 -11.31 -7.54
N TRP A 261 -34.78 -11.48 -6.25
CA TRP A 261 -35.32 -12.73 -5.70
C TRP A 261 -36.83 -12.65 -5.53
N GLY A 262 -37.51 -12.05 -6.49
CA GLY A 262 -38.94 -11.78 -6.38
C GLY A 262 -39.78 -13.00 -6.06
N ASP A 263 -40.48 -12.95 -4.94
CA ASP A 263 -41.29 -14.08 -4.46
C ASP A 263 -40.46 -15.35 -4.35
N MET A 264 -39.22 -15.23 -3.83
CA MET A 264 -38.28 -16.32 -3.88
C MET A 264 -37.49 -16.44 -2.57
N ALA A 265 -37.93 -15.77 -1.50
CA ALA A 265 -37.33 -15.93 -0.17
C ALA A 265 -35.84 -15.58 -0.20
N SER A 266 -35.59 -14.28 -0.38
CA SER A 266 -34.27 -13.74 -0.72
C SER A 266 -33.14 -14.28 0.14
N THR A 267 -33.45 -14.83 1.31
CA THR A 267 -32.44 -15.45 2.17
C THR A 267 -32.16 -16.91 1.81
N THR A 268 -32.82 -17.44 0.78
CA THR A 268 -32.62 -18.84 0.41
C THR A 268 -31.20 -19.06 -0.14
N PRO A 269 -30.60 -20.20 0.16
CA PRO A 269 -29.26 -20.49 -0.36
C PRO A 269 -29.27 -20.72 -1.87
N ILE A 270 -28.11 -20.47 -2.48
CA ILE A 270 -27.99 -20.55 -3.93
C ILE A 270 -28.11 -21.99 -4.41
N TRP A 271 -27.46 -22.93 -3.70
CA TRP A 271 -27.48 -24.31 -4.14
C TRP A 271 -28.89 -24.89 -4.11
N ALA A 272 -29.70 -24.50 -3.13
CA ALA A 272 -31.10 -24.92 -3.11
C ALA A 272 -31.82 -24.43 -4.36
N LEU A 273 -31.59 -23.16 -4.72
CA LEU A 273 -32.25 -22.61 -5.91
C LEU A 273 -31.82 -23.34 -7.17
N VAL A 274 -30.53 -23.62 -7.32
CA VAL A 274 -30.07 -24.26 -8.55
C VAL A 274 -30.59 -25.70 -8.63
N LEU A 275 -30.54 -26.43 -7.51
CA LEU A 275 -31.05 -27.80 -7.53
C LEU A 275 -32.54 -27.82 -7.82
N ALA A 276 -33.29 -26.85 -7.28
CA ALA A 276 -34.69 -26.73 -7.65
C ALA A 276 -34.84 -26.42 -9.13
N PHE A 277 -33.90 -25.67 -9.70
CA PHE A 277 -33.96 -25.36 -11.13
C PHE A 277 -33.81 -26.62 -11.97
N PHE A 278 -32.83 -27.47 -11.63
CA PHE A 278 -32.73 -28.73 -12.39
C PHE A 278 -33.89 -29.68 -12.08
N CYS A 279 -34.47 -29.61 -10.89
CA CYS A 279 -35.59 -30.47 -10.54
C CYS A 279 -36.83 -29.64 -10.27
N PRO A 280 -37.65 -29.35 -11.30
CA PRO A 280 -38.87 -28.57 -11.11
C PRO A 280 -39.84 -29.19 -10.10
N PRO A 281 -39.98 -30.52 -10.04
CA PRO A 281 -40.92 -31.08 -9.04
C PRO A 281 -40.61 -30.70 -7.61
N LEU A 282 -39.36 -30.39 -7.26
CA LEU A 282 -39.04 -30.03 -5.89
C LEU A 282 -39.51 -28.62 -5.53
N ILE A 283 -40.31 -27.98 -6.38
CA ILE A 283 -40.84 -26.65 -6.05
C ILE A 283 -41.78 -26.74 -4.87
N TYR A 284 -42.55 -27.83 -4.77
CA TYR A 284 -43.55 -27.99 -3.70
C TYR A 284 -42.96 -28.84 -2.57
N THR A 285 -41.96 -28.29 -1.89
CA THR A 285 -41.27 -28.97 -0.80
C THR A 285 -41.16 -28.03 0.38
N ARG A 286 -40.64 -28.56 1.49
CA ARG A 286 -40.35 -27.75 2.67
C ARG A 286 -39.29 -26.68 2.39
N LEU A 287 -38.33 -26.97 1.51
CA LEU A 287 -37.34 -26.01 1.07
C LEU A 287 -37.93 -25.13 -0.02
N ILE A 288 -37.21 -24.05 -0.35
CA ILE A 288 -37.63 -23.08 -1.37
C ILE A 288 -38.98 -22.51 -0.97
N THR A 289 -38.99 -21.63 0.03
CA THR A 289 -40.20 -20.96 0.44
C THR A 289 -40.46 -19.73 -0.43
N PHE A 290 -41.67 -19.19 -0.31
CA PHE A 290 -42.07 -17.98 -1.02
C PHE A 290 -42.78 -17.03 -0.07
N ARG A 291 -43.27 -15.93 -0.62
CA ARG A 291 -44.06 -14.97 0.15
C ARG A 291 -45.53 -15.39 0.18
N ARG A 346 -55.43 -20.41 -8.80
CA ARG A 346 -54.71 -21.68 -8.69
C ARG A 346 -53.38 -21.49 -7.98
N ARG A 347 -53.23 -22.11 -6.81
CA ARG A 347 -51.97 -22.02 -6.09
C ARG A 347 -50.82 -22.66 -6.85
N CYS A 348 -51.06 -23.80 -7.50
CA CYS A 348 -50.01 -24.45 -8.27
C CYS A 348 -49.57 -23.60 -9.45
N LEU A 349 -50.52 -23.07 -10.22
CA LEU A 349 -50.17 -22.23 -11.37
C LEU A 349 -49.52 -20.93 -10.93
N ARG A 350 -50.02 -20.31 -9.85
CA ARG A 350 -49.40 -19.06 -9.38
C ARG A 350 -47.98 -19.31 -8.90
N ARG A 351 -47.75 -20.44 -8.21
CA ARG A 351 -46.39 -20.78 -7.79
C ARG A 351 -45.49 -21.02 -9.00
N TRP A 352 -46.00 -21.74 -10.00
CA TRP A 352 -45.22 -21.99 -11.22
C TRP A 352 -44.82 -20.69 -11.89
N PHE A 353 -45.79 -19.80 -12.11
CA PHE A 353 -45.50 -18.54 -12.79
C PHE A 353 -44.59 -17.65 -11.96
N HIS A 354 -44.80 -17.59 -10.64
CA HIS A 354 -43.96 -16.76 -9.79
C HIS A 354 -42.52 -17.27 -9.74
N PHE A 355 -42.32 -18.58 -9.74
CA PHE A 355 -40.98 -19.13 -9.74
C PHE A 355 -40.29 -18.99 -11.09
N TRP A 356 -41.02 -19.15 -12.19
CA TRP A 356 -40.39 -19.07 -13.50
C TRP A 356 -40.30 -17.64 -14.03
N GLY A 357 -40.94 -16.67 -13.38
CA GLY A 357 -40.80 -15.28 -13.74
C GLY A 357 -39.88 -14.48 -12.85
N ALA A 358 -39.29 -15.10 -11.83
CA ALA A 358 -38.37 -14.39 -10.97
C ALA A 358 -37.15 -13.96 -11.78
N PRO A 359 -36.63 -12.75 -11.55
CA PRO A 359 -35.43 -12.32 -12.29
C PRO A 359 -34.25 -13.25 -12.09
N VAL A 360 -34.08 -13.79 -10.88
CA VAL A 360 -32.96 -14.70 -10.65
C VAL A 360 -33.16 -16.00 -11.42
N THR A 361 -34.41 -16.46 -11.52
CA THR A 361 -34.69 -17.66 -12.30
C THR A 361 -34.42 -17.42 -13.78
N ILE A 362 -34.80 -16.24 -14.27
CA ILE A 362 -34.50 -15.90 -15.67
C ILE A 362 -33.00 -15.84 -15.88
N PHE A 363 -32.26 -15.30 -14.91
CA PHE A 363 -30.82 -15.25 -15.03
C PHE A 363 -30.22 -16.64 -15.08
N MET A 364 -30.71 -17.56 -14.23
CA MET A 364 -30.19 -18.92 -14.25
C MET A 364 -30.51 -19.61 -15.55
N GLY A 365 -31.73 -19.42 -16.07
CA GLY A 365 -32.09 -20.02 -17.34
C GLY A 365 -31.23 -19.51 -18.48
N ASN A 366 -30.99 -18.20 -18.51
CA ASN A 366 -30.15 -17.62 -19.55
C ASN A 366 -28.71 -18.11 -19.42
N VAL A 367 -28.22 -18.26 -18.19
CA VAL A 367 -26.86 -18.75 -18.00
C VAL A 367 -26.72 -20.18 -18.49
N VAL A 368 -27.68 -21.04 -18.16
CA VAL A 368 -27.57 -22.43 -18.59
C VAL A 368 -27.73 -22.52 -20.10
N SER A 369 -28.59 -21.68 -20.69
CA SER A 369 -28.72 -21.66 -22.15
C SER A 369 -27.44 -21.18 -22.80
N TYR A 370 -26.77 -20.20 -22.19
CA TYR A 370 -25.54 -19.68 -22.78
C TYR A 370 -24.41 -20.69 -22.69
N LEU A 371 -24.31 -21.41 -21.58
CA LEU A 371 -23.32 -22.49 -21.51
C LEU A 371 -23.63 -23.60 -22.51
N LEU A 372 -24.90 -23.94 -22.67
CA LEU A 372 -25.26 -24.89 -23.71
C LEU A 372 -24.88 -24.38 -25.09
N PHE A 373 -25.06 -23.09 -25.35
CA PHE A 373 -24.62 -22.51 -26.61
C PHE A 373 -23.12 -22.62 -26.79
N LEU A 374 -22.35 -22.36 -25.74
CA LEU A 374 -20.91 -22.45 -25.87
C LEU A 374 -20.48 -23.88 -26.19
N LEU A 375 -21.09 -24.85 -25.50
CA LEU A 375 -20.77 -26.25 -25.79
C LEU A 375 -21.15 -26.61 -27.22
N LEU A 376 -22.34 -26.18 -27.66
CA LEU A 376 -22.79 -26.49 -29.01
C LEU A 376 -21.89 -25.85 -30.06
N PHE A 377 -21.51 -24.59 -29.84
CA PHE A 377 -20.67 -23.89 -30.80
C PHE A 377 -19.30 -24.55 -30.88
N SER A 378 -18.73 -24.94 -29.75
CA SER A 378 -17.45 -25.63 -29.77
C SER A 378 -17.57 -26.97 -30.48
N ARG A 379 -18.67 -27.71 -30.24
CA ARG A 379 -18.84 -29.02 -30.86
C ARG A 379 -19.02 -28.90 -32.37
N VAL A 380 -19.72 -27.87 -32.83
CA VAL A 380 -19.86 -27.65 -34.26
C VAL A 380 -18.54 -27.20 -34.87
N LEU A 381 -17.81 -26.33 -34.18
CA LEU A 381 -16.57 -25.78 -34.73
C LEU A 381 -15.49 -26.84 -34.84
N LEU A 382 -15.29 -27.65 -33.80
CA LEU A 382 -14.16 -28.57 -33.78
C LEU A 382 -14.37 -29.78 -34.68
N VAL A 383 -15.59 -30.31 -34.73
CA VAL A 383 -15.81 -31.60 -35.36
C VAL A 383 -16.67 -31.48 -36.62
N ASP A 384 -17.91 -31.03 -36.45
CA ASP A 384 -18.88 -31.08 -37.54
C ASP A 384 -18.86 -29.79 -38.36
N PHE A 385 -17.74 -29.48 -38.98
CA PHE A 385 -17.62 -28.29 -39.83
C PHE A 385 -16.90 -28.63 -41.12
N GLN A 386 -17.29 -29.73 -41.75
CA GLN A 386 -16.73 -30.13 -43.03
C GLN A 386 -17.24 -29.22 -44.13
N PRO A 387 -16.54 -29.19 -45.28
CA PRO A 387 -17.05 -28.42 -46.43
C PRO A 387 -18.38 -28.92 -46.96
N ALA A 388 -18.88 -30.04 -46.46
CA ALA A 388 -20.18 -30.58 -46.82
C ALA A 388 -21.27 -29.64 -46.33
N PRO A 389 -22.47 -29.67 -46.91
CA PRO A 389 -23.55 -28.78 -46.47
C PRO A 389 -23.86 -29.00 -45.00
N PRO A 390 -24.33 -27.95 -44.30
CA PRO A 390 -24.50 -28.05 -42.85
C PRO A 390 -25.46 -29.16 -42.45
N GLY A 391 -25.13 -29.83 -41.36
CA GLY A 391 -25.94 -30.91 -40.83
C GLY A 391 -26.99 -30.41 -39.86
N SER A 392 -27.58 -31.38 -39.14
CA SER A 392 -28.64 -31.05 -38.19
C SER A 392 -28.14 -30.13 -37.09
N LEU A 393 -26.95 -30.42 -36.55
CA LEU A 393 -26.42 -29.60 -35.47
C LEU A 393 -26.12 -28.18 -35.95
N GLU A 394 -25.55 -28.05 -37.15
CA GLU A 394 -25.23 -26.72 -37.65
C GLU A 394 -26.49 -25.93 -37.98
N LEU A 395 -27.52 -26.60 -38.51
CA LEU A 395 -28.80 -25.93 -38.72
C LEU A 395 -29.41 -25.49 -37.40
N LEU A 396 -29.32 -26.34 -36.37
CA LEU A 396 -29.83 -25.97 -35.06
C LEU A 396 -29.10 -24.76 -34.52
N LEU A 397 -27.79 -24.69 -34.74
CA LEU A 397 -27.02 -23.54 -34.29
C LEU A 397 -27.38 -22.28 -35.06
N TYR A 398 -27.66 -22.42 -36.37
CA TYR A 398 -28.14 -21.27 -37.13
C TYR A 398 -29.45 -20.74 -36.58
N PHE A 399 -30.39 -21.65 -36.29
CA PHE A 399 -31.65 -21.25 -35.66
C PHE A 399 -31.39 -20.62 -34.30
N TRP A 400 -30.42 -21.16 -33.57
CA TRP A 400 -30.07 -20.64 -32.26
C TRP A 400 -29.67 -19.17 -32.37
N ALA A 401 -28.72 -18.89 -33.25
CA ALA A 401 -28.23 -17.53 -33.40
C ALA A 401 -29.31 -16.62 -33.96
N PHE A 402 -30.21 -17.17 -34.78
CA PHE A 402 -31.37 -16.38 -35.21
C PHE A 402 -32.21 -15.95 -34.00
N THR A 403 -32.44 -16.88 -33.07
CA THR A 403 -33.20 -16.53 -31.87
C THR A 403 -32.45 -15.48 -31.04
N LEU A 404 -31.14 -15.64 -30.89
CA LEU A 404 -30.36 -14.66 -30.12
C LEU A 404 -30.40 -13.27 -30.77
N LEU A 405 -30.26 -13.19 -32.09
CA LEU A 405 -30.29 -11.90 -32.74
C LEU A 405 -31.68 -11.28 -32.67
N CYS A 406 -32.72 -12.11 -32.77
CA CYS A 406 -34.08 -11.59 -32.59
C CYS A 406 -34.27 -11.03 -31.19
N GLU A 407 -33.79 -11.75 -30.17
CA GLU A 407 -33.89 -11.28 -28.79
C GLU A 407 -33.16 -9.96 -28.62
N GLU A 408 -31.95 -9.86 -29.15
CA GLU A 408 -31.15 -8.65 -28.98
C GLU A 408 -31.78 -7.46 -29.71
N LEU A 409 -32.31 -7.70 -30.92
CA LEU A 409 -32.97 -6.65 -31.66
C LEU A 409 -34.21 -6.16 -30.93
N ARG A 410 -35.00 -7.10 -30.39
CA ARG A 410 -36.18 -6.72 -29.63
C ARG A 410 -35.80 -5.91 -28.40
N GLN A 411 -34.75 -6.34 -27.69
CA GLN A 411 -34.30 -5.61 -26.50
C GLN A 411 -33.85 -4.20 -26.86
N GLY A 412 -33.10 -4.06 -27.96
CA GLY A 412 -32.65 -2.76 -28.38
C GLY A 412 -33.78 -1.83 -28.78
N LEU A 413 -34.78 -2.37 -29.48
CA LEU A 413 -35.91 -1.55 -29.90
C LEU A 413 -36.80 -1.18 -28.72
N SER A 414 -36.91 -2.07 -27.73
CA SER A 414 -37.75 -1.77 -26.57
C SER A 414 -37.07 -0.79 -25.63
N GLY A 415 -35.89 -1.15 -25.12
CA GLY A 415 -35.18 -0.29 -24.20
C GLY A 415 -34.60 0.95 -24.85
N SER A 431 -39.29 7.72 -32.50
CA SER A 431 -38.01 7.77 -31.82
C SER A 431 -37.17 6.54 -32.15
N LEU A 432 -37.42 5.96 -33.33
CA LEU A 432 -36.67 4.78 -33.75
C LEU A 432 -35.19 5.12 -33.94
N SER A 433 -34.89 6.28 -34.52
CA SER A 433 -33.51 6.70 -34.68
C SER A 433 -32.91 7.20 -33.37
N GLN A 434 -33.70 7.83 -32.51
CA GLN A 434 -33.19 8.28 -31.22
C GLN A 434 -32.78 7.11 -30.34
N ARG A 435 -33.58 6.05 -30.32
CA ARG A 435 -33.24 4.86 -29.55
C ARG A 435 -32.05 4.11 -30.12
N LEU A 436 -31.86 4.15 -31.44
CA LEU A 436 -30.69 3.51 -32.04
C LEU A 436 -29.39 4.16 -31.57
N ARG A 437 -29.38 5.49 -31.50
CA ARG A 437 -28.19 6.19 -31.00
C ARG A 437 -27.93 5.86 -29.54
N LEU A 438 -28.98 5.75 -28.73
CA LEU A 438 -28.79 5.35 -27.34
C LEU A 438 -28.25 3.93 -27.25
N TYR A 439 -28.73 3.03 -28.10
CA TYR A 439 -28.25 1.66 -28.09
C TYR A 439 -26.83 1.55 -28.63
N LEU A 440 -26.39 2.55 -29.40
CA LEU A 440 -24.99 2.59 -29.83
C LEU A 440 -24.05 2.66 -28.64
N ALA A 441 -24.49 3.28 -27.54
CA ALA A 441 -23.72 3.30 -26.30
C ALA A 441 -23.90 1.95 -25.60
N ASP A 442 -23.45 1.87 -24.34
CA ASP A 442 -23.46 0.62 -23.59
C ASP A 442 -22.65 -0.45 -24.34
N SER A 443 -21.34 -0.20 -24.40
CA SER A 443 -20.41 -0.90 -25.28
C SER A 443 -20.34 -2.41 -25.38
N TRP A 444 -20.86 -3.13 -24.39
CA TRP A 444 -21.01 -4.58 -24.54
C TRP A 444 -22.28 -5.04 -25.33
N ASN A 445 -23.27 -4.15 -25.33
CA ASN A 445 -24.37 -4.30 -26.28
C ASN A 445 -23.68 -4.12 -27.63
N GLN A 446 -22.72 -3.20 -27.72
CA GLN A 446 -21.95 -3.04 -28.95
C GLN A 446 -21.15 -4.29 -29.27
N CYS A 447 -20.53 -4.90 -28.26
CA CYS A 447 -19.75 -6.10 -28.52
C CYS A 447 -20.65 -7.26 -28.87
N ASP A 448 -21.84 -7.33 -28.26
CA ASP A 448 -22.81 -8.34 -28.66
C ASP A 448 -23.22 -8.15 -30.13
N LEU A 449 -23.45 -6.90 -30.53
CA LEU A 449 -23.86 -6.63 -31.91
C LEU A 449 -22.74 -6.99 -32.88
N VAL A 450 -21.50 -6.63 -32.56
CA VAL A 450 -20.38 -6.95 -33.45
C VAL A 450 -20.17 -8.47 -33.50
N ALA A 451 -20.45 -9.15 -32.38
CA ALA A 451 -20.39 -10.61 -32.38
C ALA A 451 -21.41 -11.20 -33.34
N LEU A 452 -22.64 -10.71 -33.29
CA LEU A 452 -23.67 -11.23 -34.19
C LEU A 452 -23.33 -10.93 -35.65
N THR A 453 -22.80 -9.74 -35.92
CA THR A 453 -22.40 -9.42 -37.29
C THR A 453 -21.26 -10.31 -37.77
N CYS A 454 -20.28 -10.58 -36.90
CA CYS A 454 -19.19 -11.48 -37.27
C CYS A 454 -19.72 -12.88 -37.53
N PHE A 455 -20.69 -13.33 -36.73
CA PHE A 455 -21.29 -14.63 -36.99
C PHE A 455 -22.01 -14.67 -38.33
N LEU A 456 -22.72 -13.58 -38.67
CA LEU A 456 -23.38 -13.52 -39.98
C LEU A 456 -22.38 -13.60 -41.12
N LEU A 457 -21.28 -12.85 -41.00
CA LEU A 457 -20.24 -12.93 -42.03
C LEU A 457 -19.64 -14.35 -42.09
N GLY A 458 -19.49 -14.99 -40.93
CA GLY A 458 -18.98 -16.35 -40.92
C GLY A 458 -19.90 -17.32 -41.63
N VAL A 459 -21.20 -17.20 -41.38
CA VAL A 459 -22.16 -18.08 -42.04
C VAL A 459 -22.18 -17.82 -43.54
N GLY A 460 -22.11 -16.54 -43.93
CA GLY A 460 -22.07 -16.24 -45.35
C GLY A 460 -20.86 -16.84 -46.04
N CYS A 461 -19.69 -16.66 -45.43
CA CYS A 461 -18.46 -17.22 -46.01
C CYS A 461 -18.49 -18.73 -46.02
N ARG A 462 -19.09 -19.34 -45.00
CA ARG A 462 -19.24 -20.79 -44.97
C ARG A 462 -20.14 -21.27 -46.09
N LEU A 463 -21.24 -20.57 -46.35
CA LEU A 463 -22.18 -21.01 -47.38
C LEU A 463 -21.60 -20.83 -48.77
N THR A 464 -20.93 -19.71 -49.01
CA THR A 464 -20.31 -19.53 -50.32
C THR A 464 -19.12 -20.50 -50.45
N PRO A 465 -18.99 -21.19 -51.58
CA PRO A 465 -17.95 -22.24 -51.69
C PRO A 465 -16.53 -21.72 -51.52
N GLY A 466 -16.24 -20.51 -52.01
CA GLY A 466 -14.87 -20.04 -52.03
C GLY A 466 -14.30 -19.77 -50.64
N LEU A 467 -15.12 -19.21 -49.75
CA LEU A 467 -14.65 -18.64 -48.49
C LEU A 467 -14.84 -19.59 -47.31
N TYR A 468 -14.67 -20.90 -47.51
CA TYR A 468 -14.85 -21.86 -46.43
C TYR A 468 -13.84 -21.62 -45.30
N HIS A 469 -12.56 -21.50 -45.65
CA HIS A 469 -11.53 -21.33 -44.64
C HIS A 469 -11.68 -19.99 -43.91
N LEU A 470 -11.98 -18.92 -44.64
CA LEU A 470 -12.18 -17.62 -44.01
C LEU A 470 -13.39 -17.66 -43.08
N GLY A 471 -14.46 -18.33 -43.51
CA GLY A 471 -15.61 -18.49 -42.64
C GLY A 471 -15.29 -19.22 -41.37
N ARG A 472 -14.52 -20.31 -41.48
CA ARG A 472 -14.14 -21.04 -40.28
C ARG A 472 -13.30 -20.17 -39.35
N THR A 473 -12.36 -19.41 -39.91
CA THR A 473 -11.52 -18.54 -39.09
C THR A 473 -12.35 -17.49 -38.35
N VAL A 474 -13.27 -16.84 -39.07
CA VAL A 474 -14.05 -15.78 -38.42
C VAL A 474 -15.01 -16.37 -37.40
N LEU A 475 -15.51 -17.59 -37.63
CA LEU A 475 -16.30 -18.26 -36.61
C LEU A 475 -15.47 -18.56 -35.38
N CYS A 476 -14.21 -18.97 -35.58
CA CYS A 476 -13.34 -19.24 -34.44
C CYS A 476 -13.14 -17.99 -33.60
N ILE A 477 -12.95 -16.85 -34.24
CA ILE A 477 -12.85 -15.59 -33.49
C ILE A 477 -14.18 -15.24 -32.83
N ASP A 478 -15.29 -15.56 -33.51
CA ASP A 478 -16.60 -15.28 -32.96
C ASP A 478 -16.84 -16.07 -31.67
N PHE A 479 -16.30 -17.28 -31.58
CA PHE A 479 -16.40 -18.03 -30.33
C PHE A 479 -15.74 -17.29 -29.19
N MET A 480 -14.57 -16.71 -29.43
CA MET A 480 -13.90 -15.92 -28.40
C MET A 480 -14.75 -14.73 -28.00
N VAL A 481 -15.35 -14.05 -28.98
CA VAL A 481 -16.15 -12.88 -28.66
C VAL A 481 -17.35 -13.28 -27.79
N PHE A 482 -18.00 -14.39 -28.13
CA PHE A 482 -19.12 -14.88 -27.33
C PHE A 482 -18.69 -15.24 -25.91
N THR A 483 -17.55 -15.92 -25.79
CA THR A 483 -17.07 -16.29 -24.46
C THR A 483 -16.72 -15.07 -23.62
N VAL A 484 -16.19 -14.03 -24.27
CA VAL A 484 -15.93 -12.78 -23.56
C VAL A 484 -17.23 -12.15 -23.10
N ARG A 485 -18.26 -12.17 -23.95
CA ARG A 485 -19.56 -11.63 -23.54
C ARG A 485 -20.16 -12.41 -22.38
N LEU A 486 -19.82 -13.69 -22.26
CA LEU A 486 -20.24 -14.47 -21.09
C LEU A 486 -19.79 -13.78 -19.80
N LEU A 487 -18.58 -13.23 -19.81
CA LEU A 487 -18.05 -12.56 -18.62
C LEU A 487 -18.91 -11.36 -18.23
N HIS A 488 -19.28 -10.54 -19.22
CA HIS A 488 -20.14 -9.39 -18.94
C HIS A 488 -21.53 -9.82 -18.49
N ILE A 489 -22.02 -10.94 -19.01
CA ILE A 489 -23.35 -11.41 -18.60
C ILE A 489 -23.32 -11.90 -17.15
N PHE A 490 -22.23 -12.55 -16.75
CA PHE A 490 -22.14 -13.18 -15.44
C PHE A 490 -21.57 -12.24 -14.38
N THR A 491 -21.68 -10.92 -14.58
CA THR A 491 -21.12 -9.97 -13.63
C THR A 491 -22.03 -9.66 -12.45
N VAL A 492 -23.26 -10.16 -12.44
CA VAL A 492 -24.19 -9.80 -11.38
C VAL A 492 -23.82 -10.44 -10.05
N ASN A 493 -22.85 -11.36 -10.03
CA ASN A 493 -22.46 -12.00 -8.79
C ASN A 493 -21.88 -10.97 -7.83
N LYS A 494 -22.27 -11.08 -6.56
CA LYS A 494 -21.91 -10.08 -5.56
C LYS A 494 -20.44 -10.11 -5.17
N GLN A 495 -19.71 -11.18 -5.51
CA GLN A 495 -18.31 -11.28 -5.13
C GLN A 495 -17.35 -11.11 -6.30
N LEU A 496 -17.84 -11.08 -7.53
CA LEU A 496 -16.99 -10.93 -8.71
C LEU A 496 -17.19 -9.61 -9.43
N GLY A 497 -18.39 -9.02 -9.35
CA GLY A 497 -18.73 -7.84 -10.10
C GLY A 497 -17.81 -6.65 -9.88
N PRO A 498 -17.48 -6.33 -8.62
CA PRO A 498 -16.52 -5.23 -8.41
C PRO A 498 -15.19 -5.46 -9.09
N LYS A 499 -14.66 -6.68 -9.07
CA LYS A 499 -13.40 -6.94 -9.72
C LYS A 499 -13.52 -6.91 -11.25
N ILE A 500 -14.66 -7.36 -11.78
CA ILE A 500 -14.90 -7.23 -13.22
C ILE A 500 -14.93 -5.76 -13.61
N VAL A 501 -15.47 -4.91 -12.75
CA VAL A 501 -15.41 -3.47 -12.99
C VAL A 501 -13.97 -2.98 -12.92
N ILE A 502 -13.18 -3.53 -11.98
CA ILE A 502 -11.78 -3.12 -11.86
C ILE A 502 -11.01 -3.40 -13.14
N VAL A 503 -11.16 -4.61 -13.69
CA VAL A 503 -10.31 -4.99 -14.82
C VAL A 503 -10.55 -4.08 -16.01
N SER A 504 -11.70 -3.41 -16.05
CA SER A 504 -11.92 -2.39 -17.08
C SER A 504 -11.04 -1.17 -16.85
N LYS A 505 -10.64 -0.90 -15.62
CA LYS A 505 -9.80 0.25 -15.29
C LYS A 505 -8.31 -0.04 -15.45
N MET A 506 -7.92 -1.29 -15.71
CA MET A 506 -6.53 -1.64 -15.87
C MET A 506 -6.03 -1.48 -17.29
N MET A 507 -6.93 -1.12 -18.22
CA MET A 507 -6.54 -1.05 -19.62
C MET A 507 -5.53 0.05 -19.89
N LYS A 508 -5.66 1.19 -19.21
CA LYS A 508 -4.66 2.25 -19.39
C LYS A 508 -3.29 1.78 -18.93
N ASP A 509 -3.23 1.09 -17.79
CA ASP A 509 -1.96 0.60 -17.28
C ASP A 509 -1.34 -0.42 -18.23
N VAL A 510 -2.14 -1.38 -18.69
CA VAL A 510 -1.60 -2.41 -19.58
C VAL A 510 -1.22 -1.80 -20.92
N PHE A 511 -1.90 -0.73 -21.34
CA PHE A 511 -1.53 -0.06 -22.57
C PHE A 511 -0.19 0.65 -22.42
N PHE A 512 0.05 1.28 -21.26
CA PHE A 512 1.36 1.87 -21.01
C PHE A 512 2.44 0.81 -21.05
N PHE A 513 2.21 -0.32 -20.38
CA PHE A 513 3.19 -1.39 -20.40
C PHE A 513 3.42 -1.90 -21.82
N LEU A 514 2.34 -2.03 -22.59
CA LEU A 514 2.47 -2.53 -23.96
C LEU A 514 3.28 -1.58 -24.82
N PHE A 515 3.04 -0.27 -24.68
CA PHE A 515 3.81 0.70 -25.46
C PHE A 515 5.29 0.69 -25.07
N PHE A 516 5.58 0.67 -23.77
CA PHE A 516 6.97 0.66 -23.32
C PHE A 516 7.68 -0.60 -23.81
N LEU A 517 7.02 -1.75 -23.67
CA LEU A 517 7.60 -3.00 -24.14
C LEU A 517 7.77 -2.99 -25.65
N GLY A 518 6.85 -2.35 -26.37
CA GLY A 518 6.99 -2.26 -27.81
C GLY A 518 8.23 -1.46 -28.21
N VAL A 519 8.45 -0.34 -27.53
CA VAL A 519 9.64 0.46 -27.83
C VAL A 519 10.91 -0.33 -27.54
N TRP A 520 11.00 -0.92 -26.35
CA TRP A 520 12.21 -1.66 -26.00
C TRP A 520 12.38 -2.89 -26.88
N LEU A 521 11.27 -3.48 -27.32
CA LEU A 521 11.32 -4.67 -28.14
C LEU A 521 11.81 -4.34 -29.53
N VAL A 522 11.35 -3.23 -30.11
CA VAL A 522 11.89 -2.77 -31.37
C VAL A 522 13.39 -2.55 -31.23
N ALA A 523 13.80 -1.86 -30.16
CA ALA A 523 15.22 -1.63 -29.92
C ALA A 523 16.02 -2.92 -29.97
N TYR A 524 15.72 -3.84 -29.06
CA TYR A 524 16.52 -5.05 -28.95
C TYR A 524 16.43 -5.92 -30.20
N GLY A 525 15.23 -6.07 -30.74
CA GLY A 525 15.06 -6.93 -31.90
C GLY A 525 15.83 -6.45 -33.11
N VAL A 526 15.72 -5.15 -33.42
CA VAL A 526 16.45 -4.65 -34.58
C VAL A 526 17.95 -4.67 -34.32
N ALA A 527 18.37 -4.37 -33.08
CA ALA A 527 19.79 -4.39 -32.79
C ALA A 527 20.39 -5.79 -32.96
N THR A 528 19.71 -6.82 -32.46
CA THR A 528 20.24 -8.17 -32.63
C THR A 528 20.15 -8.64 -34.07
N GLU A 529 19.05 -8.27 -34.76
CA GLU A 529 18.90 -8.62 -36.17
C GLU A 529 19.95 -7.95 -37.04
N GLY A 530 20.53 -6.84 -36.57
CA GLY A 530 21.63 -6.22 -37.28
C GLY A 530 22.97 -6.81 -36.91
N LEU A 531 23.18 -7.07 -35.62
CA LEU A 531 24.47 -7.60 -35.19
C LEU A 531 24.73 -8.98 -35.77
N LEU A 532 23.72 -9.86 -35.77
CA LEU A 532 23.83 -11.15 -36.44
C LEU A 532 23.05 -11.08 -37.74
N ARG A 533 23.66 -11.55 -38.83
CA ARG A 533 23.13 -11.32 -40.16
C ARG A 533 22.69 -12.61 -40.83
N PRO A 534 21.50 -13.12 -40.55
CA PRO A 534 21.04 -14.34 -41.22
C PRO A 534 20.88 -14.12 -42.71
N ARG A 535 21.16 -15.18 -43.48
CA ARG A 535 20.97 -15.11 -44.92
C ARG A 535 19.49 -15.13 -45.29
N ASP A 536 18.65 -15.69 -44.42
CA ASP A 536 17.20 -15.72 -44.64
C ASP A 536 16.65 -14.33 -44.31
N SER A 537 16.88 -13.39 -45.23
CA SER A 537 16.47 -12.01 -45.06
C SER A 537 15.07 -11.75 -45.61
N ASP A 538 14.23 -12.79 -45.65
CA ASP A 538 12.85 -12.61 -46.08
C ASP A 538 12.11 -11.71 -45.10
N PHE A 539 11.16 -10.94 -45.62
CA PHE A 539 10.41 -10.01 -44.78
C PHE A 539 9.62 -10.68 -43.68
N PRO A 540 8.85 -11.75 -43.91
CA PRO A 540 8.19 -12.42 -42.78
C PRO A 540 9.17 -12.95 -41.75
N SER A 541 10.30 -13.51 -42.19
CA SER A 541 11.28 -14.01 -41.24
C SER A 541 11.91 -12.90 -40.41
N ILE A 542 12.14 -11.74 -41.03
CA ILE A 542 12.68 -10.60 -40.29
C ILE A 542 11.66 -10.10 -39.27
N LEU A 543 10.41 -9.93 -39.71
CA LEU A 543 9.35 -9.52 -38.78
C LEU A 543 9.14 -10.53 -37.67
N ARG A 544 9.46 -11.80 -37.91
CA ARG A 544 9.41 -12.79 -36.86
C ARG A 544 10.57 -12.62 -35.88
N ARG A 545 11.80 -12.69 -36.39
CA ARG A 545 12.97 -12.65 -35.53
C ARG A 545 13.12 -11.34 -34.77
N VAL A 546 12.52 -10.25 -35.25
CA VAL A 546 12.63 -8.98 -34.53
C VAL A 546 11.57 -8.82 -33.44
N PHE A 547 10.36 -9.31 -33.66
CA PHE A 547 9.27 -9.09 -32.72
C PHE A 547 8.84 -10.34 -31.97
N TYR A 548 8.54 -11.42 -32.69
CA TYR A 548 7.93 -12.59 -32.05
C TYR A 548 8.91 -13.28 -31.12
N ARG A 549 10.13 -13.55 -31.61
CA ARG A 549 11.11 -14.25 -30.78
C ARG A 549 11.52 -13.47 -29.54
N PRO A 550 11.88 -12.18 -29.61
CA PRO A 550 12.16 -11.45 -28.37
C PRO A 550 10.95 -11.37 -27.45
N TYR A 551 9.74 -11.36 -28.01
CA TYR A 551 8.55 -11.39 -27.15
C TYR A 551 8.49 -12.69 -26.36
N LEU A 552 8.77 -13.82 -27.01
CA LEU A 552 8.78 -15.10 -26.30
C LEU A 552 9.97 -15.24 -25.37
N GLN A 553 11.01 -14.42 -25.54
CA GLN A 553 12.09 -14.45 -24.56
C GLN A 553 11.60 -14.01 -23.18
N ILE A 554 10.52 -13.24 -23.13
CA ILE A 554 9.99 -12.79 -21.84
C ILE A 554 9.40 -13.95 -21.05
N PHE A 555 8.74 -14.88 -21.73
CA PHE A 555 7.99 -15.95 -21.08
C PHE A 555 8.73 -17.29 -21.12
N GLY A 556 10.05 -17.25 -20.98
CA GLY A 556 10.84 -18.46 -20.81
C GLY A 556 11.33 -19.11 -22.08
N GLN A 557 10.90 -18.65 -23.25
CA GLN A 557 11.36 -19.24 -24.51
C GLN A 557 12.55 -18.44 -25.02
N ILE A 558 13.74 -18.82 -24.56
CA ILE A 558 14.98 -18.14 -24.91
C ILE A 558 15.74 -19.03 -25.89
N PRO A 559 15.85 -18.67 -27.16
CA PRO A 559 16.63 -19.46 -28.14
C PRO A 559 18.13 -19.25 -27.97
N GLN A 560 18.63 -19.69 -26.81
CA GLN A 560 20.03 -19.51 -26.48
C GLN A 560 20.92 -20.19 -27.50
N GLU A 561 20.59 -21.44 -27.86
CA GLU A 561 21.37 -22.15 -28.86
C GLU A 561 21.21 -21.56 -30.25
N ASP A 562 20.18 -20.75 -30.47
CA ASP A 562 19.99 -20.12 -31.77
C ASP A 562 20.73 -18.79 -31.89
N MET A 563 20.97 -18.10 -30.78
CA MET A 563 21.60 -16.78 -30.88
C MET A 563 23.00 -16.70 -30.30
N ASP A 564 23.47 -17.72 -29.59
CA ASP A 564 24.80 -17.66 -28.97
C ASP A 564 25.81 -18.43 -29.83
N VAL A 565 27.00 -17.85 -29.98
CA VAL A 565 28.00 -18.43 -30.88
C VAL A 565 28.54 -19.75 -30.35
N ALA A 566 28.73 -19.85 -29.02
CA ALA A 566 29.31 -21.05 -28.46
C ALA A 566 28.43 -22.28 -28.65
N LEU A 567 27.12 -22.09 -28.79
CA LEU A 567 26.20 -23.21 -28.86
C LEU A 567 25.98 -23.74 -30.28
N MET A 568 26.48 -23.05 -31.30
CA MET A 568 26.32 -23.50 -32.68
C MET A 568 27.64 -24.00 -33.23
N GLU A 569 27.54 -24.87 -34.23
CA GLU A 569 28.71 -25.47 -34.86
C GLU A 569 29.20 -24.55 -35.99
N HIS A 570 30.52 -24.35 -36.04
CA HIS A 570 31.10 -23.42 -36.99
C HIS A 570 31.20 -24.03 -38.38
N SER A 571 30.82 -23.25 -39.39
CA SER A 571 30.83 -23.71 -40.76
C SER A 571 30.88 -22.51 -41.69
N ASN A 572 31.43 -22.74 -42.89
CA ASN A 572 31.50 -21.70 -43.91
C ASN A 572 30.22 -21.67 -44.74
N CYS A 573 29.08 -21.42 -44.10
CA CYS A 573 27.79 -21.44 -44.77
C CYS A 573 27.55 -20.22 -45.64
N SER A 574 28.43 -19.22 -45.62
CA SER A 574 28.30 -18.06 -46.48
C SER A 574 29.63 -17.74 -47.15
N SER A 575 29.54 -17.01 -48.26
CA SER A 575 30.72 -16.62 -49.02
C SER A 575 31.31 -15.29 -48.59
N GLU A 576 30.57 -14.49 -47.82
CA GLU A 576 31.11 -13.24 -47.31
C GLU A 576 32.27 -13.53 -46.37
N PRO A 577 33.33 -12.73 -46.43
CA PRO A 577 34.54 -13.05 -45.65
C PRO A 577 34.37 -12.87 -44.15
N GLY A 578 33.77 -13.87 -43.51
CA GLY A 578 33.60 -13.85 -42.07
C GLY A 578 33.39 -15.24 -41.52
N PHE A 579 33.14 -15.30 -40.22
CA PHE A 579 32.87 -16.55 -39.52
C PHE A 579 31.39 -16.60 -39.19
N TRP A 580 30.74 -17.72 -39.52
CA TRP A 580 29.28 -17.74 -39.54
C TRP A 580 28.66 -18.68 -38.52
N ALA A 581 29.01 -19.97 -38.53
CA ALA A 581 28.48 -20.94 -37.57
C ALA A 581 26.95 -21.04 -37.67
N HIS A 582 26.52 -21.61 -38.79
CA HIS A 582 25.13 -21.94 -39.10
C HIS A 582 24.39 -22.52 -37.91
N PRO A 583 23.31 -21.91 -37.46
CA PRO A 583 22.59 -22.40 -36.28
C PRO A 583 21.72 -23.59 -36.63
N PRO A 584 21.25 -24.34 -35.63
CA PRO A 584 20.34 -25.46 -35.90
C PRO A 584 18.86 -25.10 -35.92
N GLY A 585 18.51 -23.86 -35.64
CA GLY A 585 17.11 -23.49 -35.59
C GLY A 585 16.45 -23.53 -36.95
N ALA A 586 15.14 -23.78 -36.95
CA ALA A 586 14.38 -23.84 -38.19
C ALA A 586 14.10 -22.44 -38.75
N GLN A 587 13.79 -21.48 -37.88
CA GLN A 587 13.51 -20.12 -38.29
C GLN A 587 14.46 -19.11 -37.67
N ALA A 588 15.66 -19.54 -37.29
CA ALA A 588 16.67 -18.65 -36.76
C ALA A 588 17.64 -18.14 -37.81
N GLY A 589 17.41 -18.46 -39.08
CA GLY A 589 18.33 -18.12 -40.14
C GLY A 589 19.22 -19.29 -40.51
N THR A 590 19.44 -19.51 -41.80
CA THR A 590 20.24 -20.64 -42.22
C THR A 590 21.74 -20.40 -41.96
N CYS A 591 22.14 -19.13 -41.85
CA CYS A 591 23.55 -18.80 -41.72
C CYS A 591 23.66 -17.45 -41.02
N VAL A 592 23.92 -17.48 -39.71
CA VAL A 592 24.07 -16.26 -38.92
C VAL A 592 25.53 -15.85 -38.90
N SER A 593 25.79 -14.61 -38.50
CA SER A 593 27.14 -14.13 -38.33
C SER A 593 27.54 -14.17 -36.85
N GLN A 594 28.83 -13.97 -36.58
CA GLN A 594 29.32 -14.12 -35.22
C GLN A 594 30.37 -13.08 -34.83
N TYR A 595 30.54 -12.00 -35.59
CA TYR A 595 31.62 -11.06 -35.32
C TYR A 595 31.49 -10.46 -33.92
N ALA A 596 30.30 -9.98 -33.56
CA ALA A 596 30.08 -9.35 -32.28
C ALA A 596 29.04 -10.12 -31.48
N ASN A 597 29.11 -11.44 -31.54
CA ASN A 597 28.12 -12.24 -30.82
C ASN A 597 28.29 -12.14 -29.31
N TRP A 598 29.47 -11.73 -28.82
CA TRP A 598 29.58 -11.36 -27.42
C TRP A 598 28.69 -10.17 -27.09
N LEU A 599 28.66 -9.17 -27.99
CA LEU A 599 27.74 -8.05 -27.80
C LEU A 599 26.29 -8.51 -27.92
N VAL A 600 26.02 -9.48 -28.79
CA VAL A 600 24.66 -10.02 -28.88
C VAL A 600 24.26 -10.66 -27.57
N VAL A 601 25.16 -11.43 -26.95
CA VAL A 601 24.88 -12.07 -25.67
C VAL A 601 24.65 -11.02 -24.59
N LEU A 602 25.51 -10.00 -24.53
CA LEU A 602 25.34 -8.94 -23.55
C LEU A 602 24.03 -8.20 -23.76
N LEU A 603 23.64 -8.02 -25.02
CA LEU A 603 22.39 -7.33 -25.32
C LEU A 603 21.20 -8.17 -24.91
N LEU A 604 21.29 -9.50 -25.07
CA LEU A 604 20.26 -10.38 -24.56
C LEU A 604 20.16 -10.29 -23.05
N VAL A 605 21.30 -10.21 -22.36
CA VAL A 605 21.29 -10.05 -20.92
C VAL A 605 20.59 -8.76 -20.52
N ILE A 606 20.90 -7.67 -21.22
CA ILE A 606 20.27 -6.39 -20.89
C ILE A 606 18.78 -6.44 -21.16
N PHE A 607 18.37 -7.07 -22.26
CA PHE A 607 16.95 -7.19 -22.55
C PHE A 607 16.24 -8.00 -21.47
N LEU A 608 16.85 -9.10 -21.04
CA LEU A 608 16.25 -9.90 -19.97
C LEU A 608 16.12 -9.09 -18.69
N LEU A 609 17.12 -8.26 -18.38
CA LEU A 609 17.02 -7.41 -17.20
C LEU A 609 15.90 -6.38 -17.35
N VAL A 610 15.76 -5.78 -18.53
CA VAL A 610 14.81 -4.69 -18.71
C VAL A 610 13.38 -5.23 -18.71
N ALA A 611 13.13 -6.29 -19.48
CA ALA A 611 11.75 -6.75 -19.68
C ALA A 611 11.27 -7.60 -18.51
N ASN A 612 12.01 -8.66 -18.21
CA ASN A 612 11.58 -9.62 -17.20
C ASN A 612 11.69 -9.10 -15.78
N ILE A 613 12.37 -7.99 -15.55
CA ILE A 613 12.63 -7.54 -14.19
C ILE A 613 12.07 -6.14 -13.97
N LEU A 614 12.50 -5.17 -14.79
CA LEU A 614 12.03 -3.80 -14.61
C LEU A 614 10.56 -3.66 -14.99
N LEU A 615 10.23 -3.97 -16.24
CA LEU A 615 8.91 -3.63 -16.77
C LEU A 615 7.80 -4.39 -16.07
N VAL A 616 7.96 -5.71 -15.91
CA VAL A 616 6.90 -6.52 -15.34
C VAL A 616 6.64 -6.13 -13.89
N ASN A 617 7.71 -5.96 -13.10
CA ASN A 617 7.53 -5.61 -11.70
C ASN A 617 6.99 -4.19 -11.55
N LEU A 618 7.41 -3.27 -12.42
CA LEU A 618 6.82 -1.94 -12.41
C LEU A 618 5.33 -2.01 -12.70
N LEU A 619 4.94 -2.85 -13.66
CA LEU A 619 3.53 -3.01 -13.97
C LEU A 619 2.75 -3.58 -12.79
N ILE A 620 3.36 -4.53 -12.08
CA ILE A 620 2.74 -5.06 -10.86
C ILE A 620 2.51 -3.94 -9.86
N ALA A 621 3.53 -3.11 -9.66
CA ALA A 621 3.42 -2.02 -8.70
C ALA A 621 2.31 -1.05 -9.07
N MET A 622 2.20 -0.72 -10.36
CA MET A 622 1.21 0.29 -10.75
C MET A 622 -0.20 -0.31 -10.79
N PHE A 623 -0.31 -1.62 -11.07
CA PHE A 623 -1.58 -2.29 -10.79
C PHE A 623 -1.97 -2.18 -9.32
N SER A 624 -1.01 -2.41 -8.41
CA SER A 624 -1.35 -2.31 -6.99
C SER A 624 -1.85 -0.91 -6.65
N TYR A 625 -1.13 0.11 -7.11
CA TYR A 625 -1.52 1.49 -6.81
C TYR A 625 -2.90 1.82 -7.38
N THR A 626 -3.12 1.48 -8.66
CA THR A 626 -4.39 1.82 -9.29
C THR A 626 -5.54 1.04 -8.68
N PHE A 627 -5.33 -0.24 -8.35
CA PHE A 627 -6.36 -1.02 -7.67
C PHE A 627 -6.74 -0.37 -6.35
N GLY A 628 -5.74 -0.02 -5.53
CA GLY A 628 -6.04 0.64 -4.27
C GLY A 628 -6.77 1.95 -4.46
N LYS A 629 -6.46 2.68 -5.53
CA LYS A 629 -7.13 3.94 -5.79
C LYS A 629 -8.59 3.74 -6.22
N VAL A 630 -8.86 2.72 -7.04
CA VAL A 630 -10.12 2.68 -7.78
C VAL A 630 -11.14 1.71 -7.19
N GLN A 631 -10.75 0.83 -6.26
CA GLN A 631 -11.69 -0.19 -5.79
C GLN A 631 -12.90 0.44 -5.10
N GLY A 632 -12.68 1.49 -4.30
CA GLY A 632 -13.78 2.09 -3.57
C GLY A 632 -14.83 2.68 -4.48
N ASN A 633 -14.40 3.42 -5.50
CA ASN A 633 -15.34 3.97 -6.47
C ASN A 633 -15.96 2.89 -7.32
N SER A 634 -15.22 1.80 -7.58
CA SER A 634 -15.76 0.72 -8.40
C SER A 634 -16.92 0.04 -7.72
N ASP A 635 -16.83 -0.15 -6.40
CA ASP A 635 -17.95 -0.76 -5.69
C ASP A 635 -19.21 0.11 -5.80
N LEU A 636 -19.05 1.42 -5.63
CA LEU A 636 -20.17 2.34 -5.76
C LEU A 636 -20.76 2.29 -7.15
N TYR A 637 -19.92 2.24 -8.18
CA TYR A 637 -20.41 2.11 -9.55
C TYR A 637 -21.13 0.79 -9.76
N TRP A 638 -20.60 -0.28 -9.16
CA TRP A 638 -21.20 -1.60 -9.34
C TRP A 638 -22.58 -1.67 -8.73
N LYS A 639 -22.84 -0.92 -7.65
CA LYS A 639 -24.20 -0.89 -7.12
C LYS A 639 -25.22 -0.46 -8.19
N ALA A 640 -24.94 0.67 -8.85
CA ALA A 640 -25.85 1.16 -9.88
C ALA A 640 -25.90 0.24 -11.08
N GLN A 641 -24.74 -0.32 -11.46
CA GLN A 641 -24.72 -1.25 -12.60
C GLN A 641 -25.55 -2.49 -12.30
N ARG A 642 -25.48 -2.98 -11.06
CA ARG A 642 -26.30 -4.12 -10.65
C ARG A 642 -27.78 -3.78 -10.68
N TYR A 643 -28.14 -2.56 -10.24
CA TYR A 643 -29.54 -2.16 -10.35
C TYR A 643 -30.00 -2.18 -11.80
N ARG A 644 -29.16 -1.66 -12.70
CA ARG A 644 -29.50 -1.64 -14.11
C ARG A 644 -29.68 -3.05 -14.65
N LEU A 645 -28.79 -3.97 -14.30
CA LEU A 645 -28.89 -5.33 -14.78
C LEU A 645 -30.14 -6.02 -14.25
N ILE A 646 -30.49 -5.76 -12.98
CA ILE A 646 -31.71 -6.32 -12.42
C ILE A 646 -32.92 -5.80 -13.19
N ARG A 647 -32.92 -4.51 -13.51
CA ARG A 647 -34.03 -3.96 -14.28
C ARG A 647 -34.13 -4.61 -15.65
N GLU A 648 -33.00 -4.80 -16.32
CA GLU A 648 -33.03 -5.40 -17.65
C GLU A 648 -33.53 -6.84 -17.61
N PHE A 649 -33.08 -7.62 -16.62
CA PHE A 649 -33.58 -8.98 -16.51
C PHE A 649 -35.06 -9.02 -16.11
N HIS A 650 -35.51 -8.06 -15.31
CA HIS A 650 -36.94 -7.98 -15.02
C HIS A 650 -37.74 -7.73 -16.28
N SER A 651 -37.26 -6.82 -17.14
CA SER A 651 -37.95 -6.56 -18.39
C SER A 651 -37.80 -7.71 -19.38
N ARG A 652 -36.81 -8.56 -19.19
CA ARG A 652 -36.56 -9.64 -20.13
C ARG A 652 -37.69 -10.65 -20.09
N PRO A 653 -38.12 -11.19 -21.25
CA PRO A 653 -39.17 -12.21 -21.25
C PRO A 653 -38.71 -13.51 -20.59
N ALA A 654 -39.70 -14.34 -20.26
CA ALA A 654 -39.45 -15.51 -19.43
C ALA A 654 -38.69 -16.61 -20.16
N LEU A 655 -39.07 -16.90 -21.41
CA LEU A 655 -38.56 -18.09 -22.07
C LEU A 655 -37.08 -17.95 -22.42
N ALA A 656 -36.39 -19.08 -22.41
CA ALA A 656 -34.97 -19.17 -22.69
C ALA A 656 -34.70 -19.00 -24.17
N PRO A 657 -33.46 -18.64 -24.54
CA PRO A 657 -33.12 -18.46 -25.96
C PRO A 657 -33.45 -19.67 -26.81
N PRO A 658 -33.30 -20.91 -26.32
CA PRO A 658 -33.81 -22.04 -27.13
C PRO A 658 -35.29 -21.94 -27.43
N PHE A 659 -36.09 -21.42 -26.50
CA PHE A 659 -37.54 -21.37 -26.66
C PHE A 659 -38.08 -19.94 -26.72
N ILE A 660 -37.21 -18.93 -26.74
CA ILE A 660 -37.67 -17.53 -26.74
C ILE A 660 -38.35 -17.14 -28.04
N VAL A 661 -38.26 -17.97 -29.08
CA VAL A 661 -39.00 -17.71 -30.30
C VAL A 661 -40.51 -17.73 -30.02
N ILE A 662 -40.94 -18.55 -29.07
CA ILE A 662 -42.35 -18.56 -28.68
C ILE A 662 -42.74 -17.22 -28.10
N SER A 663 -41.88 -16.66 -27.24
CA SER A 663 -42.14 -15.33 -26.69
C SER A 663 -42.13 -14.26 -27.78
N HIS A 664 -41.26 -14.42 -28.77
CA HIS A 664 -41.22 -13.46 -29.87
C HIS A 664 -42.51 -13.49 -30.68
N LEU A 665 -43.01 -14.69 -30.97
CA LEU A 665 -44.32 -14.80 -31.63
C LEU A 665 -45.43 -14.25 -30.76
N ARG A 666 -45.37 -14.46 -29.44
CA ARG A 666 -46.37 -13.88 -28.55
C ARG A 666 -46.34 -12.36 -28.64
N LEU A 667 -45.16 -11.76 -28.64
CA LEU A 667 -45.05 -10.31 -28.75
C LEU A 667 -45.56 -9.81 -30.10
N LEU A 668 -45.24 -10.53 -31.18
CA LEU A 668 -45.74 -10.13 -32.49
C LEU A 668 -47.26 -10.22 -32.55
N LEU A 669 -47.84 -11.24 -31.90
CA LEU A 669 -49.29 -11.32 -31.80
C LEU A 669 -49.86 -10.15 -31.01
N ARG A 670 -49.21 -9.76 -29.92
CA ARG A 670 -49.67 -8.62 -29.14
C ARG A 670 -49.62 -7.32 -29.93
N GLN A 671 -48.69 -7.20 -30.87
CA GLN A 671 -48.69 -6.07 -31.78
C GLN A 671 -49.65 -6.25 -32.95
N LEU A 672 -49.90 -7.49 -33.37
CA LEU A 672 -50.86 -7.75 -34.43
C LEU A 672 -52.29 -7.77 -33.94
N CYS A 673 -52.53 -8.22 -32.70
CA CYS A 673 -53.88 -8.20 -32.15
C CYS A 673 -54.33 -6.80 -31.76
N ARG A 674 -53.40 -5.83 -31.70
CA ARG A 674 -53.78 -4.47 -31.41
C ARG A 674 -54.43 -3.79 -32.61
N ARG A 675 -54.11 -4.23 -33.83
CA ARG A 675 -54.70 -3.63 -35.02
C ARG A 675 -56.21 -3.77 -35.07
N PRO A 676 -56.81 -4.96 -34.89
CA PRO A 676 -58.28 -5.03 -34.91
C PRO A 676 -58.95 -4.29 -33.77
N ARG A 677 -58.23 -4.01 -32.69
CA ARG A 677 -58.81 -3.31 -31.55
C ARG A 677 -58.68 -1.80 -31.70
N HIS A 688 -41.73 0.18 -13.71
CA HIS A 688 -41.63 -1.20 -14.18
C HIS A 688 -42.21 -2.18 -13.16
N PHE A 689 -41.77 -2.07 -11.91
CA PHE A 689 -42.37 -2.84 -10.84
C PHE A 689 -43.84 -2.46 -10.64
N ARG A 690 -44.07 -1.21 -10.24
CA ARG A 690 -45.41 -0.63 -10.14
C ARG A 690 -46.33 -1.46 -9.26
N VAL A 691 -45.96 -1.56 -7.98
CA VAL A 691 -46.81 -2.19 -6.98
C VAL A 691 -47.86 -1.18 -6.51
N TYR A 692 -49.12 -1.61 -6.50
CA TYR A 692 -50.21 -0.70 -6.19
C TYR A 692 -50.26 -0.39 -4.70
N LEU A 693 -50.56 0.88 -4.38
CA LEU A 693 -50.71 1.35 -3.01
C LEU A 693 -52.11 1.89 -2.81
N SER A 694 -52.63 1.76 -1.59
CA SER A 694 -53.99 2.20 -1.28
C SER A 694 -54.06 3.72 -1.18
N LYS A 695 -55.26 4.25 -1.44
CA LYS A 695 -55.47 5.70 -1.41
C LYS A 695 -55.24 6.26 -0.02
N GLU A 696 -55.85 5.64 1.00
CA GLU A 696 -55.64 6.07 2.38
C GLU A 696 -54.22 5.77 2.85
N ALA A 697 -53.64 4.66 2.38
CA ALA A 697 -52.24 4.37 2.68
C ALA A 697 -51.31 5.45 2.14
N GLU A 698 -51.69 6.11 1.05
CA GLU A 698 -50.89 7.23 0.56
C GLU A 698 -50.78 8.34 1.61
N ARG A 699 -51.92 8.76 2.17
CA ARG A 699 -51.89 9.78 3.21
C ARG A 699 -51.19 9.28 4.47
N LYS A 700 -51.37 8.00 4.79
CA LYS A 700 -50.70 7.43 5.97
C LYS A 700 -49.19 7.49 5.82
N LEU A 701 -48.67 7.06 4.67
CA LEU A 701 -47.22 7.11 4.46
C LEU A 701 -46.73 8.55 4.36
N LEU A 702 -47.55 9.44 3.81
CA LEU A 702 -47.20 10.85 3.79
C LEU A 702 -46.99 11.39 5.20
N THR A 703 -47.94 11.11 6.10
CA THR A 703 -47.81 11.55 7.48
C THR A 703 -46.59 10.90 8.14
N TRP A 704 -46.37 9.62 7.87
CA TRP A 704 -45.23 8.93 8.46
C TRP A 704 -43.91 9.56 8.05
N GLU A 705 -43.74 9.81 6.75
CA GLU A 705 -42.48 10.37 6.27
C GLU A 705 -42.33 11.82 6.72
N SER A 706 -43.44 12.54 6.86
CA SER A 706 -43.38 13.90 7.40
C SER A 706 -42.89 13.88 8.85
N VAL A 707 -43.42 12.96 9.65
CA VAL A 707 -42.98 12.85 11.04
C VAL A 707 -41.50 12.50 11.09
N HIS A 708 -41.07 11.54 10.27
CA HIS A 708 -39.66 11.16 10.29
C HIS A 708 -38.76 12.28 9.80
N LYS A 709 -39.19 13.05 8.80
CA LYS A 709 -38.36 14.13 8.30
C LYS A 709 -38.25 15.26 9.33
N GLU A 710 -39.34 15.55 10.04
CA GLU A 710 -39.23 16.58 11.07
C GLU A 710 -38.36 16.10 12.23
N ASN A 711 -38.42 14.81 12.56
CA ASN A 711 -37.51 14.28 13.57
C ASN A 711 -36.05 14.41 13.11
N PHE A 712 -35.80 14.12 11.84
CA PHE A 712 -34.43 14.21 11.31
C PHE A 712 -33.94 15.65 11.32
N LEU A 713 -34.80 16.60 10.95
CA LEU A 713 -34.41 18.02 11.01
C LEU A 713 -34.12 18.44 12.43
N LEU A 714 -34.95 18.03 13.39
CA LEU A 714 -34.64 18.33 14.79
C LEU A 714 -33.33 17.70 15.23
N ALA A 715 -33.05 16.48 14.78
CA ALA A 715 -31.82 15.81 15.17
C ALA A 715 -30.60 16.57 14.63
N ARG A 716 -30.64 16.98 13.36
CA ARG A 716 -29.48 17.69 12.82
C ARG A 716 -29.35 19.08 13.41
N ALA A 717 -30.49 19.71 13.74
CA ALA A 717 -30.43 21.00 14.42
C ALA A 717 -29.77 20.86 15.80
N ARG A 718 -30.13 19.83 16.55
CA ARG A 718 -29.48 19.58 17.83
C ARG A 718 -28.01 19.29 17.66
N ASP A 719 -27.66 18.52 16.62
CA ASP A 719 -26.25 18.21 16.37
C ASP A 719 -25.44 19.46 16.08
N LYS A 720 -25.96 20.34 15.21
CA LYS A 720 -25.22 21.55 14.88
C LYS A 720 -25.16 22.50 16.07
N ARG A 721 -26.23 22.53 16.89
CA ARG A 721 -26.20 23.36 18.09
C ARG A 721 -25.16 22.88 19.08
N GLU A 722 -25.04 21.56 19.25
CA GLU A 722 -24.04 20.99 20.15
C GLU A 722 -22.66 20.94 19.53
N SER A 723 -22.52 21.27 18.25
CA SER A 723 -21.20 21.37 17.64
C SER A 723 -20.35 22.41 18.37
N ASP A 724 -19.04 22.14 18.42
CA ASP A 724 -18.13 22.96 19.22
C ASP A 724 -18.03 24.38 18.67
N SER A 725 -17.97 24.53 17.35
CA SER A 725 -17.86 25.87 16.77
C SER A 725 -19.10 26.71 17.06
N GLU A 726 -20.28 26.09 16.96
CA GLU A 726 -21.50 26.83 17.26
C GLU A 726 -21.60 27.15 18.74
N ARG A 727 -21.12 26.24 19.60
CA ARG A 727 -21.04 26.57 21.02
C ARG A 727 -20.11 27.74 21.25
N LEU A 728 -18.99 27.79 20.52
CA LEU A 728 -18.05 28.90 20.65
C LEU A 728 -18.68 30.22 20.23
N LYS A 729 -19.42 30.22 19.12
CA LYS A 729 -20.05 31.46 18.68
C LYS A 729 -21.14 31.89 19.64
N ARG A 730 -21.86 30.91 20.21
CA ARG A 730 -22.85 31.22 21.23
C ARG A 730 -22.21 31.84 22.47
N THR A 731 -21.07 31.30 22.91
CA THR A 731 -20.37 31.90 24.03
C THR A 731 -19.86 33.29 23.69
N SER A 732 -19.41 33.50 22.45
CA SER A 732 -18.94 34.82 22.03
C SER A 732 -20.08 35.83 22.07
N GLN A 733 -21.25 35.47 21.56
CA GLN A 733 -22.37 36.39 21.61
C GLN A 733 -22.86 36.60 23.04
N LYS A 734 -22.83 35.58 23.88
CA LYS A 734 -23.14 35.79 25.29
C LYS A 734 -22.17 36.77 25.94
N VAL A 735 -20.87 36.62 25.70
CA VAL A 735 -19.89 37.43 26.41
C VAL A 735 -19.92 38.88 25.92
N ASP A 736 -20.08 39.10 24.61
CA ASP A 736 -20.11 40.49 24.17
C ASP A 736 -21.46 41.13 24.47
N LEU A 737 -22.53 40.34 24.56
CA LEU A 737 -23.79 40.87 25.08
C LEU A 737 -23.64 41.29 26.53
N ALA A 738 -22.94 40.48 27.34
CA ALA A 738 -22.68 40.86 28.72
C ALA A 738 -21.85 42.13 28.80
N LEU A 739 -20.84 42.25 27.95
CA LEU A 739 -20.04 43.48 27.92
C LEU A 739 -20.90 44.68 27.55
N LYS A 740 -21.77 44.53 26.55
CA LYS A 740 -22.64 45.63 26.15
C LYS A 740 -23.59 46.03 27.27
N GLN A 741 -24.21 45.05 27.95
CA GLN A 741 -25.16 45.39 28.99
C GLN A 741 -24.45 46.00 30.19
N LEU A 742 -23.21 45.58 30.47
CA LEU A 742 -22.46 46.18 31.57
C LEU A 742 -21.98 47.58 31.19
N GLY A 743 -21.83 47.85 29.90
CA GLY A 743 -21.52 49.19 29.45
C GLY A 743 -22.61 50.20 29.75
N HIS A 744 -23.82 49.76 30.05
CA HIS A 744 -24.93 50.66 30.37
C HIS A 744 -24.99 51.03 31.84
N ILE A 745 -24.13 50.45 32.68
CA ILE A 745 -24.07 50.78 34.11
C ILE A 745 -22.75 51.39 34.50
N ARG A 746 -21.90 51.74 33.54
CA ARG A 746 -20.61 52.37 33.86
C ARG A 746 -20.79 53.75 34.47
N GLU A 747 -21.90 54.43 34.19
CA GLU A 747 -22.11 55.77 34.72
C GLU A 747 -22.29 55.78 36.23
N TYR A 748 -22.55 54.63 36.84
CA TYR A 748 -22.74 54.55 38.29
C TYR A 748 -21.45 54.89 39.03
N ARG B 1 0.41 67.45 10.77
CA ARG B 1 0.53 67.71 9.34
C ARG B 1 1.12 66.51 8.60
N SER B 2 1.47 66.71 7.33
CA SER B 2 1.99 65.62 6.53
C SER B 2 3.35 65.14 7.03
N PHE B 3 4.23 66.07 7.40
CA PHE B 3 5.59 65.69 7.77
C PHE B 3 5.62 64.89 9.07
N HIS B 4 4.67 65.14 9.98
CA HIS B 4 4.62 64.38 11.22
C HIS B 4 4.37 62.90 10.95
N LEU B 5 3.49 62.58 10.01
CA LEU B 5 3.29 61.20 9.60
C LEU B 5 4.40 60.68 8.71
N GLU B 6 5.02 61.54 7.91
CA GLU B 6 6.12 61.11 7.06
C GLU B 6 7.30 60.62 7.89
N ALA B 7 7.66 61.38 8.94
CA ALA B 7 8.77 60.96 9.80
C ALA B 7 8.45 59.66 10.51
N SER B 8 7.21 59.51 11.00
CA SER B 8 6.82 58.27 11.63
C SER B 8 6.90 57.09 10.65
N LEU B 9 6.56 57.32 9.39
CA LEU B 9 6.68 56.28 8.39
C LEU B 9 8.14 55.94 8.10
N MET B 10 9.02 56.94 8.05
CA MET B 10 10.45 56.68 7.94
C MET B 10 10.92 55.77 9.08
N ASP B 11 10.51 56.09 10.31
CA ASP B 11 10.93 55.30 11.46
C ASP B 11 10.35 53.88 11.39
N ALA B 12 9.07 53.76 11.05
CA ALA B 12 8.42 52.46 11.02
C ALA B 12 8.85 51.62 9.83
N LEU B 13 9.54 52.22 8.87
CA LEU B 13 10.19 51.44 7.82
C LEU B 13 11.63 51.09 8.19
N LEU B 14 12.33 51.97 8.90
CA LEU B 14 13.67 51.64 9.36
C LEU B 14 13.65 50.47 10.34
N ASN B 15 12.71 50.47 11.28
CA ASN B 15 12.49 49.31 12.13
C ASN B 15 11.32 48.51 11.59
N ASP B 16 11.21 47.26 12.02
CA ASP B 16 10.17 46.39 11.47
C ASP B 16 8.78 46.88 11.78
N ARG B 17 8.37 46.80 13.07
CA ARG B 17 7.11 47.32 13.63
C ARG B 17 5.96 47.33 12.62
N PRO B 18 5.50 46.16 12.18
CA PRO B 18 4.47 46.13 11.13
C PRO B 18 3.16 46.78 11.54
N GLU B 19 2.81 46.74 12.82
CA GLU B 19 1.53 47.30 13.26
C GLU B 19 1.48 48.81 13.03
N PHE B 20 2.56 49.52 13.33
CA PHE B 20 2.60 50.95 13.10
C PHE B 20 2.49 51.27 11.61
N VAL B 21 3.16 50.48 10.78
CA VAL B 21 3.06 50.66 9.33
C VAL B 21 1.62 50.48 8.87
N ARG B 22 0.97 49.40 9.33
CA ARG B 22 -0.40 49.14 8.95
C ARG B 22 -1.31 50.30 9.36
N LEU B 23 -1.15 50.78 10.59
CA LEU B 23 -1.97 51.89 11.06
C LEU B 23 -1.74 53.15 10.25
N LEU B 24 -0.47 53.46 9.94
CA LEU B 24 -0.16 54.69 9.23
C LEU B 24 -0.75 54.69 7.82
N ILE B 25 -0.46 53.64 7.05
CA ILE B 25 -1.01 53.60 5.69
C ILE B 25 -2.54 53.41 5.71
N SER B 26 -3.10 52.81 6.76
CA SER B 26 -4.55 52.79 6.89
C SER B 26 -5.10 54.21 7.06
N HIS B 27 -4.40 55.04 7.83
CA HIS B 27 -4.80 56.43 8.00
C HIS B 27 -4.58 57.28 6.76
N GLY B 28 -3.71 56.86 5.85
CA GLY B 28 -3.50 57.59 4.61
C GLY B 28 -2.25 58.44 4.57
N LEU B 29 -1.37 58.18 3.60
CA LEU B 29 -0.17 58.97 3.41
C LEU B 29 -0.09 59.49 1.98
N SER B 30 1.06 60.08 1.61
CA SER B 30 1.21 60.65 0.28
C SER B 30 1.51 59.57 -0.75
N LEU B 31 2.62 58.85 -0.57
CA LEU B 31 3.07 57.78 -1.47
C LEU B 31 3.44 58.33 -2.84
N GLY B 32 3.37 59.64 -3.02
CA GLY B 32 3.80 60.27 -4.26
C GLY B 32 4.96 61.22 -4.02
N HIS B 33 4.99 61.81 -2.83
CA HIS B 33 6.10 62.64 -2.39
C HIS B 33 6.95 61.95 -1.33
N PHE B 34 6.56 60.74 -0.91
CA PHE B 34 7.29 59.98 0.08
C PHE B 34 8.48 59.23 -0.50
N LEU B 35 8.57 59.14 -1.83
CA LEU B 35 9.57 58.31 -2.51
C LEU B 35 10.63 59.15 -3.20
N THR B 36 11.10 60.21 -2.57
CA THR B 36 12.20 61.00 -3.12
C THR B 36 13.50 60.17 -3.11
N PRO B 37 14.39 60.40 -4.08
CA PRO B 37 15.61 59.55 -4.15
C PRO B 37 16.48 59.62 -2.91
N MET B 38 16.51 60.74 -2.20
CA MET B 38 17.27 60.80 -0.96
C MET B 38 16.67 59.87 0.09
N ARG B 39 15.33 59.82 0.16
CA ARG B 39 14.68 58.86 1.05
C ARG B 39 14.95 57.43 0.61
N LEU B 40 14.97 57.19 -0.70
CA LEU B 40 15.33 55.87 -1.20
C LEU B 40 16.72 55.47 -0.73
N ALA B 41 17.69 56.38 -0.84
CA ALA B 41 19.05 56.08 -0.41
C ALA B 41 19.10 55.85 1.10
N GLN B 42 18.37 56.67 1.87
CA GLN B 42 18.36 56.51 3.33
C GLN B 42 17.81 55.15 3.73
N LEU B 43 16.69 54.72 3.12
CA LEU B 43 16.14 53.41 3.43
C LEU B 43 17.08 52.29 2.98
N TYR B 44 17.72 52.45 1.82
CA TYR B 44 18.67 51.44 1.36
C TYR B 44 19.86 51.32 2.29
N SER B 45 20.24 52.43 2.93
CA SER B 45 21.37 52.42 3.86
C SER B 45 21.09 51.66 5.15
N ALA B 46 19.84 51.26 5.39
CA ALA B 46 19.47 50.56 6.61
C ALA B 46 19.91 49.09 6.60
N ALA B 47 20.58 48.63 5.55
CA ALA B 47 21.03 47.26 5.50
C ALA B 47 22.13 47.00 6.54
N PRO B 48 22.09 45.87 7.22
CA PRO B 48 23.14 45.54 8.20
C PRO B 48 24.50 45.42 7.53
N SER B 49 25.54 45.84 8.24
CA SER B 49 26.89 45.76 7.69
C SER B 49 27.31 44.30 7.53
N ASN B 50 27.04 43.46 8.53
CA ASN B 50 27.39 42.05 8.47
C ASN B 50 26.22 41.21 7.95
N SER B 51 25.73 41.56 6.77
CA SER B 51 24.64 40.86 6.12
C SER B 51 25.01 40.53 4.69
N LEU B 52 24.04 40.04 3.93
CA LEU B 52 24.21 39.71 2.53
C LEU B 52 23.74 40.82 1.59
N ILE B 53 23.45 42.00 2.13
CA ILE B 53 22.93 43.11 1.35
C ILE B 53 24.00 44.18 1.11
N ARG B 54 24.66 44.63 2.17
CA ARG B 54 25.63 45.70 2.05
C ARG B 54 26.83 45.28 1.19
N ASN B 55 27.30 44.04 1.37
CA ASN B 55 28.42 43.57 0.57
C ASN B 55 28.08 43.52 -0.91
N LEU B 56 26.88 43.03 -1.25
CA LEU B 56 26.47 42.99 -2.65
C LEU B 56 26.26 44.38 -3.20
N LEU B 57 25.72 45.30 -2.40
CA LEU B 57 25.56 46.68 -2.84
C LEU B 57 26.92 47.33 -3.12
N ASP B 58 27.90 47.09 -2.25
CA ASP B 58 29.24 47.61 -2.47
C ASP B 58 29.86 47.01 -3.72
N GLN B 59 29.67 45.70 -3.93
CA GLN B 59 30.19 45.07 -5.14
C GLN B 59 29.55 45.66 -6.39
N ALA B 60 28.25 45.90 -6.36
CA ALA B 60 27.57 46.52 -7.48
C ALA B 60 28.08 47.93 -7.74
N SER B 61 28.30 48.70 -6.67
CA SER B 61 28.82 50.06 -6.83
C SER B 61 30.23 50.04 -7.42
N HIS B 62 31.07 49.09 -6.98
CA HIS B 62 32.43 48.98 -7.49
C HIS B 62 32.49 48.37 -8.88
N SER B 63 31.45 47.70 -9.33
CA SER B 63 31.43 47.10 -10.66
C SER B 63 31.31 48.17 -11.74
N VAL B 83 18.94 38.14 -13.17
CA VAL B 83 19.09 38.68 -11.83
C VAL B 83 20.22 39.71 -11.81
N GLY B 84 21.28 39.42 -12.56
CA GLY B 84 22.39 40.36 -12.62
C GLY B 84 21.98 41.72 -13.17
N HIS B 85 21.10 41.73 -14.18
CA HIS B 85 20.58 42.98 -14.69
C HIS B 85 19.79 43.74 -13.64
N VAL B 86 19.07 43.03 -12.77
CA VAL B 86 18.33 43.69 -11.70
C VAL B 86 19.29 44.39 -10.74
N LEU B 87 20.38 43.71 -10.38
CA LEU B 87 21.38 44.32 -9.50
C LEU B 87 22.06 45.50 -10.19
N ARG B 88 22.30 45.40 -11.49
CA ARG B 88 22.85 46.53 -12.25
C ARG B 88 21.90 47.72 -12.21
N MET B 89 20.60 47.48 -12.37
CA MET B 89 19.63 48.56 -12.42
C MET B 89 19.39 49.19 -11.06
N LEU B 90 19.41 48.41 -9.99
CA LEU B 90 19.19 48.95 -8.65
C LEU B 90 20.46 49.61 -8.14
N LEU B 91 20.30 50.76 -7.50
CA LEU B 91 21.43 51.50 -6.93
C LEU B 91 21.06 52.00 -5.55
N GLY B 92 22.07 52.20 -4.71
CA GLY B 92 21.86 52.66 -3.35
C GLY B 92 21.36 54.10 -3.26
N PRO B 138 5.40 52.51 -7.41
CA PRO B 138 5.67 52.99 -6.05
C PRO B 138 5.82 51.87 -5.03
N TRP B 139 4.77 51.03 -4.93
CA TRP B 139 4.82 49.90 -4.00
C TRP B 139 5.89 48.89 -4.41
N SER B 140 6.24 48.84 -5.69
CA SER B 140 7.21 47.86 -6.17
C SER B 140 8.59 48.10 -5.55
N ASP B 141 8.99 49.36 -5.44
CA ASP B 141 10.28 49.67 -4.83
C ASP B 141 10.32 49.21 -3.39
N LEU B 142 9.26 49.49 -2.62
CA LEU B 142 9.20 49.04 -1.24
C LEU B 142 9.22 47.52 -1.15
N LEU B 143 8.50 46.85 -2.06
CA LEU B 143 8.46 45.40 -2.06
C LEU B 143 9.83 44.81 -2.32
N LEU B 144 10.56 45.35 -3.31
CA LEU B 144 11.89 44.82 -3.62
C LEU B 144 12.87 45.13 -2.49
N TRP B 145 12.70 46.28 -1.85
CA TRP B 145 13.54 46.60 -0.69
C TRP B 145 13.30 45.60 0.44
N ALA B 146 12.04 45.26 0.69
CA ALA B 146 11.73 44.27 1.71
C ALA B 146 12.30 42.91 1.33
N LEU B 147 12.24 42.55 0.03
CA LEU B 147 12.80 41.28 -0.41
C LEU B 147 14.30 41.23 -0.15
N LEU B 148 15.03 42.25 -0.58
CA LEU B 148 16.48 42.26 -0.38
C LEU B 148 16.83 42.29 1.10
N LEU B 149 16.07 43.04 1.90
CA LEU B 149 16.27 43.07 3.34
C LEU B 149 15.64 41.87 4.04
N ASN B 150 14.90 41.03 3.30
CA ASN B 150 14.25 39.83 3.82
C ASN B 150 13.20 40.14 4.88
N ARG B 151 12.50 41.26 4.75
CA ARG B 151 11.39 41.59 5.64
C ARG B 151 10.14 40.89 5.14
N ALA B 152 9.77 39.79 5.79
CA ALA B 152 8.66 38.97 5.32
C ALA B 152 7.33 39.72 5.40
N GLN B 153 7.04 40.28 6.57
CA GLN B 153 5.76 40.97 6.75
C GLN B 153 5.69 42.23 5.89
N MET B 154 6.79 42.98 5.81
CA MET B 154 6.83 44.15 4.94
C MET B 154 6.59 43.76 3.48
N ALA B 155 7.23 42.68 3.03
CA ALA B 155 7.04 42.25 1.65
C ALA B 155 5.60 41.84 1.39
N MET B 156 5.00 41.09 2.31
CA MET B 156 3.61 40.69 2.14
C MET B 156 2.69 41.90 2.10
N TYR B 157 2.90 42.86 3.00
CA TYR B 157 2.06 44.05 3.04
C TYR B 157 2.20 44.86 1.75
N PHE B 158 3.44 45.01 1.27
CA PHE B 158 3.67 45.76 0.04
C PHE B 158 3.02 45.05 -1.15
N TRP B 159 3.08 43.72 -1.17
CA TRP B 159 2.43 42.98 -2.25
C TRP B 159 0.92 43.16 -2.23
N GLU B 160 0.31 43.04 -1.04
CA GLU B 160 -1.14 43.14 -0.98
C GLU B 160 -1.62 44.56 -1.24
N MET B 161 -0.76 45.56 -0.99
CA MET B 161 -1.17 46.94 -1.27
C MET B 161 -0.79 47.40 -2.68
N GLY B 162 0.10 46.69 -3.36
CA GLY B 162 0.57 47.14 -4.65
C GLY B 162 -0.24 46.61 -5.81
N SER B 163 0.14 47.04 -7.01
CA SER B 163 -0.50 46.62 -8.24
C SER B 163 0.29 45.47 -8.86
N ASN B 164 -0.20 44.99 -10.00
CA ASN B 164 0.33 43.80 -10.70
C ASN B 164 0.76 42.73 -9.69
N ALA B 165 -0.22 42.30 -8.88
CA ALA B 165 0.10 41.48 -7.72
C ALA B 165 0.71 40.15 -8.13
N VAL B 166 0.16 39.48 -9.14
CA VAL B 166 0.64 38.16 -9.52
C VAL B 166 2.07 38.24 -10.04
N SER B 167 2.33 39.17 -10.95
CA SER B 167 3.66 39.32 -11.51
C SER B 167 4.67 39.71 -10.42
N SER B 168 4.28 40.62 -9.53
CA SER B 168 5.17 41.03 -8.45
C SER B 168 5.48 39.86 -7.54
N ALA B 169 4.46 39.05 -7.21
CA ALA B 169 4.68 37.91 -6.33
C ALA B 169 5.60 36.89 -6.97
N LEU B 170 5.40 36.59 -8.26
CA LEU B 170 6.24 35.58 -8.90
C LEU B 170 7.66 36.09 -9.09
N GLY B 171 7.83 37.38 -9.39
CA GLY B 171 9.18 37.94 -9.42
C GLY B 171 9.84 37.91 -8.07
N ALA B 172 9.07 38.14 -7.01
CA ALA B 172 9.60 38.02 -5.65
C ALA B 172 10.03 36.60 -5.37
N CYS B 173 9.23 35.61 -5.79
CA CYS B 173 9.62 34.22 -5.61
C CYS B 173 10.91 33.91 -6.33
N LEU B 174 11.04 34.38 -7.57
CA LEU B 174 12.28 34.16 -8.32
C LEU B 174 13.47 34.78 -7.61
N LEU B 175 13.31 36.02 -7.15
CA LEU B 175 14.42 36.71 -6.48
C LEU B 175 14.81 35.97 -5.20
N LEU B 176 13.82 35.53 -4.42
CA LEU B 176 14.13 34.81 -3.19
C LEU B 176 14.80 33.48 -3.47
N ARG B 177 14.35 32.76 -4.51
CA ARG B 177 15.01 31.51 -4.87
C ARG B 177 16.47 31.75 -5.23
N VAL B 178 16.73 32.75 -6.08
CA VAL B 178 18.11 33.03 -6.51
C VAL B 178 18.95 33.45 -5.31
N MET B 179 18.41 34.33 -4.47
CA MET B 179 19.19 34.83 -3.34
C MET B 179 19.45 33.75 -2.31
N ALA B 180 18.48 32.85 -2.09
CA ALA B 180 18.69 31.73 -1.18
C ALA B 180 19.73 30.76 -1.73
N ARG B 181 19.72 30.54 -3.05
CA ARG B 181 20.76 29.73 -3.66
C ARG B 181 22.13 30.38 -3.47
N LEU B 182 22.20 31.70 -3.52
CA LEU B 182 23.44 32.43 -3.26
C LEU B 182 23.76 32.58 -1.78
N GLU B 183 22.84 32.23 -0.90
CA GLU B 183 23.05 32.43 0.53
C GLU B 183 24.14 31.50 1.05
N PRO B 184 25.06 31.98 1.88
CA PRO B 184 26.06 31.10 2.49
C PRO B 184 25.54 30.42 3.75
N ASP B 185 24.57 31.04 4.41
CA ASP B 185 24.09 30.59 5.71
C ASP B 185 22.72 29.89 5.61
N ALA B 186 22.64 28.74 6.28
CA ALA B 186 21.49 27.86 6.16
C ALA B 186 20.22 28.49 6.73
N GLU B 187 20.32 29.19 7.85
CA GLU B 187 19.12 29.75 8.48
C GLU B 187 18.50 30.83 7.60
N GLU B 188 19.32 31.73 7.05
CA GLU B 188 18.80 32.75 6.16
C GLU B 188 18.28 32.14 4.87
N ALA B 189 18.98 31.14 4.35
CA ALA B 189 18.49 30.46 3.15
C ALA B 189 17.13 29.82 3.40
N ALA B 190 16.96 29.18 4.55
CA ALA B 190 15.69 28.51 4.85
C ALA B 190 14.56 29.51 5.04
N ARG B 191 14.81 30.60 5.78
CA ARG B 191 13.76 31.59 5.96
C ARG B 191 13.37 32.23 4.63
N ARG B 192 14.36 32.53 3.79
CA ARG B 192 14.06 33.11 2.48
C ARG B 192 13.28 32.14 1.61
N LYS B 193 13.64 30.85 1.65
CA LYS B 193 12.95 29.89 0.78
C LYS B 193 11.54 29.61 1.27
N ASP B 194 11.30 29.59 2.58
CA ASP B 194 9.92 29.42 3.04
C ASP B 194 9.08 30.65 2.75
N LEU B 195 9.69 31.85 2.83
CA LEU B 195 9.00 33.04 2.39
C LEU B 195 8.64 32.95 0.90
N ALA B 196 9.56 32.44 0.09
CA ALA B 196 9.29 32.26 -1.33
C ALA B 196 8.15 31.27 -1.56
N PHE B 197 8.13 30.16 -0.81
CA PHE B 197 7.03 29.21 -0.93
C PHE B 197 5.70 29.84 -0.56
N LYS B 198 5.66 30.61 0.52
CA LYS B 198 4.41 31.25 0.91
C LYS B 198 3.97 32.27 -0.16
N PHE B 199 4.92 33.02 -0.71
CA PHE B 199 4.61 33.97 -1.76
C PHE B 199 4.03 33.26 -2.98
N GLU B 200 4.64 32.14 -3.38
CA GLU B 200 4.13 31.36 -4.50
C GLU B 200 2.73 30.84 -4.20
N GLY B 201 2.49 30.40 -2.96
CA GLY B 201 1.18 29.90 -2.61
C GLY B 201 0.11 30.98 -2.71
N MET B 202 0.39 32.17 -2.16
CA MET B 202 -0.62 33.22 -2.23
C MET B 202 -0.81 33.69 -3.66
N GLY B 203 0.26 33.72 -4.46
CA GLY B 203 0.13 34.13 -5.85
C GLY B 203 -0.70 33.15 -6.66
N VAL B 204 -0.48 31.85 -6.47
CA VAL B 204 -1.24 30.87 -7.22
C VAL B 204 -2.69 30.86 -6.75
N ASP B 205 -2.93 31.09 -5.44
CA ASP B 205 -4.31 31.21 -4.97
C ASP B 205 -5.01 32.41 -5.58
N LEU B 206 -4.30 33.55 -5.65
CA LEU B 206 -4.86 34.74 -6.28
C LEU B 206 -5.18 34.48 -7.74
N PHE B 207 -4.27 33.83 -8.46
CA PHE B 207 -4.55 33.54 -9.86
C PHE B 207 -5.70 32.57 -10.02
N GLY B 208 -5.82 31.60 -9.12
CA GLY B 208 -6.95 30.68 -9.18
C GLY B 208 -8.27 31.39 -8.98
N GLU B 209 -8.35 32.27 -7.98
CA GLU B 209 -9.59 33.00 -7.76
C GLU B 209 -9.88 33.97 -8.89
N CYS B 210 -8.83 34.51 -9.54
CA CYS B 210 -9.05 35.33 -10.73
C CYS B 210 -9.58 34.50 -11.88
N TYR B 211 -9.03 33.29 -12.06
CA TYR B 211 -9.50 32.40 -13.11
C TYR B 211 -10.95 31.98 -12.89
N ARG B 212 -11.35 31.83 -11.63
CA ARG B 212 -12.69 31.36 -11.33
C ARG B 212 -13.77 32.32 -11.79
N SER B 213 -13.42 33.56 -12.12
CA SER B 213 -14.37 34.55 -12.60
C SER B 213 -14.33 34.74 -14.12
N SER B 214 -13.16 35.11 -14.66
CA SER B 214 -13.04 35.48 -16.06
C SER B 214 -11.94 34.65 -16.73
N GLU B 215 -12.37 33.67 -17.53
CA GLU B 215 -11.41 32.81 -18.22
C GLU B 215 -10.53 33.60 -19.17
N VAL B 216 -11.15 34.42 -20.03
CA VAL B 216 -10.40 35.12 -21.06
C VAL B 216 -9.50 36.19 -20.44
N ARG B 217 -9.97 36.87 -19.39
CA ARG B 217 -9.15 37.88 -18.74
C ARG B 217 -7.96 37.24 -18.03
N ALA B 218 -8.20 36.13 -17.33
CA ALA B 218 -7.10 35.40 -16.71
C ALA B 218 -6.10 34.93 -17.75
N ALA B 219 -6.60 34.52 -18.92
CA ALA B 219 -5.72 34.11 -20.00
C ALA B 219 -4.85 35.27 -20.49
N ARG B 220 -5.47 36.43 -20.70
CA ARG B 220 -4.71 37.58 -21.22
C ARG B 220 -3.81 38.19 -20.17
N LEU B 221 -3.99 37.87 -18.89
CA LEU B 221 -3.05 38.35 -17.87
C LEU B 221 -1.64 37.84 -18.12
N LEU B 222 -1.50 36.55 -18.46
CA LEU B 222 -0.18 35.93 -18.54
C LEU B 222 0.66 36.54 -19.66
N LEU B 223 0.11 36.60 -20.88
CA LEU B 223 0.87 37.06 -22.02
C LEU B 223 1.13 38.56 -21.97
N ARG B 224 0.52 39.28 -21.04
CA ARG B 224 0.86 40.67 -20.81
C ARG B 224 2.34 40.80 -20.46
N ARG B 225 3.01 41.74 -21.11
CA ARG B 225 4.42 42.00 -20.81
C ARG B 225 4.47 43.03 -19.69
N CYS B 226 4.79 42.58 -18.49
CA CYS B 226 4.87 43.48 -17.34
C CYS B 226 6.16 44.28 -17.42
N PRO B 227 6.10 45.62 -17.35
CA PRO B 227 7.34 46.41 -17.49
C PRO B 227 8.38 46.11 -16.42
N LEU B 228 7.96 45.78 -15.20
CA LEU B 228 8.89 45.50 -14.12
C LEU B 228 9.51 44.12 -14.30
N TRP B 229 10.49 43.82 -13.43
CA TRP B 229 11.18 42.53 -13.43
C TRP B 229 11.83 42.23 -14.78
N GLY B 230 12.42 43.25 -15.41
CA GLY B 230 13.12 43.05 -16.65
C GLY B 230 12.25 42.88 -17.87
N ASP B 231 11.00 43.37 -17.84
CA ASP B 231 10.09 43.30 -18.98
C ASP B 231 9.89 41.88 -19.46
N ALA B 232 9.76 40.95 -18.52
CA ALA B 232 9.67 39.53 -18.83
C ALA B 232 8.26 39.01 -18.59
N THR B 233 7.81 38.13 -19.47
CA THR B 233 6.50 37.51 -19.33
C THR B 233 6.49 36.58 -18.11
N CYS B 234 5.33 36.49 -17.47
CA CYS B 234 5.21 35.78 -16.21
C CYS B 234 5.63 34.32 -16.32
N LEU B 235 5.24 33.66 -17.42
CA LEU B 235 5.50 32.24 -17.57
C LEU B 235 7.01 31.96 -17.61
N GLN B 236 7.76 32.78 -18.33
CA GLN B 236 9.22 32.63 -18.34
C GLN B 236 9.80 32.84 -16.95
N LEU B 237 9.32 33.86 -16.24
CA LEU B 237 9.79 34.08 -14.87
C LEU B 237 9.38 32.93 -13.95
N ALA B 238 8.17 32.40 -14.15
CA ALA B 238 7.74 31.27 -13.34
C ALA B 238 8.63 30.05 -13.56
N MET B 239 8.99 29.79 -14.82
CA MET B 239 9.87 28.66 -15.11
C MET B 239 11.27 28.91 -14.55
N GLN B 240 11.78 30.13 -14.66
CA GLN B 240 13.08 30.45 -14.10
C GLN B 240 13.09 30.28 -12.59
N ALA B 241 11.96 30.59 -11.94
CA ALA B 241 11.82 30.37 -10.51
C ALA B 241 11.47 28.92 -10.19
N ASP B 242 11.25 28.08 -11.20
CA ASP B 242 10.81 26.70 -11.01
C ASP B 242 9.53 26.62 -10.18
N ALA B 243 8.59 27.52 -10.46
CA ALA B 243 7.34 27.57 -9.72
C ALA B 243 6.45 26.40 -10.12
N ARG B 244 6.83 25.19 -9.73
CA ARG B 244 6.07 24.00 -10.11
C ARG B 244 4.67 24.02 -9.53
N ALA B 245 4.51 24.53 -8.31
CA ALA B 245 3.17 24.67 -7.74
C ALA B 245 2.31 25.60 -8.58
N PHE B 246 2.87 26.70 -9.06
CA PHE B 246 2.12 27.61 -9.93
C PHE B 246 1.78 26.94 -11.25
N PHE B 247 2.73 26.21 -11.83
CA PHE B 247 2.47 25.55 -13.11
C PHE B 247 1.44 24.44 -12.99
N ALA B 248 1.35 23.81 -11.81
CA ALA B 248 0.38 22.73 -11.62
C ALA B 248 -1.05 23.23 -11.58
N GLN B 249 -1.25 24.55 -11.53
CA GLN B 249 -2.59 25.13 -11.44
C GLN B 249 -3.38 24.79 -12.69
N ASP B 250 -4.66 24.46 -12.50
CA ASP B 250 -5.49 23.99 -13.62
C ASP B 250 -5.66 25.07 -14.68
N GLY B 251 -5.73 26.34 -14.27
CA GLY B 251 -5.89 27.39 -15.26
C GLY B 251 -4.72 27.50 -16.20
N VAL B 252 -3.50 27.50 -15.65
CA VAL B 252 -2.33 27.57 -16.53
C VAL B 252 -2.17 26.27 -17.31
N GLN B 253 -2.59 25.14 -16.74
CA GLN B 253 -2.57 23.89 -17.50
C GLN B 253 -3.48 24.00 -18.72
N SER B 254 -4.68 24.54 -18.54
CA SER B 254 -5.61 24.72 -19.66
C SER B 254 -5.07 25.72 -20.67
N LEU B 255 -4.43 26.78 -20.19
CA LEU B 255 -3.86 27.76 -21.11
C LEU B 255 -2.75 27.14 -21.94
N LEU B 256 -1.86 26.36 -21.33
CA LEU B 256 -0.82 25.70 -22.09
C LEU B 256 -1.39 24.67 -23.05
N THR B 257 -2.48 24.00 -22.66
CA THR B 257 -3.16 23.10 -23.59
C THR B 257 -3.68 23.86 -24.80
N GLN B 258 -4.27 25.03 -24.58
CA GLN B 258 -4.77 25.83 -25.69
C GLN B 258 -3.64 26.30 -26.59
N LYS B 259 -2.50 26.67 -25.99
CA LYS B 259 -1.36 27.10 -26.81
C LYS B 259 -0.81 25.94 -27.63
N TRP B 260 -0.70 24.75 -27.02
CA TRP B 260 -0.24 23.58 -27.75
C TRP B 260 -1.20 23.21 -28.87
N TRP B 261 -2.49 23.48 -28.69
CA TRP B 261 -3.49 23.37 -29.75
C TRP B 261 -3.76 24.73 -30.38
N GLY B 262 -2.71 25.53 -30.58
CA GLY B 262 -2.83 26.88 -31.08
C GLY B 262 -3.71 27.04 -32.30
N ASP B 263 -4.82 27.75 -32.14
CA ASP B 263 -5.82 27.93 -33.20
C ASP B 263 -6.30 26.58 -33.73
N MET B 264 -6.65 25.66 -32.83
CA MET B 264 -7.05 24.31 -33.22
C MET B 264 -8.24 23.79 -32.43
N ALA B 265 -8.82 24.57 -31.52
CA ALA B 265 -9.99 24.16 -30.75
C ALA B 265 -9.71 22.87 -29.97
N SER B 266 -8.88 23.03 -28.95
CA SER B 266 -8.25 21.92 -28.22
C SER B 266 -9.22 20.83 -27.77
N THR B 267 -10.52 21.10 -27.81
CA THR B 267 -11.51 20.09 -27.50
C THR B 267 -11.70 19.08 -28.63
N THR B 268 -11.00 19.27 -29.76
CA THR B 268 -11.11 18.38 -30.91
C THR B 268 -10.50 17.00 -30.59
N PRO B 269 -11.10 15.93 -31.09
CA PRO B 269 -10.57 14.59 -30.83
C PRO B 269 -9.27 14.32 -31.57
N ILE B 270 -8.51 13.36 -31.03
CA ILE B 270 -7.19 13.06 -31.57
C ILE B 270 -7.30 12.37 -32.93
N TRP B 271 -8.25 11.45 -33.07
CA TRP B 271 -8.39 10.73 -34.34
C TRP B 271 -8.76 11.67 -35.47
N ALA B 272 -9.62 12.65 -35.20
CA ALA B 272 -9.91 13.67 -36.20
C ALA B 272 -8.64 14.42 -36.58
N LEU B 273 -7.79 14.72 -35.59
CA LEU B 273 -6.52 15.39 -35.86
C LEU B 273 -5.64 14.57 -36.80
N VAL B 274 -5.47 13.27 -36.51
CA VAL B 274 -4.55 12.46 -37.31
C VAL B 274 -5.12 12.25 -38.71
N LEU B 275 -6.44 12.06 -38.82
CA LEU B 275 -7.04 11.91 -40.14
C LEU B 275 -6.88 13.19 -40.96
N ALA B 276 -7.07 14.35 -40.34
CA ALA B 276 -6.87 15.60 -41.06
C ALA B 276 -5.41 15.76 -41.47
N PHE B 277 -4.48 15.34 -40.61
CA PHE B 277 -3.07 15.44 -40.95
C PHE B 277 -2.72 14.56 -42.14
N PHE B 278 -3.24 13.34 -42.18
CA PHE B 278 -2.98 12.47 -43.33
C PHE B 278 -3.69 12.93 -44.59
N CYS B 279 -4.86 13.55 -44.48
CA CYS B 279 -5.58 14.07 -45.64
C CYS B 279 -5.74 15.56 -45.50
N PRO B 280 -4.81 16.35 -46.05
CA PRO B 280 -4.87 17.81 -45.92
C PRO B 280 -6.17 18.41 -46.46
N PRO B 281 -6.76 17.87 -47.54
CA PRO B 281 -8.03 18.47 -48.01
C PRO B 281 -9.15 18.47 -46.98
N LEU B 282 -9.08 17.61 -45.95
CA LEU B 282 -10.11 17.64 -44.91
C LEU B 282 -10.02 18.87 -44.02
N ILE B 283 -9.12 19.81 -44.30
CA ILE B 283 -9.06 21.04 -43.51
C ILE B 283 -10.32 21.87 -43.70
N TYR B 284 -10.87 21.85 -44.91
CA TYR B 284 -12.08 22.63 -45.24
C TYR B 284 -13.32 21.76 -45.13
N THR B 285 -13.62 21.33 -43.91
CA THR B 285 -14.75 20.45 -43.63
C THR B 285 -15.51 20.97 -42.41
N ARG B 286 -16.65 20.35 -42.13
CA ARG B 286 -17.41 20.64 -40.92
C ARG B 286 -16.68 20.22 -39.67
N LEU B 287 -15.90 19.15 -39.73
CA LEU B 287 -15.06 18.71 -38.62
C LEU B 287 -13.80 19.58 -38.57
N ILE B 288 -13.04 19.43 -37.48
CA ILE B 288 -11.82 20.20 -37.26
C ILE B 288 -12.16 21.69 -37.26
N THR B 289 -12.82 22.14 -36.19
CA THR B 289 -13.11 23.55 -36.05
C THR B 289 -11.88 24.30 -35.55
N PHE B 290 -11.84 25.60 -35.84
CA PHE B 290 -10.78 26.48 -35.37
C PHE B 290 -11.38 27.63 -34.57
N ARG B 291 -10.52 28.57 -34.21
CA ARG B 291 -10.94 29.81 -33.58
C ARG B 291 -11.48 30.79 -34.63
N ARG B 346 -5.84 36.56 -47.13
CA ARG B 346 -6.36 35.31 -47.65
C ARG B 346 -6.78 34.37 -46.53
N ARG B 347 -8.07 34.04 -46.49
CA ARG B 347 -8.56 33.10 -45.49
C ARG B 347 -7.99 31.70 -45.71
N CYS B 348 -7.80 31.29 -46.97
CA CYS B 348 -7.23 29.98 -47.24
C CYS B 348 -5.79 29.88 -46.76
N LEU B 349 -4.98 30.88 -47.07
CA LEU B 349 -3.59 30.87 -46.62
C LEU B 349 -3.49 30.98 -45.11
N ARG B 350 -4.34 31.81 -44.49
CA ARG B 350 -4.37 31.88 -43.03
C ARG B 350 -4.72 30.53 -42.43
N ARG B 351 -5.73 29.86 -43.00
CA ARG B 351 -6.13 28.54 -42.53
C ARG B 351 -4.97 27.55 -42.64
N TRP B 352 -4.31 27.53 -43.79
CA TRP B 352 -3.18 26.63 -44.03
C TRP B 352 -2.05 26.88 -43.04
N PHE B 353 -1.64 28.14 -42.88
CA PHE B 353 -0.52 28.46 -42.01
C PHE B 353 -0.86 28.19 -40.55
N HIS B 354 -2.07 28.55 -40.12
CA HIS B 354 -2.45 28.31 -38.73
C HIS B 354 -2.60 26.82 -38.42
N PHE B 355 -2.99 26.01 -39.39
CA PHE B 355 -3.04 24.57 -39.18
C PHE B 355 -1.65 23.95 -39.16
N TRP B 356 -0.75 24.39 -40.04
CA TRP B 356 0.57 23.78 -40.13
C TRP B 356 1.57 24.35 -39.14
N GLY B 357 1.25 25.45 -38.48
CA GLY B 357 2.12 26.01 -37.47
C GLY B 357 1.73 25.73 -36.05
N ALA B 358 0.65 24.99 -35.83
CA ALA B 358 0.25 24.63 -34.48
C ALA B 358 1.32 23.75 -33.85
N PRO B 359 1.63 23.95 -32.56
CA PRO B 359 2.62 23.08 -31.91
C PRO B 359 2.25 21.61 -31.97
N VAL B 360 0.96 21.29 -31.84
CA VAL B 360 0.55 19.89 -31.92
C VAL B 360 0.76 19.35 -33.33
N THR B 361 0.52 20.18 -34.34
CA THR B 361 0.75 19.75 -35.72
C THR B 361 2.24 19.51 -35.95
N ILE B 362 3.09 20.38 -35.42
CA ILE B 362 4.54 20.18 -35.53
C ILE B 362 4.94 18.90 -34.83
N PHE B 363 4.35 18.63 -33.66
CA PHE B 363 4.66 17.41 -32.94
C PHE B 363 4.27 16.19 -33.75
N MET B 364 3.09 16.21 -34.37
CA MET B 364 2.66 15.07 -35.18
C MET B 364 3.57 14.87 -36.38
N GLY B 365 3.96 15.97 -37.03
CA GLY B 365 4.87 15.86 -38.16
C GLY B 365 6.21 15.27 -37.76
N ASN B 366 6.75 15.74 -36.63
CA ASN B 366 8.03 15.22 -36.16
C ASN B 366 7.91 13.76 -35.76
N VAL B 367 6.77 13.37 -35.17
CA VAL B 367 6.59 11.97 -34.79
C VAL B 367 6.55 11.08 -36.01
N VAL B 368 5.80 11.48 -37.04
CA VAL B 368 5.71 10.65 -38.23
C VAL B 368 7.06 10.60 -38.95
N SER B 369 7.79 11.71 -38.94
CA SER B 369 9.13 11.71 -39.53
C SER B 369 10.07 10.81 -38.75
N TYR B 370 9.94 10.77 -37.42
CA TYR B 370 10.82 9.93 -36.63
C TYR B 370 10.52 8.46 -36.82
N LEU B 371 9.23 8.10 -36.92
CA LEU B 371 8.90 6.71 -37.24
C LEU B 371 9.39 6.33 -38.63
N LEU B 372 9.28 7.26 -39.59
CA LEU B 372 9.87 6.99 -40.90
C LEU B 372 11.38 6.80 -40.82
N PHE B 373 12.06 7.59 -39.97
CA PHE B 373 13.49 7.39 -39.76
C PHE B 373 13.77 6.02 -39.18
N LEU B 374 12.99 5.58 -38.20
CA LEU B 374 13.24 4.27 -37.61
C LEU B 374 13.06 3.17 -38.64
N LEU B 375 12.01 3.25 -39.46
CA LEU B 375 11.80 2.26 -40.51
C LEU B 375 12.95 2.28 -41.51
N LEU B 376 13.37 3.47 -41.93
CA LEU B 376 14.46 3.59 -42.90
C LEU B 376 15.77 3.05 -42.32
N PHE B 377 16.07 3.38 -41.06
CA PHE B 377 17.30 2.93 -40.45
C PHE B 377 17.31 1.41 -40.33
N SER B 378 16.18 0.83 -39.92
CA SER B 378 16.12 -0.63 -39.84
C SER B 378 16.27 -1.26 -41.22
N ARG B 379 15.63 -0.68 -42.24
CA ARG B 379 15.72 -1.25 -43.58
C ARG B 379 17.14 -1.17 -44.15
N VAL B 380 17.85 -0.08 -43.87
CA VAL B 380 19.23 0.03 -44.30
C VAL B 380 20.13 -0.92 -43.52
N LEU B 381 19.90 -1.04 -42.20
CA LEU B 381 20.76 -1.87 -41.37
C LEU B 381 20.62 -3.35 -41.68
N LEU B 382 19.39 -3.84 -41.84
CA LEU B 382 19.18 -5.28 -41.97
C LEU B 382 19.52 -5.79 -43.35
N VAL B 383 19.22 -5.01 -44.40
CA VAL B 383 19.31 -5.54 -45.77
C VAL B 383 20.41 -4.84 -46.56
N ASP B 384 20.26 -3.54 -46.77
CA ASP B 384 21.13 -2.81 -47.69
C ASP B 384 22.35 -2.25 -46.99
N PHE B 385 23.18 -3.11 -46.42
CA PHE B 385 24.40 -2.68 -45.75
C PHE B 385 25.57 -3.57 -46.14
N GLN B 386 25.70 -3.85 -47.43
CA GLN B 386 26.79 -4.66 -47.94
C GLN B 386 28.09 -3.87 -47.90
N PRO B 387 29.23 -4.56 -47.95
CA PRO B 387 30.52 -3.83 -48.02
C PRO B 387 30.67 -2.98 -49.27
N ALA B 388 29.74 -3.09 -50.22
CA ALA B 388 29.74 -2.27 -51.43
C ALA B 388 29.49 -0.82 -51.05
N PRO B 389 29.88 0.14 -51.89
CA PRO B 389 29.67 1.56 -51.55
C PRO B 389 28.19 1.86 -51.35
N PRO B 390 27.88 2.85 -50.50
CA PRO B 390 26.47 3.08 -50.13
C PRO B 390 25.59 3.37 -51.32
N GLY B 391 24.37 2.84 -51.27
CA GLY B 391 23.40 3.05 -52.33
C GLY B 391 22.55 4.29 -52.09
N SER B 392 21.46 4.37 -52.88
CA SER B 392 20.59 5.53 -52.79
C SER B 392 19.95 5.65 -51.41
N LEU B 393 19.49 4.52 -50.85
CA LEU B 393 18.85 4.57 -49.55
C LEU B 393 19.83 4.98 -48.45
N GLU B 394 21.06 4.47 -48.51
CA GLU B 394 22.04 4.82 -47.49
C GLU B 394 22.47 6.27 -47.62
N LEU B 395 22.59 6.77 -48.85
CA LEU B 395 22.88 8.19 -49.04
C LEU B 395 21.73 9.07 -48.51
N LEU B 396 20.49 8.64 -48.76
CA LEU B 396 19.35 9.37 -48.23
C LEU B 396 19.38 9.39 -46.71
N LEU B 397 19.75 8.27 -46.09
CA LEU B 397 19.86 8.22 -44.64
C LEU B 397 20.98 9.12 -44.13
N TYR B 398 22.10 9.19 -44.86
CA TYR B 398 23.16 10.12 -44.48
C TYR B 398 22.67 11.56 -44.51
N PHE B 399 21.95 11.93 -45.57
CA PHE B 399 21.36 13.27 -45.64
C PHE B 399 20.37 13.48 -44.51
N TRP B 400 19.62 12.44 -44.17
CA TRP B 400 18.65 12.52 -43.09
C TRP B 400 19.33 12.90 -41.79
N ALA B 401 20.37 12.14 -41.43
CA ALA B 401 21.09 12.38 -40.19
C ALA B 401 21.80 13.72 -40.23
N PHE B 402 22.23 14.15 -41.41
CA PHE B 402 22.76 15.51 -41.54
C PHE B 402 21.71 16.54 -41.17
N THR B 403 20.47 16.33 -41.60
CA THR B 403 19.40 17.26 -41.23
C THR B 403 19.13 17.23 -39.72
N LEU B 404 19.14 16.04 -39.13
CA LEU B 404 18.99 15.94 -37.67
C LEU B 404 20.09 16.69 -36.95
N LEU B 405 21.34 16.54 -37.40
CA LEU B 405 22.44 17.28 -36.82
C LEU B 405 22.24 18.77 -36.97
N CYS B 406 21.79 19.21 -38.16
CA CYS B 406 21.60 20.64 -38.38
C CYS B 406 20.56 21.21 -37.42
N GLU B 407 19.40 20.55 -37.31
CA GLU B 407 18.36 21.09 -36.44
C GLU B 407 18.79 21.05 -34.97
N GLU B 408 19.47 19.98 -34.56
CA GLU B 408 19.90 19.89 -33.17
C GLU B 408 20.94 20.96 -32.84
N LEU B 409 21.88 21.21 -33.76
CA LEU B 409 22.85 22.27 -33.55
C LEU B 409 22.19 23.63 -33.50
N ARG B 410 21.23 23.87 -34.39
CA ARG B 410 20.50 25.14 -34.38
C ARG B 410 19.74 25.32 -33.06
N GLN B 411 19.09 24.26 -32.59
CA GLN B 411 18.35 24.33 -31.34
C GLN B 411 19.28 24.62 -30.16
N GLY B 412 20.44 23.96 -30.13
CA GLY B 412 21.39 24.23 -29.08
C GLY B 412 21.92 25.65 -29.13
N LEU B 413 22.17 26.17 -30.33
CA LEU B 413 22.65 27.54 -30.46
C LEU B 413 21.58 28.54 -30.03
N SER B 414 20.33 28.30 -30.39
CA SER B 414 19.26 29.25 -30.08
C SER B 414 18.88 29.20 -28.60
N GLY B 415 18.43 28.04 -28.13
CA GLY B 415 18.03 27.90 -26.74
C GLY B 415 19.19 27.93 -25.77
N SER B 431 28.14 34.76 -25.49
CA SER B 431 27.63 33.76 -24.57
C SER B 431 27.58 32.39 -25.22
N LEU B 432 28.42 32.18 -26.24
CA LEU B 432 28.46 30.90 -26.93
C LEU B 432 28.91 29.79 -25.98
N SER B 433 29.90 30.08 -25.14
CA SER B 433 30.34 29.09 -24.15
C SER B 433 29.32 28.87 -23.06
N GLN B 434 28.64 29.94 -22.60
CA GLN B 434 27.60 29.77 -21.60
C GLN B 434 26.44 28.94 -22.12
N ARG B 435 26.01 29.21 -23.37
CA ARG B 435 24.95 28.41 -23.97
C ARG B 435 25.36 26.96 -24.17
N LEU B 436 26.61 26.71 -24.58
CA LEU B 436 27.07 25.33 -24.71
C LEU B 436 27.11 24.62 -23.37
N ARG B 437 27.55 25.32 -22.33
CA ARG B 437 27.58 24.73 -20.99
C ARG B 437 26.18 24.43 -20.49
N LEU B 438 25.22 25.32 -20.77
CA LEU B 438 23.83 25.04 -20.43
C LEU B 438 23.30 23.85 -21.21
N TYR B 439 23.70 23.73 -22.48
CA TYR B 439 23.26 22.61 -23.29
C TYR B 439 23.90 21.30 -22.86
N LEU B 440 25.03 21.38 -22.15
CA LEU B 440 25.63 20.19 -21.57
C LEU B 440 24.70 19.52 -20.57
N ALA B 441 23.88 20.31 -19.88
CA ALA B 441 22.85 19.78 -18.99
C ALA B 441 21.68 19.31 -19.85
N ASP B 442 20.56 18.98 -19.20
CA ASP B 442 19.40 18.41 -19.88
C ASP B 442 19.80 17.10 -20.59
N SER B 443 20.13 16.11 -19.75
CA SER B 443 20.77 14.88 -20.19
C SER B 443 20.12 14.24 -21.41
N TRP B 444 18.86 14.58 -21.71
CA TRP B 444 18.27 14.19 -22.98
C TRP B 444 19.01 14.79 -24.17
N ASN B 445 19.36 16.07 -24.10
CA ASN B 445 20.18 16.64 -25.16
C ASN B 445 21.55 15.98 -25.20
N GLN B 446 22.08 15.59 -24.04
CA GLN B 446 23.36 14.89 -24.00
C GLN B 446 23.26 13.55 -24.72
N CYS B 447 22.18 12.81 -24.48
CA CYS B 447 22.04 11.51 -25.15
C CYS B 447 21.83 11.69 -26.64
N ASP B 448 21.14 12.77 -27.04
CA ASP B 448 21.01 13.06 -28.47
C ASP B 448 22.38 13.33 -29.08
N LEU B 449 23.21 14.12 -28.38
CA LEU B 449 24.52 14.46 -28.90
C LEU B 449 25.39 13.22 -29.04
N VAL B 450 25.40 12.36 -28.01
CA VAL B 450 26.24 11.17 -28.08
C VAL B 450 25.70 10.22 -29.15
N ALA B 451 24.39 10.17 -29.33
CA ALA B 451 23.82 9.34 -30.39
C ALA B 451 24.31 9.79 -31.76
N LEU B 452 24.25 11.10 -32.02
CA LEU B 452 24.67 11.60 -33.33
C LEU B 452 26.18 11.44 -33.54
N THR B 453 26.97 11.65 -32.49
CA THR B 453 28.41 11.44 -32.62
C THR B 453 28.73 9.97 -32.88
N CYS B 454 28.05 9.04 -32.19
CA CYS B 454 28.27 7.64 -32.45
C CYS B 454 27.86 7.27 -33.87
N PHE B 455 26.79 7.88 -34.37
CA PHE B 455 26.41 7.65 -35.76
C PHE B 455 27.49 8.16 -36.71
N LEU B 456 28.10 9.31 -36.41
CA LEU B 456 29.16 9.83 -37.25
C LEU B 456 30.36 8.88 -37.26
N LEU B 457 30.73 8.37 -36.09
CA LEU B 457 31.80 7.38 -36.02
C LEU B 457 31.43 6.12 -36.80
N GLY B 458 30.16 5.72 -36.74
CA GLY B 458 29.73 4.55 -37.49
C GLY B 458 29.84 4.76 -38.99
N VAL B 459 29.45 5.93 -39.47
CA VAL B 459 29.58 6.23 -40.90
C VAL B 459 31.05 6.26 -41.29
N GLY B 460 31.91 6.84 -40.44
CA GLY B 460 33.33 6.84 -40.74
C GLY B 460 33.90 5.43 -40.84
N CYS B 461 33.56 4.58 -39.88
CA CYS B 461 34.05 3.20 -39.89
C CYS B 461 33.50 2.43 -41.09
N ARG B 462 32.24 2.69 -41.46
CA ARG B 462 31.67 2.07 -42.65
C ARG B 462 32.40 2.51 -43.91
N LEU B 463 32.75 3.79 -44.00
CA LEU B 463 33.41 4.30 -45.20
C LEU B 463 34.83 3.76 -45.31
N THR B 464 35.58 3.73 -44.21
CA THR B 464 36.93 3.18 -44.27
C THR B 464 36.85 1.66 -44.45
N PRO B 465 37.66 1.08 -45.32
CA PRO B 465 37.54 -0.36 -45.61
C PRO B 465 37.75 -1.26 -44.41
N GLY B 466 38.67 -0.88 -43.50
CA GLY B 466 39.05 -1.79 -42.44
C GLY B 466 37.95 -2.06 -41.42
N LEU B 467 37.17 -1.02 -41.09
CA LEU B 467 36.27 -1.06 -39.94
C LEU B 467 34.81 -1.27 -40.33
N TYR B 468 34.56 -2.10 -41.34
CA TYR B 468 33.18 -2.35 -41.77
C TYR B 468 32.35 -2.98 -40.66
N HIS B 469 32.87 -4.05 -40.05
CA HIS B 469 32.13 -4.75 -39.02
C HIS B 469 31.90 -3.88 -37.79
N LEU B 470 32.93 -3.14 -37.38
CA LEU B 470 32.78 -2.24 -36.23
C LEU B 470 31.77 -1.15 -36.53
N GLY B 471 31.79 -0.62 -37.76
CA GLY B 471 30.79 0.37 -38.14
C GLY B 471 29.39 -0.19 -38.08
N ARG B 472 29.20 -1.41 -38.58
CA ARG B 472 27.88 -2.01 -38.51
C ARG B 472 27.43 -2.21 -37.08
N THR B 473 28.33 -2.67 -36.21
CA THR B 473 27.98 -2.88 -34.81
C THR B 473 27.57 -1.59 -34.14
N VAL B 474 28.35 -0.52 -34.34
CA VAL B 474 28.03 0.73 -33.67
C VAL B 474 26.76 1.35 -34.24
N LEU B 475 26.48 1.14 -35.53
CA LEU B 475 25.19 1.57 -36.08
C LEU B 475 24.05 0.78 -35.44
N CYS B 476 24.25 -0.51 -35.20
CA CYS B 476 23.21 -1.30 -34.54
C CYS B 476 22.92 -0.77 -33.15
N ILE B 477 23.96 -0.38 -32.41
CA ILE B 477 23.72 0.23 -31.10
C ILE B 477 23.02 1.58 -31.25
N ASP B 478 23.40 2.34 -32.28
CA ASP B 478 22.80 3.66 -32.48
C ASP B 478 21.32 3.57 -32.79
N PHE B 479 20.89 2.49 -33.43
CA PHE B 479 19.45 2.30 -33.63
C PHE B 479 18.74 2.22 -32.28
N MET B 480 19.31 1.48 -31.33
CA MET B 480 18.73 1.43 -29.99
C MET B 480 18.71 2.80 -29.34
N VAL B 481 19.79 3.55 -29.49
CA VAL B 481 19.83 4.88 -28.87
C VAL B 481 18.72 5.76 -29.43
N PHE B 482 18.53 5.72 -30.76
CA PHE B 482 17.51 6.55 -31.39
C PHE B 482 16.11 6.13 -30.98
N THR B 483 15.84 4.82 -30.91
CA THR B 483 14.50 4.40 -30.56
C THR B 483 14.20 4.62 -29.08
N VAL B 484 15.24 4.67 -28.24
CA VAL B 484 15.03 5.13 -26.86
C VAL B 484 14.74 6.63 -26.84
N ARG B 485 15.42 7.40 -27.69
CA ARG B 485 15.09 8.81 -27.85
C ARG B 485 13.63 9.01 -28.20
N LEU B 486 13.08 8.12 -29.03
CA LEU B 486 11.66 8.17 -29.38
C LEU B 486 10.79 8.20 -28.13
N LEU B 487 11.16 7.42 -27.11
CA LEU B 487 10.35 7.31 -25.90
C LEU B 487 10.16 8.68 -25.24
N HIS B 488 11.26 9.40 -25.02
CA HIS B 488 11.16 10.71 -24.39
C HIS B 488 10.61 11.75 -25.35
N ILE B 489 10.70 11.51 -26.66
CA ILE B 489 10.04 12.40 -27.60
C ILE B 489 8.52 12.30 -27.46
N PHE B 490 8.02 11.08 -27.23
CA PHE B 490 6.59 10.82 -27.12
C PHE B 490 6.08 10.94 -25.68
N THR B 491 6.76 11.71 -24.84
CA THR B 491 6.36 11.81 -23.43
C THR B 491 5.28 12.86 -23.19
N VAL B 492 4.93 13.67 -24.19
CA VAL B 492 3.96 14.73 -23.97
C VAL B 492 2.55 14.20 -23.79
N ASN B 493 2.32 12.91 -24.02
CA ASN B 493 1.00 12.34 -23.81
C ASN B 493 0.60 12.43 -22.35
N LYS B 494 -0.65 12.82 -22.12
CA LYS B 494 -1.13 13.10 -20.77
C LYS B 494 -1.31 11.86 -19.91
N GLN B 495 -1.29 10.67 -20.51
CA GLN B 495 -1.47 9.44 -19.75
C GLN B 495 -0.20 8.61 -19.60
N LEU B 496 0.92 9.07 -20.16
CA LEU B 496 2.17 8.32 -20.13
C LEU B 496 3.31 9.08 -19.50
N GLY B 497 3.29 10.41 -19.57
CA GLY B 497 4.36 11.24 -19.10
C GLY B 497 4.74 11.05 -17.64
N PRO B 498 3.76 11.02 -16.74
CA PRO B 498 4.09 10.73 -15.33
C PRO B 498 4.79 9.40 -15.14
N LYS B 499 4.38 8.36 -15.87
CA LYS B 499 5.04 7.07 -15.74
C LYS B 499 6.44 7.09 -16.34
N ILE B 500 6.63 7.87 -17.42
CA ILE B 500 7.96 8.02 -17.99
C ILE B 500 8.88 8.73 -16.99
N VAL B 501 8.34 9.66 -16.22
CA VAL B 501 9.11 10.27 -15.15
C VAL B 501 9.40 9.25 -14.04
N ILE B 502 8.41 8.40 -13.74
CA ILE B 502 8.55 7.44 -12.65
C ILE B 502 9.66 6.44 -12.95
N VAL B 503 9.73 5.95 -14.19
CA VAL B 503 10.73 4.94 -14.52
C VAL B 503 12.14 5.49 -14.31
N SER B 504 12.31 6.81 -14.38
CA SER B 504 13.60 7.40 -14.04
C SER B 504 13.92 7.21 -12.56
N LYS B 505 12.92 7.38 -11.70
CA LYS B 505 13.14 7.19 -10.26
C LYS B 505 13.34 5.72 -9.90
N MET B 506 12.80 4.80 -10.70
CA MET B 506 12.96 3.38 -10.41
C MET B 506 14.41 2.90 -10.50
N MET B 507 15.30 3.71 -11.08
CA MET B 507 16.66 3.25 -11.33
C MET B 507 17.42 2.96 -10.04
N LYS B 508 17.08 3.61 -8.94
CA LYS B 508 17.76 3.33 -7.68
C LYS B 508 17.50 1.91 -7.21
N ASP B 509 16.22 1.51 -7.20
CA ASP B 509 15.88 0.14 -6.82
C ASP B 509 16.43 -0.85 -7.84
N VAL B 510 16.44 -0.48 -9.12
CA VAL B 510 17.03 -1.38 -10.12
C VAL B 510 18.50 -1.61 -9.83
N PHE B 511 19.24 -0.56 -9.49
CA PHE B 511 20.66 -0.70 -9.19
C PHE B 511 20.88 -1.51 -7.93
N PHE B 512 20.02 -1.33 -6.92
CA PHE B 512 20.11 -2.14 -5.71
C PHE B 512 19.95 -3.63 -6.02
N PHE B 513 18.88 -3.96 -6.76
CA PHE B 513 18.68 -5.35 -7.15
C PHE B 513 19.84 -5.85 -7.99
N LEU B 514 20.40 -4.99 -8.84
CA LEU B 514 21.55 -5.38 -9.65
C LEU B 514 22.74 -5.71 -8.77
N PHE B 515 22.98 -4.93 -7.73
CA PHE B 515 24.13 -5.17 -6.86
C PHE B 515 23.99 -6.49 -6.11
N PHE B 516 22.82 -6.74 -5.51
CA PHE B 516 22.62 -8.04 -4.88
C PHE B 516 22.66 -9.20 -5.85
N LEU B 517 22.08 -9.04 -7.04
CA LEU B 517 22.17 -10.10 -8.01
C LEU B 517 23.62 -10.38 -8.37
N GLY B 518 24.43 -9.34 -8.53
CA GLY B 518 25.84 -9.54 -8.82
C GLY B 518 26.57 -10.25 -7.70
N VAL B 519 26.31 -9.84 -6.46
CA VAL B 519 27.02 -10.44 -5.32
C VAL B 519 26.66 -11.91 -5.18
N TRP B 520 25.37 -12.22 -5.13
CA TRP B 520 24.97 -13.61 -4.96
C TRP B 520 25.32 -14.44 -6.17
N LEU B 521 25.30 -13.82 -7.36
CA LEU B 521 25.66 -14.51 -8.59
C LEU B 521 27.13 -14.90 -8.58
N VAL B 522 28.00 -13.97 -8.15
CA VAL B 522 29.41 -14.29 -8.01
C VAL B 522 29.60 -15.43 -7.04
N ALA B 523 28.96 -15.34 -5.86
CA ALA B 523 29.14 -16.38 -4.85
C ALA B 523 28.74 -17.75 -5.39
N TYR B 524 27.53 -17.86 -5.93
CA TYR B 524 27.04 -19.15 -6.39
C TYR B 524 27.84 -19.65 -7.59
N GLY B 525 28.16 -18.76 -8.53
CA GLY B 525 28.87 -19.18 -9.73
C GLY B 525 30.25 -19.70 -9.42
N VAL B 526 31.00 -18.98 -8.58
CA VAL B 526 32.34 -19.44 -8.25
C VAL B 526 32.26 -20.72 -7.41
N ALA B 527 31.27 -20.81 -6.52
CA ALA B 527 31.15 -22.02 -5.70
C ALA B 527 30.87 -23.24 -6.58
N THR B 528 29.96 -23.13 -7.54
CA THR B 528 29.68 -24.28 -8.39
C THR B 528 30.84 -24.58 -9.33
N GLU B 529 31.53 -23.53 -9.81
CA GLU B 529 32.71 -23.73 -10.64
C GLU B 529 33.84 -24.37 -9.86
N GLY B 530 33.82 -24.25 -8.54
CA GLY B 530 34.79 -24.95 -7.71
C GLY B 530 34.39 -26.38 -7.43
N LEU B 531 33.12 -26.61 -7.11
CA LEU B 531 32.66 -27.98 -6.84
C LEU B 531 32.84 -28.87 -8.07
N LEU B 532 32.42 -28.40 -9.24
CA LEU B 532 32.61 -29.15 -10.47
C LEU B 532 33.70 -28.47 -11.31
N ARG B 533 34.66 -29.26 -11.75
CA ARG B 533 35.84 -28.69 -12.39
C ARG B 533 35.95 -29.15 -13.84
N PRO B 534 35.28 -28.48 -14.77
CA PRO B 534 35.42 -28.86 -16.18
C PRO B 534 36.86 -28.72 -16.65
N ARG B 535 37.28 -29.64 -17.53
CA ARG B 535 38.63 -29.58 -18.07
C ARG B 535 38.79 -28.36 -18.98
N ASP B 536 37.69 -27.87 -19.53
CA ASP B 536 37.75 -26.64 -20.32
C ASP B 536 37.89 -25.44 -19.40
N SER B 537 39.12 -25.13 -18.99
CA SER B 537 39.40 -24.05 -18.06
C SER B 537 39.79 -22.77 -18.79
N ASP B 538 39.29 -22.58 -20.00
CA ASP B 538 39.53 -21.35 -20.72
C ASP B 538 38.89 -20.18 -19.98
N PHE B 539 39.57 -19.03 -19.99
CA PHE B 539 39.10 -17.87 -19.26
C PHE B 539 37.73 -17.36 -19.73
N PRO B 540 37.45 -17.21 -21.04
CA PRO B 540 36.08 -16.87 -21.45
C PRO B 540 35.06 -17.90 -21.03
N SER B 541 35.39 -19.19 -21.11
CA SER B 541 34.45 -20.22 -20.68
C SER B 541 34.16 -20.15 -19.20
N ILE B 542 35.17 -19.84 -18.39
CA ILE B 542 34.96 -19.68 -16.95
C ILE B 542 34.07 -18.47 -16.69
N LEU B 543 34.35 -17.33 -17.34
CA LEU B 543 33.50 -16.17 -17.16
C LEU B 543 32.08 -16.42 -17.63
N ARG B 544 31.90 -17.34 -18.59
CA ARG B 544 30.56 -17.69 -19.03
C ARG B 544 29.86 -18.56 -17.99
N ARG B 545 30.49 -19.67 -17.61
CA ARG B 545 29.86 -20.61 -16.68
C ARG B 545 29.63 -20.00 -15.30
N VAL B 546 30.39 -18.98 -14.91
CA VAL B 546 30.19 -18.39 -13.59
C VAL B 546 29.11 -17.31 -13.58
N PHE B 547 28.99 -16.53 -14.66
CA PHE B 547 28.08 -15.40 -14.68
C PHE B 547 26.88 -15.62 -15.59
N TYR B 548 27.09 -15.96 -16.86
CA TYR B 548 25.99 -15.98 -17.81
C TYR B 548 25.02 -17.11 -17.51
N ARG B 549 25.53 -18.32 -17.32
CA ARG B 549 24.64 -19.47 -17.08
C ARG B 549 23.83 -19.34 -15.80
N PRO B 550 24.40 -19.04 -14.63
CA PRO B 550 23.55 -18.84 -13.45
C PRO B 550 22.61 -17.65 -13.60
N TYR B 551 22.99 -16.66 -14.40
CA TYR B 551 22.06 -15.57 -14.68
C TYR B 551 20.85 -16.08 -15.43
N LEU B 552 21.06 -16.92 -16.45
CA LEU B 552 19.93 -17.48 -17.18
C LEU B 552 19.15 -18.51 -16.36
N GLN B 553 19.72 -19.00 -15.26
CA GLN B 553 18.94 -19.86 -14.39
C GLN B 553 17.75 -19.10 -13.78
N ILE B 554 17.84 -17.77 -13.71
CA ILE B 554 16.76 -16.98 -13.15
C ILE B 554 15.52 -17.01 -14.04
N PHE B 555 15.71 -17.00 -15.36
CA PHE B 555 14.62 -16.84 -16.31
C PHE B 555 14.27 -18.16 -17.00
N GLY B 556 14.35 -19.27 -16.27
CA GLY B 556 13.87 -20.54 -16.75
C GLY B 556 14.88 -21.37 -17.51
N GLN B 557 16.08 -20.86 -17.77
CA GLN B 557 17.10 -21.62 -18.48
C GLN B 557 18.00 -22.29 -17.45
N ILE B 558 17.59 -23.46 -17.00
CA ILE B 558 18.30 -24.22 -15.98
C ILE B 558 18.97 -25.41 -16.65
N PRO B 559 20.29 -25.41 -16.80
CA PRO B 559 21.00 -26.55 -17.41
C PRO B 559 21.11 -27.73 -16.45
N GLN B 560 19.94 -28.27 -16.10
CA GLN B 560 19.87 -29.35 -15.12
C GLN B 560 20.67 -30.55 -15.56
N GLU B 561 20.54 -30.93 -16.83
CA GLU B 561 21.30 -32.07 -17.36
C GLU B 561 22.79 -31.74 -17.47
N ASP B 562 23.16 -30.46 -17.45
CA ASP B 562 24.56 -30.09 -17.51
C ASP B 562 25.23 -30.05 -16.15
N MET B 563 24.48 -29.78 -15.08
CA MET B 563 25.12 -29.67 -13.77
C MET B 563 24.81 -30.83 -12.82
N ASP B 564 23.81 -31.66 -13.11
CA ASP B 564 23.44 -32.74 -12.20
C ASP B 564 24.04 -34.06 -12.68
N VAL B 565 24.57 -34.84 -11.73
CA VAL B 565 25.27 -36.07 -12.10
C VAL B 565 24.29 -37.13 -12.58
N ALA B 566 23.11 -37.21 -11.97
CA ALA B 566 22.16 -38.27 -12.32
C ALA B 566 21.71 -38.18 -13.77
N LEU B 567 21.80 -37.00 -14.39
CA LEU B 567 21.42 -36.82 -15.77
C LEU B 567 22.57 -37.04 -16.74
N MET B 568 23.79 -37.28 -16.24
CA MET B 568 24.96 -37.43 -17.10
C MET B 568 25.38 -38.90 -17.17
N GLU B 569 26.01 -39.25 -18.28
CA GLU B 569 26.55 -40.60 -18.46
C GLU B 569 27.98 -40.65 -17.94
N HIS B 570 28.26 -41.66 -17.13
CA HIS B 570 29.56 -41.77 -16.47
C HIS B 570 30.62 -42.28 -17.42
N SER B 571 31.80 -41.65 -17.37
CA SER B 571 32.89 -42.01 -18.26
C SER B 571 34.20 -41.51 -17.65
N ASN B 572 35.29 -42.19 -18.01
CA ASN B 572 36.61 -41.79 -17.54
C ASN B 572 37.23 -40.76 -18.49
N CYS B 573 36.56 -39.63 -18.64
CA CYS B 573 37.01 -38.57 -19.54
C CYS B 573 38.22 -37.81 -19.03
N SER B 574 38.66 -38.05 -17.80
CA SER B 574 39.86 -37.42 -17.27
C SER B 574 40.75 -38.46 -16.61
N SER B 575 42.04 -38.11 -16.49
CA SER B 575 43.02 -38.99 -15.88
C SER B 575 43.18 -38.79 -14.39
N GLU B 576 42.68 -37.68 -13.84
CA GLU B 576 42.72 -37.47 -12.41
C GLU B 576 41.89 -38.54 -11.71
N PRO B 577 42.35 -39.04 -10.56
CA PRO B 577 41.65 -40.17 -9.92
C PRO B 577 40.31 -39.79 -9.32
N GLY B 578 39.28 -39.73 -10.16
CA GLY B 578 37.95 -39.45 -9.70
C GLY B 578 36.91 -39.92 -10.70
N PHE B 579 35.65 -39.63 -10.39
CA PHE B 579 34.53 -39.98 -11.24
C PHE B 579 34.02 -38.71 -11.90
N TRP B 580 33.81 -38.75 -13.21
CA TRP B 580 33.65 -37.51 -13.97
C TRP B 580 32.31 -37.37 -14.65
N ALA B 581 31.89 -38.33 -15.47
CA ALA B 581 30.59 -38.29 -16.15
C ALA B 581 30.47 -37.05 -17.04
N HIS B 582 31.26 -37.07 -18.11
CA HIS B 582 31.26 -36.07 -19.18
C HIS B 582 29.85 -35.63 -19.55
N PRO B 583 29.53 -34.34 -19.44
CA PRO B 583 28.17 -33.86 -19.74
C PRO B 583 27.95 -33.74 -21.23
N PRO B 584 26.70 -33.63 -21.67
CA PRO B 584 26.42 -33.44 -23.10
C PRO B 584 26.40 -31.99 -23.56
N GLY B 585 26.58 -31.04 -22.65
CA GLY B 585 26.49 -29.64 -23.04
C GLY B 585 27.65 -29.21 -23.93
N ALA B 586 27.38 -28.22 -24.77
CA ALA B 586 28.41 -27.69 -25.66
C ALA B 586 29.40 -26.79 -24.92
N GLN B 587 28.90 -25.98 -23.99
CA GLN B 587 29.75 -25.07 -23.22
C GLN B 587 29.66 -25.33 -21.72
N ALA B 588 29.31 -26.55 -21.33
CA ALA B 588 29.28 -26.93 -19.92
C ALA B 588 30.57 -27.60 -19.46
N GLY B 589 31.57 -27.68 -20.34
CA GLY B 589 32.80 -28.38 -20.01
C GLY B 589 32.82 -29.78 -20.59
N THR B 590 33.97 -30.20 -21.11
CA THR B 590 34.04 -31.52 -21.73
C THR B 590 34.08 -32.63 -20.69
N CYS B 591 34.45 -32.31 -19.45
CA CYS B 591 34.64 -33.34 -18.42
C CYS B 591 34.52 -32.67 -17.06
N VAL B 592 33.36 -32.81 -16.42
CA VAL B 592 33.12 -32.22 -15.11
C VAL B 592 33.37 -33.28 -14.03
N SER B 593 33.49 -32.82 -12.79
CA SER B 593 33.66 -33.73 -11.67
C SER B 593 32.31 -33.96 -10.98
N GLN B 594 32.29 -34.96 -10.08
CA GLN B 594 31.03 -35.35 -9.46
C GLN B 594 31.15 -35.71 -7.98
N TYR B 595 32.25 -35.34 -7.32
CA TYR B 595 32.45 -35.77 -5.93
C TYR B 595 31.31 -35.28 -5.04
N ALA B 596 31.02 -33.99 -5.07
CA ALA B 596 29.98 -33.40 -4.24
C ALA B 596 28.88 -32.81 -5.10
N ASN B 597 28.49 -33.52 -6.15
CA ASN B 597 27.42 -33.02 -7.00
C ASN B 597 26.09 -32.97 -6.28
N TRP B 598 25.92 -33.72 -5.20
CA TRP B 598 24.76 -33.51 -4.32
C TRP B 598 24.80 -32.11 -3.72
N LEU B 599 25.99 -31.66 -3.29
CA LEU B 599 26.10 -30.28 -2.81
C LEU B 599 25.90 -29.28 -3.94
N VAL B 600 26.30 -29.63 -5.15
CA VAL B 600 26.03 -28.74 -6.28
C VAL B 600 24.53 -28.59 -6.48
N VAL B 601 23.79 -29.71 -6.40
CA VAL B 601 22.34 -29.66 -6.54
C VAL B 601 21.71 -28.83 -5.42
N LEU B 602 22.16 -29.05 -4.18
CA LEU B 602 21.63 -28.28 -3.07
C LEU B 602 21.93 -26.80 -3.21
N LEU B 603 23.11 -26.47 -3.73
CA LEU B 603 23.47 -25.08 -3.94
C LEU B 603 22.62 -24.45 -5.04
N LEU B 604 22.31 -25.23 -6.08
CA LEU B 604 21.38 -24.74 -7.10
C LEU B 604 20.00 -24.50 -6.50
N VAL B 605 19.55 -25.38 -5.59
CA VAL B 605 18.28 -25.18 -4.91
C VAL B 605 18.30 -23.88 -4.13
N ILE B 606 19.38 -23.63 -3.38
CA ILE B 606 19.48 -22.42 -2.58
C ILE B 606 19.52 -21.18 -3.48
N PHE B 607 20.23 -21.26 -4.59
CA PHE B 607 20.28 -20.12 -5.51
C PHE B 607 18.90 -19.84 -6.09
N LEU B 608 18.17 -20.89 -6.46
CA LEU B 608 16.82 -20.70 -7.00
C LEU B 608 15.91 -20.06 -5.94
N LEU B 609 16.06 -20.47 -4.69
CA LEU B 609 15.27 -19.86 -3.63
C LEU B 609 15.64 -18.39 -3.43
N VAL B 610 16.93 -18.07 -3.49
CA VAL B 610 17.38 -16.72 -3.18
C VAL B 610 17.01 -15.75 -4.30
N ALA B 611 17.34 -16.11 -5.55
CA ALA B 611 17.20 -15.17 -6.65
C ALA B 611 15.77 -15.10 -7.15
N ASN B 612 15.19 -16.24 -7.49
CA ASN B 612 13.86 -16.28 -8.09
C ASN B 612 12.73 -15.96 -7.11
N ILE B 613 13.00 -15.95 -5.82
CA ILE B 613 11.93 -15.83 -4.84
C ILE B 613 12.14 -14.61 -3.94
N LEU B 614 13.30 -14.52 -3.30
CA LEU B 614 13.55 -13.42 -2.37
C LEU B 614 13.80 -12.12 -3.12
N LEU B 615 14.84 -12.09 -3.95
CA LEU B 615 15.28 -10.83 -4.54
C LEU B 615 14.23 -10.22 -5.45
N VAL B 616 13.63 -11.02 -6.33
CA VAL B 616 12.69 -10.49 -7.30
C VAL B 616 11.44 -9.95 -6.59
N ASN B 617 10.92 -10.69 -5.62
CA ASN B 617 9.72 -10.24 -4.93
C ASN B 617 10.01 -9.02 -4.06
N LEU B 618 11.20 -8.96 -3.46
CA LEU B 618 11.57 -7.74 -2.73
C LEU B 618 11.67 -6.55 -3.66
N LEU B 619 12.17 -6.78 -4.88
CA LEU B 619 12.24 -5.71 -5.87
C LEU B 619 10.84 -5.23 -6.25
N ILE B 620 9.90 -6.17 -6.40
CA ILE B 620 8.51 -5.80 -6.63
C ILE B 620 7.99 -4.94 -5.48
N ALA B 621 8.31 -5.35 -4.26
CA ALA B 621 7.84 -4.61 -3.09
C ALA B 621 8.36 -3.18 -3.08
N MET B 622 9.64 -3.00 -3.39
CA MET B 622 10.17 -1.64 -3.38
C MET B 622 9.66 -0.81 -4.56
N PHE B 623 9.43 -1.42 -5.72
CA PHE B 623 8.74 -0.68 -6.76
C PHE B 623 7.38 -0.20 -6.29
N SER B 624 6.62 -1.06 -5.62
CA SER B 624 5.32 -0.63 -5.11
C SER B 624 5.47 0.54 -4.15
N TYR B 625 6.38 0.42 -3.17
CA TYR B 625 6.53 1.47 -2.16
C TYR B 625 6.96 2.79 -2.79
N THR B 626 8.01 2.76 -3.61
CA THR B 626 8.53 4.00 -4.19
C THR B 626 7.56 4.60 -5.19
N PHE B 627 6.85 3.78 -5.96
CA PHE B 627 5.80 4.29 -6.83
C PHE B 627 4.76 5.06 -6.02
N GLY B 628 4.25 4.44 -4.95
CA GLY B 628 3.29 5.12 -4.12
C GLY B 628 3.84 6.40 -3.51
N LYS B 629 5.13 6.40 -3.18
CA LYS B 629 5.73 7.58 -2.58
C LYS B 629 5.85 8.73 -3.58
N VAL B 630 6.31 8.44 -4.80
CA VAL B 630 6.80 9.52 -5.67
C VAL B 630 5.88 9.80 -6.85
N GLN B 631 4.77 9.08 -7.01
CA GLN B 631 3.88 9.37 -8.14
C GLN B 631 3.30 10.78 -8.07
N GLY B 632 2.94 11.22 -6.86
CA GLY B 632 2.35 12.55 -6.71
C GLY B 632 3.31 13.65 -7.09
N ASN B 633 4.56 13.54 -6.64
CA ASN B 633 5.58 14.51 -7.01
C ASN B 633 5.90 14.42 -8.49
N SER B 634 5.85 13.20 -9.05
CA SER B 634 6.14 13.03 -10.48
C SER B 634 5.12 13.76 -11.33
N ASP B 635 3.84 13.71 -10.96
CA ASP B 635 2.82 14.43 -11.73
C ASP B 635 3.09 15.93 -11.70
N LEU B 636 3.41 16.47 -10.52
CA LEU B 636 3.70 17.89 -10.39
C LEU B 636 4.90 18.28 -11.25
N TYR B 637 5.95 17.45 -11.24
CA TYR B 637 7.12 17.73 -12.08
C TYR B 637 6.76 17.64 -13.56
N TRP B 638 5.88 16.69 -13.92
CA TRP B 638 5.50 16.52 -15.31
C TRP B 638 4.75 17.73 -15.83
N LYS B 639 4.00 18.43 -14.97
CA LYS B 639 3.36 19.66 -15.41
C LYS B 639 4.37 20.65 -15.98
N ALA B 640 5.43 20.94 -15.20
CA ALA B 640 6.44 21.88 -15.65
C ALA B 640 7.21 21.34 -16.85
N GLN B 641 7.51 20.04 -16.86
CA GLN B 641 8.22 19.46 -17.99
C GLN B 641 7.39 19.58 -19.27
N ARG B 642 6.08 19.38 -19.15
CA ARG B 642 5.19 19.53 -20.29
C ARG B 642 5.16 20.97 -20.78
N TYR B 643 5.13 21.93 -19.85
CA TYR B 643 5.20 23.33 -20.27
C TYR B 643 6.48 23.60 -21.06
N ARG B 644 7.60 23.09 -20.56
CA ARG B 644 8.88 23.28 -21.24
C ARG B 644 8.85 22.67 -22.64
N LEU B 645 8.32 21.45 -22.75
CA LEU B 645 8.27 20.80 -24.07
C LEU B 645 7.36 21.54 -25.04
N ILE B 646 6.23 22.05 -24.54
CA ILE B 646 5.36 22.86 -25.39
C ILE B 646 6.11 24.08 -25.90
N ARG B 647 6.88 24.72 -25.02
CA ARG B 647 7.67 25.87 -25.43
C ARG B 647 8.68 25.47 -26.52
N GLU B 648 9.33 24.32 -26.34
CA GLU B 648 10.34 23.90 -27.31
C GLU B 648 9.73 23.62 -28.69
N PHE B 649 8.59 22.92 -28.72
CA PHE B 649 7.93 22.73 -30.01
C PHE B 649 7.40 24.03 -30.59
N HIS B 650 6.97 24.97 -29.75
CA HIS B 650 6.55 26.27 -30.28
C HIS B 650 7.70 26.98 -30.96
N SER B 651 8.89 26.92 -30.33
CA SER B 651 10.07 27.53 -30.94
C SER B 651 10.59 26.73 -32.14
N ARG B 652 10.22 25.45 -32.23
CA ARG B 652 10.72 24.61 -33.31
C ARG B 652 10.16 25.08 -34.65
N PRO B 653 10.97 25.08 -35.71
CA PRO B 653 10.46 25.46 -37.03
C PRO B 653 9.46 24.46 -37.57
N ALA B 654 8.75 24.89 -38.61
CA ALA B 654 7.58 24.15 -39.10
C ALA B 654 7.97 22.86 -39.82
N LEU B 655 8.97 22.92 -40.69
CA LEU B 655 9.20 21.83 -41.61
C LEU B 655 9.78 20.59 -40.92
N ALA B 656 9.47 19.43 -41.50
CA ALA B 656 9.91 18.14 -41.00
C ALA B 656 11.39 17.93 -41.25
N PRO B 657 12.02 17.02 -40.53
CA PRO B 657 13.48 16.79 -40.69
C PRO B 657 13.89 16.51 -42.14
N PRO B 658 13.13 15.73 -42.92
CA PRO B 658 13.52 15.61 -44.34
C PRO B 658 13.37 16.90 -45.12
N PHE B 659 12.53 17.82 -44.66
CA PHE B 659 12.34 19.10 -45.34
C PHE B 659 12.80 20.29 -44.52
N ILE B 660 13.32 20.07 -43.31
CA ILE B 660 13.79 21.17 -42.47
C ILE B 660 15.06 21.80 -43.00
N VAL B 661 15.69 21.18 -44.01
CA VAL B 661 16.83 21.83 -44.66
C VAL B 661 16.38 23.13 -45.33
N ILE B 662 15.14 23.16 -45.83
CA ILE B 662 14.61 24.40 -46.39
C ILE B 662 14.51 25.47 -45.31
N SER B 663 14.04 25.09 -44.12
CA SER B 663 13.98 26.03 -43.01
C SER B 663 15.37 26.48 -42.59
N HIS B 664 16.34 25.57 -42.64
CA HIS B 664 17.72 25.93 -42.31
C HIS B 664 18.28 26.95 -43.28
N LEU B 665 18.04 26.75 -44.58
CA LEU B 665 18.46 27.75 -45.55
C LEU B 665 17.71 29.06 -45.37
N ARG B 666 16.42 29.01 -44.99
CA ARG B 666 15.69 30.23 -44.71
C ARG B 666 16.32 30.99 -43.55
N LEU B 667 16.69 30.28 -42.48
CA LEU B 667 17.33 30.92 -41.33
C LEU B 667 18.69 31.48 -41.72
N LEU B 668 19.45 30.75 -42.52
CA LEU B 668 20.74 31.24 -42.99
C LEU B 668 20.59 32.51 -43.81
N LEU B 669 19.56 32.56 -44.66
CA LEU B 669 19.25 33.78 -45.38
C LEU B 669 18.90 34.92 -44.44
N ARG B 670 18.11 34.64 -43.39
CA ARG B 670 17.76 35.67 -42.43
C ARG B 670 18.96 36.20 -41.67
N GLN B 671 20.02 35.39 -41.54
CA GLN B 671 21.27 35.88 -40.98
C GLN B 671 22.16 36.51 -42.04
N LEU B 672 22.04 36.10 -43.30
CA LEU B 672 22.81 36.70 -44.38
C LEU B 672 22.16 37.95 -44.93
N CYS B 673 20.83 38.04 -44.90
CA CYS B 673 20.16 39.26 -45.35
C CYS B 673 20.24 40.39 -44.33
N ARG B 674 20.66 40.07 -43.10
CA ARG B 674 20.85 41.12 -42.10
C ARG B 674 22.12 41.92 -42.35
N ARG B 675 23.12 41.31 -42.98
CA ARG B 675 24.37 42.02 -43.26
C ARG B 675 24.18 43.25 -44.14
N PRO B 676 23.50 43.17 -45.30
CA PRO B 676 23.31 44.39 -46.10
C PRO B 676 22.44 45.43 -45.43
N ARG B 677 21.62 45.06 -44.44
CA ARG B 677 20.75 46.01 -43.76
C ARG B 677 21.46 46.65 -42.59
N HIS B 688 7.84 34.91 -26.36
CA HIS B 688 7.65 34.00 -27.48
C HIS B 688 6.22 34.07 -28.00
N PHE B 689 5.26 33.79 -27.11
CA PHE B 689 3.85 33.91 -27.45
C PHE B 689 3.52 35.35 -27.78
N ARG B 690 3.62 36.22 -26.77
CA ARG B 690 3.57 37.68 -26.94
C ARG B 690 2.33 38.13 -27.71
N VAL B 691 1.17 37.87 -27.11
CA VAL B 691 -0.08 38.39 -27.65
C VAL B 691 -0.26 39.83 -27.22
N TYR B 692 -0.56 40.71 -28.17
CA TYR B 692 -0.66 42.13 -27.89
C TYR B 692 -1.90 42.47 -27.09
N LEU B 693 -1.77 43.40 -26.15
CA LEU B 693 -2.86 43.90 -25.33
C LEU B 693 -3.01 45.40 -25.53
N SER B 694 -4.26 45.87 -25.46
CA SER B 694 -4.53 47.28 -25.68
C SER B 694 -4.10 48.13 -24.50
N LYS B 695 -3.82 49.41 -24.78
CA LYS B 695 -3.36 50.33 -23.74
C LYS B 695 -4.43 50.53 -22.68
N GLU B 696 -5.66 50.83 -23.10
CA GLU B 696 -6.75 50.98 -22.14
C GLU B 696 -7.13 49.66 -21.49
N ALA B 697 -7.01 48.56 -22.25
CA ALA B 697 -7.23 47.24 -21.66
C ALA B 697 -6.24 46.94 -20.55
N GLU B 698 -5.04 47.52 -20.62
CA GLU B 698 -4.09 47.36 -19.52
C GLU B 698 -4.65 47.91 -18.22
N ARG B 699 -5.15 49.14 -18.25
CA ARG B 699 -5.76 49.73 -17.06
C ARG B 699 -7.01 48.97 -16.64
N LYS B 700 -7.80 48.50 -17.62
CA LYS B 700 -8.99 47.74 -17.28
C LYS B 700 -8.65 46.47 -16.53
N LEU B 701 -7.67 45.70 -17.03
CA LEU B 701 -7.28 44.47 -16.35
C LEU B 701 -6.61 44.78 -15.01
N LEU B 702 -5.90 45.89 -14.93
CA LEU B 702 -5.33 46.32 -13.65
C LEU B 702 -6.42 46.52 -12.62
N THR B 703 -7.47 47.25 -12.98
CA THR B 703 -8.58 47.48 -12.06
C THR B 703 -9.27 46.17 -11.71
N TRP B 704 -9.46 45.29 -12.70
CA TRP B 704 -10.11 44.01 -12.45
C TRP B 704 -9.32 43.16 -11.46
N GLU B 705 -8.01 43.06 -11.66
CA GLU B 705 -7.21 42.23 -10.77
C GLU B 705 -7.08 42.86 -9.39
N SER B 706 -7.10 44.20 -9.33
CA SER B 706 -7.11 44.86 -8.04
C SER B 706 -8.40 44.57 -7.27
N VAL B 707 -9.53 44.59 -7.97
CA VAL B 707 -10.81 44.26 -7.32
C VAL B 707 -10.78 42.82 -6.82
N HIS B 708 -10.31 41.90 -7.65
CA HIS B 708 -10.28 40.50 -7.22
C HIS B 708 -9.29 40.28 -6.09
N LYS B 709 -8.15 40.98 -6.09
CA LYS B 709 -7.19 40.80 -5.01
C LYS B 709 -7.74 41.35 -3.70
N GLU B 710 -8.44 42.48 -3.74
CA GLU B 710 -9.02 42.99 -2.50
C GLU B 710 -10.14 42.07 -2.02
N ASN B 711 -10.89 41.47 -2.94
CA ASN B 711 -11.88 40.47 -2.54
C ASN B 711 -11.21 39.29 -1.87
N PHE B 712 -10.06 38.85 -2.38
CA PHE B 712 -9.36 37.72 -1.78
C PHE B 712 -8.81 38.06 -0.40
N LEU B 713 -8.24 39.27 -0.25
CA LEU B 713 -7.86 39.75 1.08
C LEU B 713 -9.04 39.69 2.05
N LEU B 714 -10.18 40.27 1.66
CA LEU B 714 -11.33 40.26 2.55
C LEU B 714 -11.79 38.85 2.86
N ALA B 715 -11.79 37.96 1.87
CA ALA B 715 -12.25 36.59 2.07
C ALA B 715 -11.38 35.85 3.08
N ARG B 716 -10.05 35.90 2.90
CA ARG B 716 -9.19 35.16 3.81
C ARG B 716 -9.11 35.84 5.17
N ALA B 717 -9.29 37.16 5.22
CA ALA B 717 -9.38 37.84 6.51
C ALA B 717 -10.61 37.38 7.28
N ARG B 718 -11.75 37.26 6.60
CA ARG B 718 -12.95 36.75 7.25
C ARG B 718 -12.76 35.30 7.68
N ASP B 719 -12.09 34.50 6.86
CA ASP B 719 -11.81 33.12 7.24
C ASP B 719 -10.95 33.05 8.49
N LYS B 720 -9.90 33.88 8.57
CA LYS B 720 -9.07 33.91 9.76
C LYS B 720 -9.87 34.36 10.97
N ARG B 721 -10.72 35.38 10.80
CA ARG B 721 -11.53 35.86 11.92
C ARG B 721 -12.48 34.79 12.43
N GLU B 722 -13.10 34.04 11.51
CA GLU B 722 -14.01 32.97 11.89
C GLU B 722 -13.30 31.70 12.31
N SER B 723 -11.98 31.64 12.18
CA SER B 723 -11.23 30.50 12.71
C SER B 723 -11.45 30.38 14.21
N ASP B 724 -11.46 29.12 14.68
CA ASP B 724 -11.80 28.86 16.07
C ASP B 724 -10.77 29.43 17.04
N SER B 725 -9.49 29.32 16.70
CA SER B 725 -8.45 29.85 17.57
C SER B 725 -8.55 31.36 17.70
N GLU B 726 -8.82 32.05 16.59
CA GLU B 726 -8.97 33.50 16.63
C GLU B 726 -10.23 33.90 17.40
N ARG B 727 -11.31 33.14 17.25
CA ARG B 727 -12.49 33.38 18.06
C ARG B 727 -12.18 33.22 19.55
N LEU B 728 -11.42 32.18 19.90
CA LEU B 728 -11.06 31.95 21.29
C LEU B 728 -10.22 33.09 21.83
N LYS B 729 -9.25 33.57 21.05
CA LYS B 729 -8.41 34.67 21.55
C LYS B 729 -9.24 35.94 21.69
N ARG B 730 -10.15 36.20 20.75
CA ARG B 730 -11.01 37.37 20.88
C ARG B 730 -11.88 37.28 22.12
N THR B 731 -12.44 36.11 22.41
CA THR B 731 -13.16 35.94 23.67
C THR B 731 -12.24 36.15 24.86
N SER B 732 -10.96 35.80 24.72
CA SER B 732 -10.01 36.01 25.81
C SER B 732 -9.80 37.50 26.09
N GLN B 733 -9.57 38.30 25.04
CA GLN B 733 -9.44 39.74 25.29
C GLN B 733 -10.78 40.41 25.56
N LYS B 734 -11.90 39.72 25.38
CA LYS B 734 -13.14 40.24 25.93
C LYS B 734 -13.25 39.95 27.42
N VAL B 735 -12.90 38.73 27.83
CA VAL B 735 -13.04 38.33 29.23
C VAL B 735 -12.08 39.11 30.11
N ASP B 736 -10.82 39.27 29.68
CA ASP B 736 -9.87 40.00 30.50
C ASP B 736 -10.26 41.47 30.60
N LEU B 737 -10.79 42.04 29.53
CA LEU B 737 -11.27 43.42 29.56
C LEU B 737 -12.45 43.56 30.53
N ALA B 738 -13.35 42.58 30.53
CA ALA B 738 -14.45 42.60 31.49
C ALA B 738 -13.92 42.50 32.92
N LEU B 739 -12.94 41.63 33.15
CA LEU B 739 -12.38 41.49 34.49
C LEU B 739 -11.74 42.80 34.93
N LYS B 740 -11.04 43.47 34.01
CA LYS B 740 -10.46 44.77 34.33
C LYS B 740 -11.53 45.80 34.67
N GLN B 741 -12.58 45.89 33.84
CA GLN B 741 -13.58 46.94 34.05
C GLN B 741 -14.35 46.72 35.35
N LEU B 742 -14.56 45.46 35.75
CA LEU B 742 -15.03 45.22 37.12
C LEU B 742 -13.98 45.60 38.15
N GLY B 743 -12.70 45.37 37.86
CA GLY B 743 -11.66 45.83 38.76
C GLY B 743 -11.63 47.32 38.97
N HIS B 744 -12.15 48.09 38.02
CA HIS B 744 -12.28 49.53 38.16
C HIS B 744 -13.50 49.95 38.98
N ILE B 745 -14.42 49.05 39.28
CA ILE B 745 -15.60 49.36 40.08
C ILE B 745 -15.65 48.58 41.38
N ARG B 746 -14.53 47.95 41.79
CA ARG B 746 -14.53 47.22 43.04
C ARG B 746 -14.65 48.13 44.26
N GLU B 747 -14.32 49.41 44.11
CA GLU B 747 -14.36 50.34 45.24
C GLU B 747 -15.77 50.57 45.76
N TYR B 748 -16.79 50.22 44.99
CA TYR B 748 -18.18 50.42 45.40
C TYR B 748 -18.54 49.50 46.57
N ARG C 1 -37.62 10.15 55.24
CA ARG C 1 -37.57 8.85 55.90
C ARG C 1 -37.19 7.75 54.90
N SER C 2 -37.19 6.52 55.40
CA SER C 2 -36.80 5.39 54.55
C SER C 2 -37.80 5.16 53.43
N PHE C 3 -39.09 5.12 53.76
CA PHE C 3 -40.11 4.79 52.76
C PHE C 3 -40.25 5.89 51.71
N HIS C 4 -40.04 7.15 52.10
CA HIS C 4 -40.11 8.24 51.14
C HIS C 4 -39.06 8.10 50.05
N LEU C 5 -37.84 7.69 50.41
CA LEU C 5 -36.81 7.41 49.43
C LEU C 5 -37.04 6.10 48.70
N GLU C 6 -37.61 5.10 49.37
CA GLU C 6 -37.89 3.82 48.71
C GLU C 6 -38.88 4.00 47.58
N ALA C 7 -39.95 4.76 47.81
CA ALA C 7 -40.94 5.00 46.76
C ALA C 7 -40.33 5.76 45.59
N SER C 8 -39.49 6.76 45.88
CA SER C 8 -38.82 7.49 44.82
C SER C 8 -37.90 6.58 44.02
N LEU C 9 -37.24 5.64 44.68
CA LEU C 9 -36.40 4.68 43.98
C LEU C 9 -37.23 3.74 43.10
N MET C 10 -38.38 3.28 43.60
CA MET C 10 -39.29 2.50 42.76
C MET C 10 -39.67 3.27 41.51
N ASP C 11 -40.03 4.55 41.68
CA ASP C 11 -40.43 5.36 40.53
C ASP C 11 -39.28 5.57 39.55
N ALA C 12 -38.09 5.89 40.07
CA ALA C 12 -36.94 6.16 39.22
C ALA C 12 -36.38 4.90 38.59
N LEU C 13 -36.79 3.73 39.06
CA LEU C 13 -36.46 2.50 38.35
C LEU C 13 -37.54 2.12 37.34
N LEU C 14 -38.81 2.42 37.64
CA LEU C 14 -39.88 2.17 36.67
C LEU C 14 -39.70 3.03 35.43
N ASN C 15 -39.38 4.31 35.61
CA ASN C 15 -39.03 5.15 34.47
C ASN C 15 -37.50 5.27 34.40
N ASP C 16 -37.00 5.70 33.24
CA ASP C 16 -35.56 5.73 33.03
C ASP C 16 -34.89 6.71 33.99
N ARG C 17 -35.11 8.03 33.78
CA ARG C 17 -34.65 9.14 34.62
C ARG C 17 -33.34 8.84 35.34
N PRO C 18 -32.24 8.69 34.62
CA PRO C 18 -30.98 8.27 35.27
C PRO C 18 -30.46 9.25 36.30
N GLU C 19 -30.76 10.55 36.14
CA GLU C 19 -30.23 11.54 37.07
C GLU C 19 -30.79 11.34 38.48
N PHE C 20 -32.09 11.06 38.59
CA PHE C 20 -32.69 10.81 39.90
C PHE C 20 -32.10 9.56 40.53
N VAL C 21 -31.87 8.52 39.73
CA VAL C 21 -31.24 7.30 40.24
C VAL C 21 -29.84 7.61 40.77
N ARG C 22 -29.05 8.35 39.99
CA ARG C 22 -27.71 8.71 40.43
C ARG C 22 -27.75 9.47 41.74
N LEU C 23 -28.63 10.47 41.84
CA LEU C 23 -28.73 11.26 43.07
C LEU C 23 -29.13 10.40 44.26
N LEU C 24 -30.12 9.52 44.06
CA LEU C 24 -30.62 8.73 45.17
C LEU C 24 -29.57 7.76 45.71
N ILE C 25 -28.95 6.96 44.83
CA ILE C 25 -27.93 6.04 45.32
C ILE C 25 -26.68 6.79 45.77
N SER C 26 -26.41 7.98 45.24
CA SER C 26 -25.31 8.78 45.78
C SER C 26 -25.60 9.19 47.21
N HIS C 27 -26.84 9.56 47.51
CA HIS C 27 -27.20 9.94 48.87
C HIS C 27 -27.37 8.75 49.81
N GLY C 28 -27.51 7.54 49.28
CA GLY C 28 -27.56 6.36 50.11
C GLY C 28 -28.95 5.79 50.35
N LEU C 29 -29.12 4.51 50.05
CA LEU C 29 -30.38 3.80 50.31
C LEU C 29 -30.13 2.54 51.13
N SER C 30 -31.15 1.71 51.28
CA SER C 30 -31.01 0.49 52.08
C SER C 30 -30.29 -0.60 51.28
N LEU C 31 -30.84 -0.97 50.12
CA LEU C 31 -30.28 -2.01 49.25
C LEU C 31 -30.30 -3.39 49.91
N GLY C 32 -30.85 -3.48 51.13
CA GLY C 32 -30.99 -4.75 51.79
C GLY C 32 -32.44 -5.07 52.08
N HIS C 33 -33.25 -4.03 52.28
CA HIS C 33 -34.68 -4.16 52.43
C HIS C 33 -35.45 -3.67 51.20
N PHE C 34 -34.74 -3.11 50.21
CA PHE C 34 -35.35 -2.65 48.98
C PHE C 34 -35.59 -3.78 47.98
N LEU C 35 -34.99 -4.95 48.21
CA LEU C 35 -35.01 -6.06 47.26
C LEU C 35 -35.97 -7.17 47.68
N THR C 36 -37.12 -6.83 48.24
CA THR C 36 -38.10 -7.84 48.58
C THR C 36 -38.67 -8.47 47.30
N PRO C 37 -39.05 -9.75 47.36
CA PRO C 37 -39.55 -10.42 46.14
C PRO C 37 -40.78 -9.75 45.55
N MET C 38 -41.61 -9.12 46.37
CA MET C 38 -42.76 -8.39 45.83
C MET C 38 -42.28 -7.23 44.94
N ARG C 39 -41.28 -6.49 45.40
CA ARG C 39 -40.74 -5.41 44.59
C ARG C 39 -40.01 -5.93 43.36
N LEU C 40 -39.34 -7.08 43.49
CA LEU C 40 -38.74 -7.71 42.33
C LEU C 40 -39.79 -8.03 41.27
N ALA C 41 -40.92 -8.62 41.68
CA ALA C 41 -41.99 -8.92 40.74
C ALA C 41 -42.58 -7.64 40.15
N GLN C 42 -42.74 -6.60 40.97
CA GLN C 42 -43.29 -5.35 40.48
C GLN C 42 -42.40 -4.73 39.41
N LEU C 43 -41.09 -4.71 39.65
CA LEU C 43 -40.16 -4.17 38.65
C LEU C 43 -40.10 -5.04 37.41
N TYR C 44 -40.19 -6.37 37.58
CA TYR C 44 -40.20 -7.26 36.43
C TYR C 44 -41.45 -7.05 35.58
N SER C 45 -42.57 -6.67 36.21
CA SER C 45 -43.81 -6.43 35.50
C SER C 45 -43.76 -5.17 34.63
N ALA C 46 -42.72 -4.35 34.76
CA ALA C 46 -42.61 -3.11 34.00
C ALA C 46 -42.22 -3.32 32.54
N ALA C 47 -42.00 -4.56 32.12
CA ALA C 47 -41.64 -4.83 30.74
C ALA C 47 -42.80 -4.49 29.80
N PRO C 48 -42.50 -3.90 28.64
CA PRO C 48 -43.56 -3.57 27.68
C PRO C 48 -44.25 -4.83 27.17
N SER C 49 -45.55 -4.71 26.93
CA SER C 49 -46.31 -5.85 26.40
C SER C 49 -45.84 -6.22 25.00
N ASN C 50 -45.65 -5.22 24.15
CA ASN C 50 -45.18 -5.43 22.78
C ASN C 50 -43.66 -5.34 22.68
N SER C 51 -42.97 -6.14 23.49
CA SER C 51 -41.52 -6.18 23.52
C SER C 51 -41.05 -7.63 23.43
N LEU C 52 -39.74 -7.82 23.61
CA LEU C 52 -39.13 -9.13 23.58
C LEU C 52 -38.91 -9.71 24.98
N ILE C 53 -39.50 -9.09 26.01
CA ILE C 53 -39.31 -9.50 27.39
C ILE C 53 -40.55 -10.22 27.92
N ARG C 54 -41.72 -9.61 27.76
CA ARG C 54 -42.95 -10.19 28.31
C ARG C 54 -43.27 -11.53 27.65
N ASN C 55 -43.10 -11.63 26.33
CA ASN C 55 -43.37 -12.88 25.65
C ASN C 55 -42.46 -14.00 26.14
N LEU C 56 -41.17 -13.71 26.30
CA LEU C 56 -40.24 -14.71 26.79
C LEU C 56 -40.54 -15.08 28.24
N LEU C 57 -40.93 -14.10 29.06
CA LEU C 57 -41.30 -14.39 30.44
C LEU C 57 -42.53 -15.29 30.49
N ASP C 58 -43.52 -15.02 29.66
CA ASP C 58 -44.71 -15.87 29.60
C ASP C 58 -44.37 -17.27 29.13
N GLN C 59 -43.48 -17.39 28.13
CA GLN C 59 -43.05 -18.70 27.67
C GLN C 59 -42.33 -19.46 28.77
N ALA C 60 -41.47 -18.78 29.53
CA ALA C 60 -40.78 -19.42 30.64
C ALA C 60 -41.75 -19.87 31.72
N SER C 61 -42.76 -19.04 32.02
CA SER C 61 -43.76 -19.41 33.02
C SER C 61 -44.56 -20.62 32.55
N HIS C 62 -44.92 -20.66 31.27
CA HIS C 62 -45.69 -21.78 30.74
C HIS C 62 -44.86 -23.04 30.54
N SER C 63 -43.53 -22.91 30.49
CA SER C 63 -42.67 -24.08 30.33
C SER C 63 -42.67 -24.95 31.59
N VAL C 83 -27.67 -20.16 28.46
CA VAL C 83 -28.61 -19.05 28.51
C VAL C 83 -29.99 -19.55 28.90
N GLY C 84 -30.37 -20.72 28.37
CA GLY C 84 -31.66 -21.28 28.71
C GLY C 84 -31.81 -21.55 30.20
N HIS C 85 -30.75 -22.05 30.83
CA HIS C 85 -30.79 -22.27 32.27
C HIS C 85 -30.99 -20.98 33.03
N VAL C 86 -30.45 -19.86 32.52
CA VAL C 86 -30.67 -18.56 33.15
C VAL C 86 -32.15 -18.21 33.11
N LEU C 87 -32.80 -18.45 31.95
CA LEU C 87 -34.23 -18.20 31.84
C LEU C 87 -35.02 -19.10 32.79
N ARG C 88 -34.62 -20.37 32.92
CA ARG C 88 -35.30 -21.25 33.86
C ARG C 88 -35.17 -20.75 35.29
N MET C 89 -33.97 -20.29 35.67
CA MET C 89 -33.73 -19.84 37.03
C MET C 89 -34.41 -18.52 37.35
N LEU C 90 -34.49 -17.60 36.39
CA LEU C 90 -35.13 -16.31 36.62
C LEU C 90 -36.64 -16.46 36.52
N LEU C 91 -37.35 -15.80 37.43
CA LEU C 91 -38.81 -15.83 37.45
C LEU C 91 -39.34 -14.42 37.70
N GLY C 92 -40.55 -14.16 37.23
CA GLY C 92 -41.18 -12.86 37.39
C GLY C 92 -41.54 -12.53 38.83
N PRO C 138 -26.89 -8.32 45.31
CA PRO C 138 -27.93 -7.28 45.27
C PRO C 138 -27.92 -6.49 43.97
N TRP C 139 -26.75 -5.94 43.61
CA TRP C 139 -26.64 -5.20 42.36
C TRP C 139 -26.80 -6.09 41.14
N SER C 140 -26.53 -7.39 41.29
CA SER C 140 -26.60 -8.31 40.16
C SER C 140 -28.03 -8.41 39.62
N ASP C 141 -29.01 -8.47 40.52
CA ASP C 141 -30.40 -8.56 40.07
C ASP C 141 -30.79 -7.31 39.28
N LEU C 142 -30.43 -6.13 39.78
CA LEU C 142 -30.74 -4.90 39.05
C LEU C 142 -30.02 -4.87 37.71
N LEU C 143 -28.77 -5.33 37.68
CA LEU C 143 -28.02 -5.34 36.43
C LEU C 143 -28.66 -6.25 35.40
N LEU C 144 -29.08 -7.45 35.81
CA LEU C 144 -29.71 -8.37 34.87
C LEU C 144 -31.07 -7.86 34.42
N TRP C 145 -31.79 -7.20 35.34
CA TRP C 145 -33.06 -6.59 34.95
C TRP C 145 -32.85 -5.50 33.91
N ALA C 146 -31.82 -4.67 34.10
CA ALA C 146 -31.51 -3.64 33.11
C ALA C 146 -31.11 -4.27 31.78
N LEU C 147 -30.35 -5.36 31.82
CA LEU C 147 -29.96 -6.04 30.59
C LEU C 147 -31.18 -6.55 29.84
N LEU C 148 -32.07 -7.27 30.52
CA LEU C 148 -33.25 -7.79 29.85
C LEU C 148 -34.16 -6.67 29.36
N LEU C 149 -34.29 -5.59 30.13
CA LEU C 149 -35.06 -4.43 29.71
C LEU C 149 -34.27 -3.52 28.78
N ASN C 150 -32.99 -3.80 28.56
CA ASN C 150 -32.11 -3.04 27.67
C ASN C 150 -31.95 -1.58 28.12
N ARG C 151 -31.89 -1.35 29.43
CA ARG C 151 -31.60 -0.02 29.96
C ARG C 151 -30.09 0.17 29.98
N ALA C 152 -29.57 0.93 29.01
CA ALA C 152 -28.12 1.09 28.88
C ALA C 152 -27.52 1.79 30.09
N GLN C 153 -28.07 2.96 30.45
CA GLN C 153 -27.49 3.73 31.54
C GLN C 153 -27.69 3.03 32.88
N MET C 154 -28.86 2.42 33.08
CA MET C 154 -29.10 1.66 34.31
C MET C 154 -28.12 0.49 34.42
N ALA C 155 -27.91 -0.23 33.32
CA ALA C 155 -26.98 -1.36 33.35
C ALA C 155 -25.56 -0.89 33.65
N MET C 156 -25.14 0.22 33.03
CA MET C 156 -23.80 0.74 33.31
C MET C 156 -23.67 1.15 34.77
N TYR C 157 -24.68 1.83 35.31
CA TYR C 157 -24.63 2.24 36.72
C TYR C 157 -24.57 1.04 37.65
N PHE C 158 -25.38 0.02 37.36
CA PHE C 158 -25.39 -1.16 38.21
C PHE C 158 -24.06 -1.89 38.16
N TRP C 159 -23.44 -1.98 36.98
CA TRP C 159 -22.13 -2.60 36.87
C TRP C 159 -21.08 -1.78 37.63
N GLU C 160 -21.16 -0.44 37.53
CA GLU C 160 -20.20 0.41 38.21
C GLU C 160 -20.34 0.31 39.72
N MET C 161 -21.56 0.09 40.22
CA MET C 161 -21.79 0.05 41.65
C MET C 161 -21.67 -1.35 42.24
N GLY C 162 -21.71 -2.39 41.42
CA GLY C 162 -21.73 -3.74 41.93
C GLY C 162 -20.36 -4.35 42.12
N SER C 163 -20.37 -5.58 42.61
CA SER C 163 -19.15 -6.36 42.83
C SER C 163 -18.82 -7.15 41.57
N ASN C 164 -17.78 -7.99 41.69
CA ASN C 164 -17.33 -8.93 40.64
C ASN C 164 -17.51 -8.35 39.24
N ALA C 165 -16.96 -7.15 39.03
CA ALA C 165 -17.31 -6.34 37.87
C ALA C 165 -16.93 -7.02 36.57
N VAL C 166 -15.77 -7.66 36.50
CA VAL C 166 -15.32 -8.27 35.25
C VAL C 166 -16.25 -9.43 34.87
N SER C 167 -16.57 -10.29 35.84
CA SER C 167 -17.45 -11.41 35.56
C SER C 167 -18.84 -10.93 35.19
N SER C 168 -19.34 -9.92 35.89
CA SER C 168 -20.66 -9.38 35.58
C SER C 168 -20.69 -8.79 34.19
N ALA C 169 -19.63 -8.08 33.80
CA ALA C 169 -19.56 -7.49 32.46
C ALA C 169 -19.51 -8.57 31.39
N LEU C 170 -18.73 -9.63 31.61
CA LEU C 170 -18.66 -10.71 30.64
C LEU C 170 -20.01 -11.40 30.50
N GLY C 171 -20.67 -11.66 31.62
CA GLY C 171 -22.00 -12.26 31.55
C GLY C 171 -23.00 -11.35 30.84
N ALA C 172 -22.90 -10.05 31.08
CA ALA C 172 -23.75 -9.09 30.39
C ALA C 172 -23.51 -9.12 28.89
N CYS C 173 -22.24 -9.16 28.48
CA CYS C 173 -21.92 -9.24 27.07
C CYS C 173 -22.49 -10.51 26.45
N LEU C 174 -22.35 -11.63 27.16
CA LEU C 174 -22.93 -12.88 26.66
C LEU C 174 -24.44 -12.77 26.50
N LEU C 175 -25.12 -12.24 27.51
CA LEU C 175 -26.58 -12.13 27.46
C LEU C 175 -27.00 -11.23 26.31
N LEU C 176 -26.32 -10.09 26.14
CA LEU C 176 -26.67 -9.16 25.07
C LEU C 176 -26.42 -9.77 23.69
N ARG C 177 -25.29 -10.48 23.52
CA ARG C 177 -25.03 -11.12 22.24
C ARG C 177 -26.09 -12.16 21.92
N VAL C 178 -26.42 -13.02 22.89
CA VAL C 178 -27.41 -14.07 22.65
C VAL C 178 -28.78 -13.46 22.34
N MET C 179 -29.17 -12.45 23.12
CA MET C 179 -30.48 -11.85 22.92
C MET C 179 -30.55 -11.10 21.59
N ALA C 180 -29.46 -10.44 21.19
CA ALA C 180 -29.43 -9.77 19.89
C ALA C 180 -29.51 -10.78 18.76
N ARG C 181 -28.84 -11.93 18.91
CA ARG C 181 -28.98 -12.99 17.91
C ARG C 181 -30.41 -13.49 17.84
N LEU C 182 -31.10 -13.54 18.98
CA LEU C 182 -32.50 -13.95 19.01
C LEU C 182 -33.47 -12.82 18.62
N GLU C 183 -32.97 -11.60 18.47
CA GLU C 183 -33.86 -10.47 18.21
C GLU C 183 -34.50 -10.59 16.82
N PRO C 184 -35.80 -10.31 16.70
CA PRO C 184 -36.43 -10.31 15.37
C PRO C 184 -36.20 -9.02 14.60
N ASP C 185 -36.07 -7.90 15.32
CA ASP C 185 -35.92 -6.59 14.71
C ASP C 185 -34.46 -6.16 14.73
N ALA C 186 -34.07 -5.41 13.68
CA ALA C 186 -32.68 -5.04 13.50
C ALA C 186 -32.24 -3.94 14.46
N GLU C 187 -33.11 -2.97 14.74
CA GLU C 187 -32.71 -1.83 15.55
C GLU C 187 -32.43 -2.24 17.00
N GLU C 188 -33.28 -3.11 17.56
CA GLU C 188 -33.07 -3.58 18.93
C GLU C 188 -31.79 -4.41 19.01
N ALA C 189 -31.55 -5.26 18.01
CA ALA C 189 -30.32 -6.04 17.99
C ALA C 189 -29.10 -5.14 17.89
N ALA C 190 -29.17 -4.09 17.07
CA ALA C 190 -28.04 -3.19 16.91
C ALA C 190 -27.74 -2.43 18.21
N ARG C 191 -28.78 -1.89 18.86
CA ARG C 191 -28.56 -1.17 20.10
C ARG C 191 -28.03 -2.11 21.18
N ARG C 192 -28.57 -3.32 21.26
CA ARG C 192 -28.07 -4.29 22.24
C ARG C 192 -26.63 -4.67 21.97
N LYS C 193 -26.26 -4.83 20.70
CA LYS C 193 -24.89 -5.27 20.39
C LYS C 193 -23.89 -4.15 20.60
N ASP C 194 -24.28 -2.90 20.34
CA ASP C 194 -23.35 -1.80 20.65
C ASP C 194 -23.21 -1.61 22.16
N LEU C 195 -24.30 -1.83 22.90
CA LEU C 195 -24.19 -1.82 24.36
C LEU C 195 -23.24 -2.93 24.83
N ALA C 196 -23.34 -4.11 24.22
CA ALA C 196 -22.42 -5.20 24.56
C ALA C 196 -20.99 -4.84 24.21
N PHE C 197 -20.78 -4.18 23.07
CA PHE C 197 -19.44 -3.75 22.69
C PHE C 197 -18.85 -2.79 23.71
N LYS C 198 -19.66 -1.81 24.15
CA LYS C 198 -19.17 -0.87 25.16
C LYS C 198 -18.89 -1.58 26.48
N PHE C 199 -19.75 -2.53 26.85
CA PHE C 199 -19.55 -3.29 28.08
C PHE C 199 -18.24 -4.08 28.02
N GLU C 200 -17.99 -4.73 26.89
CA GLU C 200 -16.75 -5.47 26.72
C GLU C 200 -15.55 -4.55 26.76
N GLY C 201 -15.68 -3.36 26.16
CA GLY C 201 -14.58 -2.41 26.18
C GLY C 201 -14.24 -1.96 27.59
N MET C 202 -15.26 -1.61 28.38
CA MET C 202 -14.99 -1.14 29.74
C MET C 202 -14.46 -2.28 30.60
N GLY C 203 -14.95 -3.51 30.39
CA GLY C 203 -14.42 -4.64 31.11
C GLY C 203 -12.96 -4.90 30.76
N VAL C 204 -12.61 -4.77 29.49
CA VAL C 204 -11.23 -4.94 29.07
C VAL C 204 -10.34 -3.88 29.70
N ASP C 205 -10.80 -2.63 29.72
CA ASP C 205 -10.02 -1.56 30.34
C ASP C 205 -9.85 -1.81 31.83
N LEU C 206 -10.92 -2.26 32.50
CA LEU C 206 -10.83 -2.57 33.92
C LEU C 206 -9.82 -3.69 34.17
N PHE C 207 -9.86 -4.75 33.37
CA PHE C 207 -8.93 -5.84 33.57
C PHE C 207 -7.49 -5.41 33.28
N GLY C 208 -7.32 -4.53 32.28
CA GLY C 208 -5.98 -4.03 32.00
C GLY C 208 -5.42 -3.22 33.14
N GLU C 209 -6.23 -2.33 33.72
CA GLU C 209 -5.74 -1.55 34.86
C GLU C 209 -5.54 -2.43 36.09
N CYS C 210 -6.32 -3.51 36.23
CA CYS C 210 -6.07 -4.45 37.31
C CYS C 210 -4.75 -5.18 37.11
N TYR C 211 -4.48 -5.62 35.88
CA TYR C 211 -3.23 -6.31 35.58
C TYR C 211 -2.04 -5.39 35.79
N ARG C 212 -2.19 -4.11 35.47
CA ARG C 212 -1.09 -3.16 35.59
C ARG C 212 -0.62 -2.99 37.04
N SER C 213 -1.41 -3.41 38.01
CA SER C 213 -1.07 -3.28 39.42
C SER C 213 -0.56 -4.59 40.03
N SER C 214 -1.37 -5.64 39.99
CA SER C 214 -1.06 -6.91 40.65
C SER C 214 -1.19 -8.03 39.64
N GLU C 215 -0.06 -8.49 39.11
CA GLU C 215 -0.06 -9.54 38.09
C GLU C 215 -0.66 -10.82 38.64
N VAL C 216 -0.20 -11.27 39.82
CA VAL C 216 -0.64 -12.55 40.36
C VAL C 216 -2.11 -12.48 40.79
N ARG C 217 -2.52 -11.36 41.40
CA ARG C 217 -3.91 -11.22 41.80
C ARG C 217 -4.83 -11.22 40.58
N ALA C 218 -4.45 -10.47 39.54
CA ALA C 218 -5.25 -10.47 38.32
C ALA C 218 -5.30 -11.87 37.70
N ALA C 219 -4.18 -12.59 37.75
CA ALA C 219 -4.14 -13.95 37.22
C ALA C 219 -5.12 -14.85 37.96
N ARG C 220 -5.12 -14.78 39.30
CA ARG C 220 -6.01 -15.65 40.05
C ARG C 220 -7.45 -15.17 40.06
N LEU C 221 -7.72 -13.95 39.58
CA LEU C 221 -9.11 -13.52 39.41
C LEU C 221 -9.84 -14.38 38.38
N LEU C 222 -9.16 -14.77 37.31
CA LEU C 222 -9.83 -15.45 36.20
C LEU C 222 -10.41 -16.79 36.63
N LEU C 223 -9.54 -17.71 37.08
CA LEU C 223 -9.99 -19.06 37.40
C LEU C 223 -10.91 -19.11 38.61
N ARG C 224 -11.17 -17.97 39.25
CA ARG C 224 -12.19 -17.90 40.27
C ARG C 224 -13.54 -18.32 39.71
N ARG C 225 -14.23 -19.20 40.42
CA ARG C 225 -15.56 -19.66 40.03
C ARG C 225 -16.57 -18.67 40.59
N CYS C 226 -17.10 -17.83 39.73
CA CYS C 226 -18.10 -16.87 40.17
C CYS C 226 -19.45 -17.57 40.36
N PRO C 227 -20.10 -17.39 41.51
CA PRO C 227 -21.40 -18.08 41.73
C PRO C 227 -22.47 -17.65 40.74
N LEU C 228 -22.36 -16.46 40.17
CA LEU C 228 -23.35 -15.99 39.21
C LEU C 228 -23.04 -16.54 37.82
N TRP C 229 -24.00 -16.34 36.91
CA TRP C 229 -23.88 -16.74 35.51
C TRP C 229 -23.63 -18.24 35.35
N GLY C 230 -24.25 -19.05 36.21
CA GLY C 230 -24.12 -20.49 36.09
C GLY C 230 -22.78 -21.06 36.46
N ASP C 231 -22.06 -20.41 37.38
CA ASP C 231 -20.76 -20.90 37.86
C ASP C 231 -19.77 -21.10 36.71
N ALA C 232 -19.74 -20.14 35.79
CA ALA C 232 -18.89 -20.21 34.62
C ALA C 232 -17.64 -19.36 34.82
N THR C 233 -16.49 -19.91 34.43
CA THR C 233 -15.24 -19.18 34.49
C THR C 233 -15.26 -18.02 33.48
N CYS C 234 -14.56 -16.95 33.84
CA CYS C 234 -14.57 -15.74 33.02
C CYS C 234 -14.13 -16.02 31.59
N LEU C 235 -13.10 -16.86 31.42
CA LEU C 235 -12.64 -17.21 30.09
C LEU C 235 -13.73 -17.91 29.29
N GLN C 236 -14.46 -18.82 29.92
CA GLN C 236 -15.56 -19.49 29.23
C GLN C 236 -16.64 -18.50 28.82
N LEU C 237 -16.95 -17.53 29.70
CA LEU C 237 -17.93 -16.51 29.35
C LEU C 237 -17.48 -15.71 28.14
N ALA C 238 -16.20 -15.31 28.13
CA ALA C 238 -15.69 -14.54 27.00
C ALA C 238 -15.72 -15.35 25.71
N MET C 239 -15.37 -16.64 25.79
CA MET C 239 -15.40 -17.47 24.60
C MET C 239 -16.82 -17.66 24.08
N GLN C 240 -17.76 -17.95 24.98
CA GLN C 240 -19.14 -18.16 24.53
C GLN C 240 -19.73 -16.87 24.00
N ALA C 241 -19.30 -15.73 24.54
CA ALA C 241 -19.68 -14.43 23.98
C ALA C 241 -18.79 -14.01 22.83
N ASP C 242 -17.78 -14.80 22.48
CA ASP C 242 -16.82 -14.47 21.43
C ASP C 242 -16.15 -13.13 21.69
N ALA C 243 -15.76 -12.87 22.94
CA ALA C 243 -15.12 -11.63 23.33
C ALA C 243 -13.68 -11.64 22.81
N ARG C 244 -13.55 -11.54 21.49
CA ARG C 244 -12.24 -11.55 20.86
C ARG C 244 -11.39 -10.37 21.32
N ALA C 245 -12.00 -9.19 21.47
CA ALA C 245 -11.25 -8.07 22.00
C ALA C 245 -10.74 -8.33 23.41
N PHE C 246 -11.51 -9.04 24.22
CA PHE C 246 -11.06 -9.41 25.55
C PHE C 246 -9.89 -10.39 25.47
N PHE C 247 -9.99 -11.41 24.60
CA PHE C 247 -8.91 -12.37 24.47
C PHE C 247 -7.64 -11.74 23.92
N ALA C 248 -7.78 -10.67 23.12
CA ALA C 248 -6.62 -10.03 22.53
C ALA C 248 -5.80 -9.27 23.55
N GLN C 249 -6.31 -9.10 24.76
CA GLN C 249 -5.61 -8.33 25.79
C GLN C 249 -4.30 -9.01 26.15
N ASP C 250 -3.26 -8.20 26.37
CA ASP C 250 -1.93 -8.74 26.61
C ASP C 250 -1.86 -9.56 27.89
N GLY C 251 -2.60 -9.15 28.93
CA GLY C 251 -2.58 -9.90 30.18
C GLY C 251 -3.12 -11.30 30.03
N VAL C 252 -4.28 -11.43 29.38
CA VAL C 252 -4.83 -12.77 29.18
C VAL C 252 -3.98 -13.56 28.19
N GLN C 253 -3.35 -12.88 27.22
CA GLN C 253 -2.43 -13.58 26.33
C GLN C 253 -1.27 -14.18 27.11
N SER C 254 -0.71 -13.40 28.04
CA SER C 254 0.39 -13.91 28.88
C SER C 254 -0.09 -15.04 29.78
N LEU C 255 -1.32 -14.92 30.31
CA LEU C 255 -1.84 -15.99 31.16
C LEU C 255 -2.01 -17.29 30.38
N LEU C 256 -2.58 -17.21 29.17
CA LEU C 256 -2.72 -18.41 28.37
C LEU C 256 -1.36 -18.97 27.96
N THR C 257 -0.39 -18.09 27.70
CA THR C 257 0.96 -18.57 27.43
C THR C 257 1.52 -19.34 28.61
N GLN C 258 1.32 -18.82 29.83
CA GLN C 258 1.80 -19.50 31.01
C GLN C 258 1.11 -20.85 31.20
N LYS C 259 -0.20 -20.91 30.94
CA LYS C 259 -0.90 -22.18 31.07
C LYS C 259 -0.44 -23.19 30.04
N TRP C 260 -0.21 -22.73 28.80
CA TRP C 260 0.34 -23.63 27.78
C TRP C 260 1.74 -24.09 28.14
N TRP C 261 2.49 -23.29 28.89
CA TRP C 261 3.76 -23.70 29.47
C TRP C 261 3.59 -24.04 30.95
N GLY C 262 2.49 -24.69 31.31
CA GLY C 262 2.16 -24.96 32.69
C GLY C 262 3.25 -25.67 33.47
N ASP C 263 3.71 -25.05 34.55
CA ASP C 263 4.81 -25.57 35.37
C ASP C 263 6.04 -25.87 34.52
N MET C 264 6.39 -24.96 33.63
CA MET C 264 7.43 -25.22 32.64
C MET C 264 8.35 -24.02 32.42
N ALA C 265 8.25 -22.99 33.26
CA ALA C 265 9.12 -21.80 33.15
C ALA C 265 8.95 -21.13 31.79
N SER C 266 7.76 -20.54 31.61
CA SER C 266 7.27 -20.05 30.32
C SER C 266 8.27 -19.20 29.55
N THR C 267 9.27 -18.66 30.22
CA THR C 267 10.30 -17.87 29.56
C THR C 267 11.44 -18.71 28.99
N THR C 268 11.39 -20.03 29.16
CA THR C 268 12.46 -20.88 28.69
C THR C 268 12.51 -20.92 27.17
N PRO C 269 13.69 -21.00 26.57
CA PRO C 269 13.80 -21.08 25.11
C PRO C 269 13.30 -22.42 24.58
N ILE C 270 12.90 -22.40 23.32
CA ILE C 270 12.29 -23.58 22.69
C ILE C 270 13.29 -24.72 22.59
N TRP C 271 14.54 -24.40 22.21
CA TRP C 271 15.52 -25.45 21.96
C TRP C 271 15.81 -26.25 23.22
N ALA C 272 15.85 -25.58 24.36
CA ALA C 272 16.03 -26.28 25.64
C ALA C 272 14.91 -27.29 25.86
N LEU C 273 13.67 -26.86 25.60
CA LEU C 273 12.52 -27.75 25.79
C LEU C 273 12.58 -28.95 24.87
N VAL C 274 12.91 -28.73 23.58
CA VAL C 274 12.87 -29.84 22.63
C VAL C 274 14.02 -30.81 22.91
N LEU C 275 15.19 -30.28 23.28
CA LEU C 275 16.30 -31.16 23.66
C LEU C 275 15.95 -31.96 24.91
N ALA C 276 15.26 -31.34 25.87
CA ALA C 276 14.79 -32.09 27.04
C ALA C 276 13.80 -33.15 26.63
N PHE C 277 12.97 -32.87 25.62
CA PHE C 277 12.02 -33.87 25.14
C PHE C 277 12.73 -35.09 24.58
N PHE C 278 13.79 -34.87 23.78
CA PHE C 278 14.57 -36.02 23.32
C PHE C 278 15.35 -36.68 24.46
N CYS C 279 15.72 -35.93 25.49
CA CYS C 279 16.52 -36.47 26.59
C CYS C 279 15.73 -36.44 27.88
N PRO C 280 14.99 -37.49 28.22
CA PRO C 280 14.25 -37.53 29.49
C PRO C 280 15.15 -37.36 30.70
N PRO C 281 16.37 -37.91 30.72
CA PRO C 281 17.27 -37.62 31.84
C PRO C 281 17.65 -36.15 31.96
N LEU C 282 17.51 -35.36 30.90
CA LEU C 282 17.90 -33.96 30.96
C LEU C 282 16.96 -33.13 31.83
N ILE C 283 15.84 -33.70 32.27
CA ILE C 283 14.87 -32.94 33.06
C ILE C 283 15.49 -32.46 34.35
N TYR C 284 16.35 -33.27 34.96
CA TYR C 284 16.95 -32.94 36.26
C TYR C 284 18.31 -32.28 36.07
N THR C 285 18.29 -31.10 35.47
CA THR C 285 19.50 -30.33 35.21
C THR C 285 19.27 -28.88 35.61
N ARG C 286 20.33 -28.08 35.51
CA ARG C 286 20.25 -26.65 35.78
C ARG C 286 19.36 -25.92 34.76
N LEU C 287 19.24 -26.45 33.56
CA LEU C 287 18.42 -25.87 32.50
C LEU C 287 16.94 -26.27 32.71
N ILE C 288 16.06 -25.60 31.96
CA ILE C 288 14.63 -25.85 31.91
C ILE C 288 14.03 -25.99 33.31
N THR C 289 13.96 -24.88 34.04
CA THR C 289 13.41 -24.88 35.38
C THR C 289 11.90 -25.01 35.36
N PHE C 290 11.31 -25.07 36.55
CA PHE C 290 9.88 -25.10 36.74
C PHE C 290 9.48 -24.09 37.83
N ARG C 291 8.19 -24.11 38.18
CA ARG C 291 7.70 -23.28 39.27
C ARG C 291 8.01 -23.91 40.62
N ARG C 346 6.43 -37.32 46.22
CA ARG C 346 7.65 -37.61 45.45
C ARG C 346 7.98 -36.47 44.51
N ARG C 347 9.14 -35.83 44.74
CA ARG C 347 9.56 -34.74 43.87
C ARG C 347 9.85 -35.24 42.46
N CYS C 348 10.47 -36.42 42.34
CA CYS C 348 10.77 -36.96 41.02
C CYS C 348 9.50 -37.29 40.25
N LEU C 349 8.55 -37.96 40.89
CA LEU C 349 7.30 -38.31 40.23
C LEU C 349 6.47 -37.08 39.90
N ARG C 350 6.42 -36.10 40.81
CA ARG C 350 5.65 -34.89 40.53
C ARG C 350 6.29 -34.11 39.38
N ARG C 351 7.63 -34.07 39.32
CA ARG C 351 8.29 -33.42 38.19
C ARG C 351 7.99 -34.15 36.89
N TRP C 352 8.06 -35.49 36.92
CA TRP C 352 7.75 -36.28 35.73
C TRP C 352 6.35 -36.00 35.22
N PHE C 353 5.36 -36.07 36.12
CA PHE C 353 3.98 -35.86 35.71
C PHE C 353 3.74 -34.43 35.24
N HIS C 354 4.32 -33.44 35.95
CA HIS C 354 4.12 -32.05 35.56
C HIS C 354 4.76 -31.75 34.21
N PHE C 355 5.92 -32.34 33.91
CA PHE C 355 6.56 -32.14 32.62
C PHE C 355 5.83 -32.87 31.49
N TRP C 356 5.33 -34.07 31.74
CA TRP C 356 4.68 -34.83 30.68
C TRP C 356 3.20 -34.47 30.53
N GLY C 357 2.62 -33.71 31.44
CA GLY C 357 1.26 -33.23 31.30
C GLY C 357 1.14 -31.80 30.85
N ALA C 358 2.24 -31.10 30.65
CA ALA C 358 2.17 -29.73 30.17
C ALA C 358 1.55 -29.70 28.77
N PRO C 359 0.68 -28.72 28.48
CA PRO C 359 0.09 -28.65 27.14
C PRO C 359 1.13 -28.53 26.04
N VAL C 360 2.21 -27.78 26.28
CA VAL C 360 3.25 -27.66 25.26
C VAL C 360 3.95 -28.99 25.05
N THR C 361 4.16 -29.76 26.13
CA THR C 361 4.76 -31.07 26.00
C THR C 361 3.86 -32.01 25.21
N ILE C 362 2.55 -31.94 25.48
CA ILE C 362 1.60 -32.75 24.73
C ILE C 362 1.63 -32.36 23.26
N PHE C 363 1.73 -31.06 22.98
CA PHE C 363 1.82 -30.59 21.60
C PHE C 363 3.06 -31.13 20.92
N MET C 364 4.20 -31.09 21.59
CA MET C 364 5.42 -31.60 21.00
C MET C 364 5.34 -33.10 20.75
N GLY C 365 4.78 -33.84 21.72
CA GLY C 365 4.62 -35.27 21.54
C GLY C 365 3.71 -35.61 20.37
N ASN C 366 2.60 -34.89 20.25
CA ASN C 366 1.68 -35.13 19.14
C ASN C 366 2.32 -34.74 17.81
N VAL C 367 3.13 -33.68 17.81
CA VAL C 367 3.81 -33.28 16.56
C VAL C 367 4.79 -34.35 16.13
N VAL C 368 5.61 -34.86 17.06
CA VAL C 368 6.57 -35.88 16.68
C VAL C 368 5.88 -37.17 16.27
N SER C 369 4.77 -37.51 16.95
CA SER C 369 4.00 -38.68 16.56
C SER C 369 3.39 -38.51 15.18
N TYR C 370 2.94 -37.30 14.85
CA TYR C 370 2.34 -37.06 13.54
C TYR C 370 3.38 -37.13 12.44
N LEU C 371 4.57 -36.57 12.67
CA LEU C 371 5.63 -36.72 11.69
C LEU C 371 6.03 -38.17 11.50
N LEU C 372 6.11 -38.93 12.60
CA LEU C 372 6.40 -40.36 12.46
C LEU C 372 5.29 -41.07 11.70
N PHE C 373 4.04 -40.72 11.94
CA PHE C 373 2.93 -41.32 11.20
C PHE C 373 3.02 -41.00 9.72
N LEU C 374 3.37 -39.76 9.38
CA LEU C 374 3.49 -39.39 7.96
C LEU C 374 4.64 -40.14 7.30
N LEU C 375 5.77 -40.27 8.00
CA LEU C 375 6.89 -41.03 7.46
C LEU C 375 6.50 -42.49 7.25
N LEU C 376 5.80 -43.08 8.21
CA LEU C 376 5.34 -44.46 8.07
C LEU C 376 4.36 -44.59 6.90
N PHE C 377 3.44 -43.65 6.76
CA PHE C 377 2.47 -43.71 5.67
C PHE C 377 3.18 -43.63 4.32
N SER C 378 4.15 -42.73 4.20
CA SER C 378 4.90 -42.62 2.94
C SER C 378 5.69 -43.89 2.67
N ARG C 379 6.32 -44.47 3.70
CA ARG C 379 7.12 -45.66 3.50
C ARG C 379 6.26 -46.85 3.11
N VAL C 380 5.06 -46.97 3.67
CA VAL C 380 4.15 -48.03 3.27
C VAL C 380 3.61 -47.79 1.86
N LEU C 381 3.29 -46.54 1.53
CA LEU C 381 2.70 -46.23 0.23
C LEU C 381 3.69 -46.46 -0.91
N LEU C 382 4.93 -46.00 -0.76
CA LEU C 382 5.86 -46.02 -1.88
C LEU C 382 6.43 -47.41 -2.12
N VAL C 383 6.70 -48.17 -1.07
CA VAL C 383 7.47 -49.41 -1.23
C VAL C 383 6.63 -50.63 -0.90
N ASP C 384 6.18 -50.73 0.36
CA ASP C 384 5.55 -51.96 0.84
C ASP C 384 4.04 -51.94 0.63
N PHE C 385 3.60 -51.86 -0.62
CA PHE C 385 2.18 -51.88 -0.93
C PHE C 385 1.90 -52.79 -2.12
N GLN C 386 2.48 -53.99 -2.08
CA GLN C 386 2.26 -54.98 -3.11
C GLN C 386 0.87 -55.58 -2.98
N PRO C 387 0.34 -56.19 -4.05
CA PRO C 387 -0.95 -56.89 -3.93
C PRO C 387 -0.94 -58.04 -2.95
N ALA C 388 0.22 -58.40 -2.40
CA ALA C 388 0.33 -59.43 -1.38
C ALA C 388 -0.36 -58.96 -0.11
N PRO C 389 -0.76 -59.88 0.78
CA PRO C 389 -1.44 -59.45 2.02
C PRO C 389 -0.56 -58.54 2.84
N PRO C 390 -1.17 -57.63 3.62
CA PRO C 390 -0.38 -56.60 4.31
C PRO C 390 0.65 -57.21 5.26
N GLY C 391 1.82 -56.57 5.30
CA GLY C 391 2.89 -57.01 6.17
C GLY C 391 2.82 -56.36 7.54
N SER C 392 3.93 -56.52 8.28
CA SER C 392 3.99 -55.98 9.64
C SER C 392 3.83 -54.46 9.64
N LEU C 393 4.52 -53.78 8.71
CA LEU C 393 4.44 -52.32 8.67
C LEU C 393 3.03 -51.85 8.32
N GLU C 394 2.37 -52.52 7.38
CA GLU C 394 1.03 -52.11 7.00
C GLU C 394 0.02 -52.38 8.11
N LEU C 395 0.19 -53.50 8.82
CA LEU C 395 -0.66 -53.76 9.97
C LEU C 395 -0.44 -52.72 11.06
N LEU C 396 0.82 -52.34 11.30
CA LEU C 396 1.10 -51.30 12.28
C LEU C 396 0.47 -49.98 11.87
N LEU C 397 0.50 -49.67 10.58
CA LEU C 397 -0.16 -48.46 10.08
C LEU C 397 -1.67 -48.52 10.27
N TYR C 398 -2.26 -49.70 10.05
CA TYR C 398 -3.70 -49.85 10.31
C TYR C 398 -4.02 -49.59 11.77
N PHE C 399 -3.20 -50.15 12.68
CA PHE C 399 -3.41 -49.91 14.10
C PHE C 399 -3.23 -48.44 14.44
N TRP C 400 -2.25 -47.78 13.80
CA TRP C 400 -2.03 -46.35 14.00
C TRP C 400 -3.26 -45.54 13.63
N ALA C 401 -3.81 -45.80 12.44
CA ALA C 401 -4.98 -45.07 11.99
C ALA C 401 -6.18 -45.39 12.87
N PHE C 402 -6.26 -46.63 13.37
CA PHE C 402 -7.30 -46.97 14.33
C PHE C 402 -7.17 -46.14 15.60
N THR C 403 -5.94 -45.93 16.06
CA THR C 403 -5.72 -45.10 17.25
C THR C 403 -6.16 -43.66 17.00
N LEU C 404 -5.80 -43.12 15.82
CA LEU C 404 -6.25 -41.77 15.48
C LEU C 404 -7.76 -41.68 15.42
N LEU C 405 -8.42 -42.68 14.83
CA LEU C 405 -9.87 -42.66 14.75
C LEU C 405 -10.50 -42.72 16.14
N CYS C 406 -9.96 -43.57 17.01
CA CYS C 406 -10.49 -43.66 18.38
C CYS C 406 -10.31 -42.33 19.11
N GLU C 407 -9.14 -41.73 19.00
CA GLU C 407 -8.88 -40.45 19.67
C GLU C 407 -9.83 -39.38 19.15
N GLU C 408 -10.02 -39.32 17.84
CA GLU C 408 -10.85 -38.26 17.26
C GLU C 408 -12.31 -38.44 17.63
N LEU C 409 -12.82 -39.69 17.60
CA LEU C 409 -14.21 -39.91 17.98
C LEU C 409 -14.43 -39.62 19.46
N ARG C 410 -13.46 -40.01 20.31
CA ARG C 410 -13.57 -39.71 21.73
C ARG C 410 -13.59 -38.20 21.96
N GLN C 411 -12.71 -37.47 21.26
CA GLN C 411 -12.69 -36.02 21.40
C GLN C 411 -13.99 -35.40 20.94
N GLY C 412 -14.56 -35.89 19.83
CA GLY C 412 -15.82 -35.37 19.36
C GLY C 412 -16.96 -35.63 20.32
N LEU C 413 -16.99 -36.82 20.93
CA LEU C 413 -18.05 -37.14 21.87
C LEU C 413 -17.89 -36.36 23.17
N SER C 414 -16.65 -36.11 23.59
CA SER C 414 -16.43 -35.39 24.84
C SER C 414 -16.70 -33.90 24.67
N GLY C 415 -15.98 -33.24 23.77
CA GLY C 415 -16.15 -31.83 23.54
C GLY C 415 -17.45 -31.48 22.87
N SER C 431 -27.64 -35.71 24.93
CA SER C 431 -27.20 -34.69 23.99
C SER C 431 -26.21 -35.26 22.98
N LEU C 432 -26.33 -36.57 22.73
CA LEU C 432 -25.44 -37.22 21.76
C LEU C 432 -25.65 -36.66 20.36
N SER C 433 -26.91 -36.41 19.98
CA SER C 433 -27.19 -35.82 18.69
C SER C 433 -26.90 -34.33 18.66
N GLN C 434 -27.10 -33.63 19.77
CA GLN C 434 -26.79 -32.21 19.83
C GLN C 434 -25.30 -31.96 19.66
N ARG C 435 -24.47 -32.78 20.31
CA ARG C 435 -23.03 -32.65 20.17
C ARG C 435 -22.54 -33.04 18.78
N LEU C 436 -23.21 -33.97 18.13
CA LEU C 436 -22.82 -34.36 16.77
C LEU C 436 -23.00 -33.20 15.80
N ARG C 437 -24.10 -32.45 15.94
CA ARG C 437 -24.32 -31.30 15.07
C ARG C 437 -23.26 -30.23 15.31
N LEU C 438 -22.87 -30.02 16.57
CA LEU C 438 -21.79 -29.09 16.86
C LEU C 438 -20.48 -29.57 16.25
N TYR C 439 -20.22 -30.87 16.32
CA TYR C 439 -18.99 -31.42 15.76
C TYR C 439 -19.00 -31.35 14.24
N LEU C 440 -20.18 -31.28 13.62
CA LEU C 440 -20.26 -31.06 12.18
C LEU C 440 -19.62 -29.74 11.78
N ALA C 441 -19.70 -28.74 12.65
CA ALA C 441 -19.01 -27.47 12.45
C ALA C 441 -17.54 -27.65 12.78
N ASP C 442 -16.79 -26.54 12.84
CA ASP C 442 -15.35 -26.57 13.04
C ASP C 442 -14.68 -27.41 11.95
N SER C 443 -14.73 -26.85 10.74
CA SER C 443 -14.44 -27.57 9.50
C SER C 443 -13.11 -28.32 9.51
N TRP C 444 -12.21 -27.99 10.45
CA TRP C 444 -11.01 -28.80 10.61
C TRP C 444 -11.36 -30.21 11.09
N ASN C 445 -12.29 -30.31 12.04
CA ASN C 445 -12.80 -31.62 12.42
C ASN C 445 -13.46 -32.32 11.23
N GLN C 446 -14.13 -31.55 10.37
CA GLN C 446 -14.72 -32.13 9.17
C GLN C 446 -13.66 -32.71 8.24
N CYS C 447 -12.55 -31.99 8.06
CA CYS C 447 -11.50 -32.49 7.18
C CYS C 447 -10.83 -33.71 7.78
N ASP C 448 -10.64 -33.72 9.11
CA ASP C 448 -10.11 -34.92 9.76
C ASP C 448 -11.05 -36.10 9.57
N LEU C 449 -12.36 -35.88 9.71
CA LEU C 449 -13.32 -36.96 9.56
C LEU C 449 -13.32 -37.49 8.14
N VAL C 450 -13.30 -36.61 7.14
CA VAL C 450 -13.30 -37.07 5.75
C VAL C 450 -11.98 -37.78 5.44
N ALA C 451 -10.89 -37.33 6.07
CA ALA C 451 -9.63 -38.03 5.92
C ALA C 451 -9.72 -39.46 6.42
N LEU C 452 -10.26 -39.64 7.63
CA LEU C 452 -10.36 -40.99 8.18
C LEU C 452 -11.32 -41.86 7.36
N THR C 453 -12.42 -41.29 6.87
CA THR C 453 -13.32 -42.05 6.02
C THR C 453 -12.65 -42.46 4.71
N CYS C 454 -11.89 -41.56 4.10
CA CYS C 454 -11.16 -41.90 2.89
C CYS C 454 -10.16 -43.00 3.16
N PHE C 455 -9.48 -42.96 4.31
CA PHE C 455 -8.56 -44.04 4.67
C PHE C 455 -9.30 -45.36 4.83
N LEU C 456 -10.49 -45.34 5.44
CA LEU C 456 -11.26 -46.57 5.58
C LEU C 456 -11.65 -47.15 4.22
N LEU C 457 -12.10 -46.28 3.30
CA LEU C 457 -12.40 -46.75 1.96
C LEU C 457 -11.16 -47.30 1.27
N GLY C 458 -10.01 -46.65 1.50
CA GLY C 458 -8.77 -47.16 0.93
C GLY C 458 -8.40 -48.53 1.43
N VAL C 459 -8.55 -48.75 2.73
CA VAL C 459 -8.24 -50.06 3.31
C VAL C 459 -9.21 -51.11 2.78
N GLY C 460 -10.49 -50.75 2.68
CA GLY C 460 -11.46 -51.69 2.13
C GLY C 460 -11.14 -52.09 0.71
N CYS C 461 -10.84 -51.10 -0.13
CA CYS C 461 -10.50 -51.38 -1.52
C CYS C 461 -9.21 -52.17 -1.63
N ARG C 462 -8.24 -51.90 -0.74
CA ARG C 462 -7.01 -52.67 -0.71
C ARG C 462 -7.26 -54.12 -0.34
N LEU C 463 -8.14 -54.36 0.64
CA LEU C 463 -8.39 -55.73 1.09
C LEU C 463 -9.17 -56.51 0.05
N THR C 464 -10.16 -55.90 -0.58
CA THR C 464 -10.89 -56.60 -1.63
C THR C 464 -9.98 -56.77 -2.85
N PRO C 465 -9.93 -57.96 -3.46
CA PRO C 465 -8.96 -58.18 -4.54
C PRO C 465 -9.16 -57.29 -5.75
N GLY C 466 -10.40 -56.95 -6.09
CA GLY C 466 -10.64 -56.23 -7.32
C GLY C 466 -10.12 -54.80 -7.30
N LEU C 467 -10.25 -54.12 -6.17
CA LEU C 467 -10.05 -52.67 -6.09
C LEU C 467 -8.67 -52.30 -5.54
N TYR C 468 -7.63 -53.06 -5.89
CA TYR C 468 -6.29 -52.76 -5.40
C TYR C 468 -5.81 -51.40 -5.90
N HIS C 469 -5.94 -51.15 -7.19
CA HIS C 469 -5.45 -49.90 -7.76
C HIS C 469 -6.25 -48.71 -7.23
N LEU C 470 -7.57 -48.85 -7.14
CA LEU C 470 -8.39 -47.76 -6.61
C LEU C 470 -8.04 -47.50 -5.15
N GLY C 471 -7.80 -48.56 -4.38
CA GLY C 471 -7.38 -48.37 -3.00
C GLY C 471 -6.07 -47.63 -2.89
N ARG C 472 -5.10 -47.98 -3.74
CA ARG C 472 -3.83 -47.28 -3.72
C ARG C 472 -4.00 -45.81 -4.06
N THR C 473 -4.83 -45.52 -5.07
CA THR C 473 -5.06 -44.14 -5.47
C THR C 473 -5.69 -43.33 -4.34
N VAL C 474 -6.72 -43.88 -3.70
CA VAL C 474 -7.40 -43.12 -2.65
C VAL C 474 -6.50 -42.98 -1.43
N LEU C 475 -5.64 -43.96 -1.15
CA LEU C 475 -4.64 -43.79 -0.10
C LEU C 475 -3.65 -42.68 -0.43
N CYS C 476 -3.26 -42.59 -1.71
CA CYS C 476 -2.34 -41.52 -2.11
C CYS C 476 -2.97 -40.16 -1.88
N ILE C 477 -4.26 -40.01 -2.19
CA ILE C 477 -4.94 -38.74 -1.90
C ILE C 477 -5.07 -38.54 -0.39
N ASP C 478 -5.27 -39.63 0.36
CA ASP C 478 -5.40 -39.52 1.81
C ASP C 478 -4.12 -39.01 2.44
N PHE C 479 -2.96 -39.35 1.87
CA PHE C 479 -1.71 -38.80 2.35
C PHE C 479 -1.69 -37.28 2.24
N MET C 480 -2.14 -36.75 1.10
CA MET C 480 -2.22 -35.31 0.95
C MET C 480 -3.15 -34.70 1.97
N VAL C 481 -4.29 -35.35 2.22
CA VAL C 481 -5.24 -34.80 3.18
C VAL C 481 -4.62 -34.74 4.57
N PHE C 482 -3.91 -35.81 4.96
CA PHE C 482 -3.24 -35.82 6.26
C PHE C 482 -2.17 -34.74 6.35
N THR C 483 -1.38 -34.57 5.29
CA THR C 483 -0.34 -33.55 5.30
C THR C 483 -0.94 -32.15 5.41
N VAL C 484 -2.07 -31.92 4.75
CA VAL C 484 -2.74 -30.63 4.87
C VAL C 484 -3.26 -30.43 6.29
N ARG C 485 -3.75 -31.49 6.91
CA ARG C 485 -4.17 -31.40 8.31
C ARG C 485 -3.01 -31.05 9.23
N LEU C 486 -1.81 -31.53 8.91
CA LEU C 486 -0.63 -31.15 9.67
C LEU C 486 -0.47 -29.63 9.74
N LEU C 487 -0.82 -28.94 8.64
CA LEU C 487 -0.66 -27.50 8.59
C LEU C 487 -1.49 -26.80 9.66
N HIS C 488 -2.76 -27.20 9.80
CA HIS C 488 -3.61 -26.59 10.82
C HIS C 488 -3.26 -27.09 12.21
N ILE C 489 -2.69 -28.30 12.30
CA ILE C 489 -2.26 -28.78 13.62
C ILE C 489 -1.09 -27.95 14.14
N PHE C 490 -0.20 -27.52 13.24
CA PHE C 490 1.01 -26.81 13.62
C PHE C 490 0.80 -25.30 13.80
N THR C 491 -0.43 -24.81 13.58
CA THR C 491 -0.68 -23.38 13.49
C THR C 491 -0.51 -22.63 14.81
N VAL C 492 -0.33 -23.32 15.94
CA VAL C 492 -0.26 -22.62 17.22
C VAL C 492 1.01 -21.80 17.35
N ASN C 493 1.94 -21.89 16.40
CA ASN C 493 3.15 -21.07 16.46
C ASN C 493 2.80 -19.59 16.37
N LYS C 494 3.50 -18.79 17.18
CA LYS C 494 3.17 -17.37 17.31
C LYS C 494 3.54 -16.55 16.09
N GLN C 495 4.47 -17.01 15.26
CA GLN C 495 4.91 -16.24 14.10
C GLN C 495 4.28 -16.69 12.79
N LEU C 496 3.51 -17.77 12.80
CA LEU C 496 2.90 -18.30 11.58
C LEU C 496 1.39 -18.37 11.64
N GLY C 497 0.80 -18.39 12.83
CA GLY C 497 -0.63 -18.53 13.00
C GLY C 497 -1.47 -17.46 12.31
N PRO C 498 -1.13 -16.18 12.51
CA PRO C 498 -1.88 -15.14 11.81
C PRO C 498 -1.85 -15.29 10.30
N LYS C 499 -0.70 -15.68 9.73
CA LYS C 499 -0.63 -15.82 8.28
C LYS C 499 -1.35 -17.07 7.80
N ILE C 500 -1.37 -18.12 8.62
CA ILE C 500 -2.20 -19.28 8.30
C ILE C 500 -3.67 -18.92 8.31
N VAL C 501 -4.06 -18.01 9.21
CA VAL C 501 -5.42 -17.49 9.16
C VAL C 501 -5.63 -16.66 7.90
N ILE C 502 -4.61 -15.93 7.48
CA ILE C 502 -4.70 -15.11 6.27
C ILE C 502 -4.97 -15.98 5.05
N VAL C 503 -4.21 -17.07 4.89
CA VAL C 503 -4.29 -17.82 3.64
C VAL C 503 -5.69 -18.39 3.43
N SER C 504 -6.46 -18.54 4.51
CA SER C 504 -7.86 -18.91 4.37
C SER C 504 -8.70 -17.81 3.76
N LYS C 505 -8.31 -16.55 3.96
CA LYS C 505 -9.04 -15.41 3.41
C LYS C 505 -8.70 -15.13 1.95
N MET C 506 -7.71 -15.80 1.39
CA MET C 506 -7.32 -15.59 0.00
C MET C 506 -8.13 -16.45 -0.97
N MET C 507 -9.01 -17.31 -0.46
CA MET C 507 -9.72 -18.24 -1.32
C MET C 507 -10.67 -17.51 -2.26
N LYS C 508 -11.34 -16.46 -1.79
CA LYS C 508 -12.21 -15.70 -2.70
C LYS C 508 -11.42 -15.07 -3.83
N ASP C 509 -10.24 -14.52 -3.51
CA ASP C 509 -9.41 -13.90 -4.54
C ASP C 509 -8.93 -14.92 -5.56
N VAL C 510 -8.43 -16.06 -5.07
CA VAL C 510 -7.92 -17.07 -5.99
C VAL C 510 -9.06 -17.69 -6.79
N PHE C 511 -10.27 -17.72 -6.22
CA PHE C 511 -11.43 -18.20 -6.97
C PHE C 511 -11.79 -17.25 -8.08
N PHE C 512 -11.72 -15.94 -7.82
CA PHE C 512 -11.94 -14.97 -8.89
C PHE C 512 -10.92 -15.15 -10.00
N PHE C 513 -9.65 -15.28 -9.63
CA PHE C 513 -8.62 -15.48 -10.65
C PHE C 513 -8.87 -16.77 -11.43
N LEU C 514 -9.27 -17.83 -10.73
CA LEU C 514 -9.52 -19.11 -11.39
C LEU C 514 -10.67 -19.01 -12.38
N PHE C 515 -11.75 -18.32 -12.00
CA PHE C 515 -12.87 -18.17 -12.91
C PHE C 515 -12.49 -17.33 -14.13
N PHE C 516 -11.79 -16.22 -13.91
CA PHE C 516 -11.40 -15.38 -15.04
C PHE C 516 -10.49 -16.12 -15.99
N LEU C 517 -9.50 -16.83 -15.44
CA LEU C 517 -8.60 -17.62 -16.26
C LEU C 517 -9.34 -18.75 -16.96
N GLY C 518 -10.36 -19.31 -16.31
CA GLY C 518 -11.16 -20.35 -16.96
C GLY C 518 -11.89 -19.82 -18.18
N VAL C 519 -12.49 -18.64 -18.05
CA VAL C 519 -13.20 -18.05 -19.19
C VAL C 519 -12.23 -17.78 -20.33
N TRP C 520 -11.12 -17.10 -20.02
CA TRP C 520 -10.17 -16.75 -21.08
C TRP C 520 -9.54 -18.00 -21.69
N LEU C 521 -9.31 -19.02 -20.86
CA LEU C 521 -8.72 -20.26 -21.31
C LEU C 521 -9.65 -21.00 -22.25
N VAL C 522 -10.93 -21.05 -21.90
CA VAL C 522 -11.91 -21.67 -22.79
C VAL C 522 -11.91 -20.95 -24.14
N ALA C 523 -11.96 -19.62 -24.10
CA ALA C 523 -12.00 -18.85 -25.35
C ALA C 523 -10.79 -19.16 -26.22
N TYR C 524 -9.59 -19.01 -25.65
CA TYR C 524 -8.37 -19.19 -26.45
C TYR C 524 -8.21 -20.63 -26.90
N GLY C 525 -8.49 -21.59 -26.02
CA GLY C 525 -8.30 -22.98 -26.38
C GLY C 525 -9.21 -23.42 -27.50
N VAL C 526 -10.50 -23.07 -27.41
CA VAL C 526 -11.42 -23.45 -28.47
C VAL C 526 -11.07 -22.73 -29.76
N ALA C 527 -10.66 -21.45 -29.65
CA ALA C 527 -10.31 -20.72 -30.85
C ALA C 527 -9.13 -21.35 -31.58
N THR C 528 -8.08 -21.72 -30.85
CA THR C 528 -6.93 -22.34 -31.51
C THR C 528 -7.26 -23.74 -32.01
N GLU C 529 -8.05 -24.50 -31.23
CA GLU C 529 -8.45 -25.83 -31.64
C GLU C 529 -9.33 -25.81 -32.88
N GLY C 530 -10.00 -24.69 -33.15
CA GLY C 530 -10.75 -24.56 -34.38
C GLY C 530 -9.90 -24.03 -35.51
N LEU C 531 -9.00 -23.10 -35.22
CA LEU C 531 -8.17 -22.50 -36.25
C LEU C 531 -7.24 -23.53 -36.87
N LEU C 532 -6.62 -24.37 -36.04
CA LEU C 532 -5.84 -25.50 -36.54
C LEU C 532 -6.65 -26.78 -36.33
N ARG C 533 -6.68 -27.64 -37.35
CA ARG C 533 -7.62 -28.75 -37.33
C ARG C 533 -6.90 -30.09 -37.30
N PRO C 534 -6.48 -30.56 -36.12
CA PRO C 534 -5.82 -31.87 -36.06
C PRO C 534 -6.77 -32.99 -36.44
N ARG C 535 -6.21 -34.03 -37.06
CA ARG C 535 -7.01 -35.18 -37.41
C ARG C 535 -7.34 -36.02 -36.18
N ASP C 536 -6.53 -35.92 -35.14
CA ASP C 536 -6.81 -36.63 -33.90
C ASP C 536 -7.90 -35.90 -33.13
N SER C 537 -9.15 -36.04 -33.58
CA SER C 537 -10.29 -35.34 -32.97
C SER C 537 -10.94 -36.16 -31.86
N ASP C 538 -10.18 -37.03 -31.22
CA ASP C 538 -10.69 -37.79 -30.09
C ASP C 538 -11.06 -36.84 -28.96
N PHE C 539 -12.10 -37.19 -28.20
CA PHE C 539 -12.57 -36.33 -27.11
C PHE C 539 -11.53 -36.10 -26.02
N PRO C 540 -10.83 -37.11 -25.50
CA PRO C 540 -9.76 -36.80 -24.53
C PRO C 540 -8.68 -35.92 -25.09
N SER C 541 -8.28 -36.13 -26.36
CA SER C 541 -7.25 -35.30 -26.96
C SER C 541 -7.72 -33.86 -27.12
N ILE C 542 -8.99 -33.66 -27.47
CA ILE C 542 -9.52 -32.31 -27.58
C ILE C 542 -9.56 -31.63 -26.22
N LEU C 543 -10.07 -32.34 -25.22
CA LEU C 543 -10.10 -31.79 -23.86
C LEU C 543 -8.71 -31.50 -23.35
N ARG C 544 -7.71 -32.22 -23.84
CA ARG C 544 -6.32 -31.92 -23.49
C ARG C 544 -5.84 -30.65 -24.18
N ARG C 545 -5.90 -30.64 -25.52
CA ARG C 545 -5.35 -29.52 -26.28
C ARG C 545 -6.08 -28.21 -26.02
N VAL C 546 -7.32 -28.25 -25.54
CA VAL C 546 -8.03 -27.00 -25.27
C VAL C 546 -7.77 -26.46 -23.86
N PHE C 547 -7.60 -27.33 -22.87
CA PHE C 547 -7.45 -26.88 -21.49
C PHE C 547 -6.06 -27.08 -20.93
N TYR C 548 -5.52 -28.30 -21.01
CA TYR C 548 -4.27 -28.60 -20.31
C TYR C 548 -3.10 -27.87 -20.95
N ARG C 549 -2.96 -27.94 -22.27
CA ARG C 549 -1.84 -27.30 -22.94
C ARG C 549 -1.84 -25.78 -22.78
N PRO C 550 -2.93 -25.06 -23.04
CA PRO C 550 -2.92 -23.62 -22.78
C PRO C 550 -2.67 -23.28 -21.32
N TYR C 551 -3.11 -24.15 -20.39
CA TYR C 551 -2.80 -23.92 -18.99
C TYR C 551 -1.29 -23.98 -18.75
N LEU C 552 -0.61 -24.96 -19.34
CA LEU C 552 0.84 -25.05 -19.20
C LEU C 552 1.57 -23.96 -19.96
N GLN C 553 0.92 -23.31 -20.92
CA GLN C 553 1.55 -22.16 -21.56
C GLN C 553 1.81 -21.03 -20.57
N ILE C 554 1.05 -21.00 -19.47
CA ILE C 554 1.24 -19.96 -18.47
C ILE C 554 2.57 -20.14 -17.73
N PHE C 555 2.95 -21.38 -17.44
CA PHE C 555 4.10 -21.67 -16.60
C PHE C 555 5.32 -22.11 -17.41
N GLY C 556 5.52 -21.51 -18.58
CA GLY C 556 6.73 -21.71 -19.34
C GLY C 556 6.71 -22.86 -20.32
N GLN C 557 5.67 -23.69 -20.33
CA GLN C 557 5.60 -24.82 -21.27
C GLN C 557 4.81 -24.38 -22.48
N ILE C 558 5.50 -23.80 -23.46
CA ILE C 558 4.90 -23.29 -24.69
C ILE C 558 5.27 -24.23 -25.83
N PRO C 559 4.34 -25.01 -26.36
CA PRO C 559 4.63 -25.90 -27.50
C PRO C 559 4.72 -25.13 -28.81
N GLN C 560 5.72 -24.25 -28.88
CA GLN C 560 5.89 -23.38 -30.04
C GLN C 560 6.08 -24.21 -31.31
N GLU C 561 6.92 -25.23 -31.23
CA GLU C 561 7.14 -26.09 -32.39
C GLU C 561 5.93 -26.96 -32.69
N ASP C 562 4.97 -27.05 -31.77
CA ASP C 562 3.76 -27.81 -32.03
C ASP C 562 2.65 -26.98 -32.63
N MET C 563 2.63 -25.66 -32.39
CA MET C 563 1.54 -24.85 -32.91
C MET C 563 1.93 -23.90 -34.02
N ASP C 564 3.22 -23.63 -34.24
CA ASP C 564 3.65 -22.66 -35.23
C ASP C 564 4.01 -23.36 -36.53
N VAL C 565 3.59 -22.78 -37.66
CA VAL C 565 3.78 -23.44 -38.95
C VAL C 565 5.24 -23.46 -39.35
N ALA C 566 5.99 -22.40 -39.05
CA ALA C 566 7.38 -22.34 -39.47
C ALA C 566 8.24 -23.41 -38.83
N LEU C 567 7.86 -23.90 -37.66
CA LEU C 567 8.67 -24.86 -36.92
C LEU C 567 8.39 -26.31 -37.30
N MET C 568 7.35 -26.57 -38.09
CA MET C 568 7.03 -27.94 -38.49
C MET C 568 7.35 -28.15 -39.97
N GLU C 569 7.54 -29.42 -40.33
CA GLU C 569 7.88 -29.78 -41.70
C GLU C 569 6.59 -30.02 -42.48
N HIS C 570 6.54 -29.51 -43.70
CA HIS C 570 5.33 -29.57 -44.51
C HIS C 570 5.17 -30.95 -45.15
N SER C 571 3.94 -31.45 -45.13
CA SER C 571 3.66 -32.77 -45.68
C SER C 571 2.15 -32.87 -45.95
N ASN C 572 1.82 -33.71 -46.93
CA ASN C 572 0.43 -33.94 -47.28
C ASN C 572 -0.17 -35.06 -46.43
N CYS C 573 -0.19 -34.85 -45.11
CA CYS C 573 -0.68 -35.85 -44.17
C CYS C 573 -2.20 -36.01 -44.18
N SER C 574 -2.94 -35.17 -44.90
CA SER C 574 -4.38 -35.30 -45.00
C SER C 574 -4.82 -35.17 -46.46
N SER C 575 -6.00 -35.71 -46.74
CA SER C 575 -6.56 -35.68 -48.08
C SER C 575 -7.42 -34.44 -48.34
N GLU C 576 -7.80 -33.71 -47.30
CA GLU C 576 -8.56 -32.47 -47.48
C GLU C 576 -7.70 -31.46 -48.25
N PRO C 577 -8.30 -30.71 -49.17
CA PRO C 577 -7.50 -29.82 -50.03
C PRO C 577 -6.92 -28.63 -49.28
N GLY C 578 -5.81 -28.85 -48.59
CA GLY C 578 -5.13 -27.79 -47.90
C GLY C 578 -3.69 -28.15 -47.61
N PHE C 579 -3.01 -27.26 -46.90
CA PHE C 579 -1.63 -27.44 -46.50
C PHE C 579 -1.60 -27.75 -45.01
N TRP C 580 -0.88 -28.80 -44.63
CA TRP C 580 -1.03 -29.36 -43.28
C TRP C 580 0.21 -29.27 -42.43
N ALA C 581 1.35 -29.80 -42.88
CA ALA C 581 2.60 -29.75 -42.12
C ALA C 581 2.46 -30.43 -40.75
N HIS C 582 2.32 -31.75 -40.82
CA HIS C 582 2.27 -32.66 -39.67
C HIS C 582 3.29 -32.29 -38.60
N PRO C 583 2.85 -32.04 -37.37
CA PRO C 583 3.77 -31.61 -36.31
C PRO C 583 4.54 -32.79 -35.75
N PRO C 584 5.63 -32.54 -35.01
CA PRO C 584 6.35 -33.64 -34.35
C PRO C 584 5.86 -34.00 -32.96
N GLY C 585 4.86 -33.29 -32.43
CA GLY C 585 4.41 -33.56 -31.08
C GLY C 585 3.68 -34.90 -30.98
N ALA C 586 3.74 -35.47 -29.78
CA ALA C 586 3.07 -36.75 -29.53
C ALA C 586 1.57 -36.58 -29.37
N GLN C 587 1.13 -35.51 -28.69
CA GLN C 587 -0.29 -35.26 -28.46
C GLN C 587 -0.73 -33.92 -29.04
N ALA C 588 -0.03 -33.42 -30.05
CA ALA C 588 -0.40 -32.18 -30.72
C ALA C 588 -1.24 -32.43 -31.97
N GLY C 589 -1.62 -33.67 -32.24
CA GLY C 589 -2.34 -34.00 -33.45
C GLY C 589 -1.42 -34.59 -34.50
N THR C 590 -1.88 -35.64 -35.19
CA THR C 590 -1.02 -36.28 -36.18
C THR C 590 -0.92 -35.43 -37.44
N CYS C 591 -1.87 -34.53 -37.66
CA CYS C 591 -1.91 -33.76 -38.90
C CYS C 591 -2.60 -32.43 -38.60
N VAL C 592 -1.81 -31.38 -38.36
CA VAL C 592 -2.35 -30.07 -38.05
C VAL C 592 -2.62 -29.33 -39.37
N SER C 593 -3.45 -28.28 -39.29
CA SER C 593 -3.68 -27.41 -40.44
C SER C 593 -2.90 -26.11 -40.27
N GLN C 594 -2.79 -25.36 -41.37
CA GLN C 594 -1.93 -24.18 -41.35
C GLN C 594 -2.49 -22.97 -42.10
N TYR C 595 -3.78 -22.97 -42.42
CA TYR C 595 -4.33 -21.90 -43.25
C TYR C 595 -4.14 -20.53 -42.59
N ALA C 596 -4.57 -20.41 -41.34
CA ALA C 596 -4.49 -19.14 -40.61
C ALA C 596 -3.56 -19.27 -39.42
N ASN C 597 -2.44 -19.96 -39.62
CA ASN C 597 -1.52 -20.15 -38.52
C ASN C 597 -0.83 -18.87 -38.10
N TRP C 598 -0.80 -17.84 -38.97
CA TRP C 598 -0.39 -16.52 -38.51
C TRP C 598 -1.36 -15.99 -37.47
N LEU C 599 -2.67 -16.19 -37.69
CA LEU C 599 -3.64 -15.81 -36.67
C LEU C 599 -3.48 -16.66 -35.42
N VAL C 600 -3.13 -17.94 -35.58
CA VAL C 600 -2.88 -18.76 -34.41
C VAL C 600 -1.71 -18.21 -33.59
N VAL C 601 -0.65 -17.79 -34.26
CA VAL C 601 0.51 -17.21 -33.58
C VAL C 601 0.12 -15.92 -32.88
N LEU C 602 -0.62 -15.05 -33.57
CA LEU C 602 -1.05 -13.80 -32.95
C LEU C 602 -1.96 -14.06 -31.76
N LEU C 603 -2.79 -15.09 -31.85
CA LEU C 603 -3.68 -15.44 -30.74
C LEU C 603 -2.90 -15.97 -29.56
N LEU C 604 -1.83 -16.74 -29.82
CA LEU C 604 -0.95 -17.16 -28.74
C LEU C 604 -0.28 -15.96 -28.09
N VAL C 605 0.13 -14.98 -28.89
CA VAL C 605 0.73 -13.77 -28.34
C VAL C 605 -0.26 -13.04 -27.43
N ILE C 606 -1.51 -12.92 -27.89
CA ILE C 606 -2.52 -12.24 -27.07
C ILE C 606 -2.80 -13.02 -25.78
N PHE C 607 -2.85 -14.35 -25.87
CA PHE C 607 -3.05 -15.16 -24.67
C PHE C 607 -1.90 -14.98 -23.68
N LEU C 608 -0.67 -14.95 -24.19
CA LEU C 608 0.47 -14.74 -23.32
C LEU C 608 0.41 -13.36 -22.65
N LEU C 609 -0.03 -12.34 -23.40
CA LEU C 609 -0.18 -11.02 -22.81
C LEU C 609 -1.27 -11.00 -21.75
N VAL C 610 -2.37 -11.71 -21.98
CA VAL C 610 -3.51 -11.62 -21.06
C VAL C 610 -3.24 -12.40 -19.79
N ALA C 611 -2.79 -13.66 -19.92
CA ALA C 611 -2.68 -14.52 -18.77
C ALA C 611 -1.41 -14.23 -17.97
N ASN C 612 -0.25 -14.27 -18.64
CA ASN C 612 1.03 -14.13 -17.95
C ASN C 612 1.31 -12.72 -17.48
N ILE C 613 0.55 -11.71 -17.92
CA ILE C 613 0.88 -10.34 -17.59
C ILE C 613 -0.27 -9.67 -16.86
N LEU C 614 -1.45 -9.63 -17.48
CA LEU C 614 -2.57 -8.94 -16.86
C LEU C 614 -3.09 -9.70 -15.65
N LEU C 615 -3.47 -10.96 -15.84
CA LEU C 615 -4.19 -11.68 -14.79
C LEU C 615 -3.32 -11.94 -13.57
N VAL C 616 -2.10 -12.43 -13.78
CA VAL C 616 -1.24 -12.78 -12.65
C VAL C 616 -0.89 -11.54 -11.84
N ASN C 617 -0.52 -10.45 -12.51
CA ASN C 617 -0.14 -9.25 -11.79
C ASN C 617 -1.34 -8.60 -11.11
N LEU C 618 -2.52 -8.66 -11.74
CA LEU C 618 -3.72 -8.19 -11.08
C LEU C 618 -4.00 -9.00 -9.82
N LEU C 619 -3.79 -10.32 -9.90
CA LEU C 619 -3.98 -11.17 -8.73
C LEU C 619 -3.00 -10.81 -7.63
N ILE C 620 -1.76 -10.51 -7.99
CA ILE C 620 -0.78 -10.05 -7.00
C ILE C 620 -1.27 -8.78 -6.33
N ALA C 621 -1.77 -7.83 -7.13
CA ALA C 621 -2.24 -6.57 -6.56
C ALA C 621 -3.39 -6.79 -5.59
N MET C 622 -4.32 -7.68 -5.95
CA MET C 622 -5.49 -7.85 -5.10
C MET C 622 -5.16 -8.67 -3.85
N PHE C 623 -4.18 -9.59 -3.95
CA PHE C 623 -3.63 -10.18 -2.74
C PHE C 623 -3.04 -9.11 -1.83
N SER C 624 -2.27 -8.18 -2.39
CA SER C 624 -1.68 -7.13 -1.56
C SER C 624 -2.76 -6.33 -0.85
N TYR C 625 -3.78 -5.90 -1.59
CA TYR C 625 -4.85 -5.10 -0.99
C TYR C 625 -5.59 -5.88 0.09
N THR C 626 -5.97 -7.12 -0.21
CA THR C 626 -6.73 -7.90 0.76
C THR C 626 -5.90 -8.22 2.00
N PHE C 627 -4.62 -8.55 1.82
CA PHE C 627 -3.73 -8.79 2.95
C PHE C 627 -3.66 -7.56 3.85
N GLY C 628 -3.44 -6.39 3.25
CA GLY C 628 -3.40 -5.17 4.04
C GLY C 628 -4.70 -4.92 4.76
N LYS C 629 -5.82 -5.27 4.13
CA LYS C 629 -7.12 -5.06 4.77
C LYS C 629 -7.34 -6.01 5.95
N VAL C 630 -6.93 -7.28 5.82
CA VAL C 630 -7.43 -8.31 6.72
C VAL C 630 -6.41 -8.76 7.76
N GLN C 631 -5.15 -8.34 7.66
CA GLN C 631 -4.16 -8.83 8.61
C GLN C 631 -4.49 -8.43 10.05
N GLY C 632 -4.96 -7.20 10.25
CA GLY C 632 -5.25 -6.74 11.60
C GLY C 632 -6.36 -7.53 12.26
N ASN C 633 -7.45 -7.79 11.53
CA ASN C 633 -8.53 -8.61 12.06
C ASN C 633 -8.07 -10.05 12.25
N SER C 634 -7.19 -10.53 11.37
CA SER C 634 -6.73 -11.92 11.47
C SER C 634 -5.94 -12.13 12.75
N ASP C 635 -5.12 -11.17 13.15
CA ASP C 635 -4.38 -11.31 14.40
C ASP C 635 -5.33 -11.42 15.59
N LEU C 636 -6.36 -10.56 15.61
CA LEU C 636 -7.35 -10.60 16.68
C LEU C 636 -8.07 -11.94 16.72
N TYR C 637 -8.44 -12.46 15.54
CA TYR C 637 -9.07 -13.78 15.49
C TYR C 637 -8.12 -14.86 15.96
N TRP C 638 -6.84 -14.74 15.62
CA TRP C 638 -5.87 -15.76 15.98
C TRP C 638 -5.66 -15.83 17.48
N LYS C 639 -5.81 -14.71 18.18
CA LYS C 639 -5.74 -14.76 19.65
C LYS C 639 -6.76 -15.75 20.20
N ALA C 640 -8.03 -15.59 19.82
CA ALA C 640 -9.08 -16.48 20.31
C ALA C 640 -8.87 -17.91 19.82
N GLN C 641 -8.45 -18.08 18.57
CA GLN C 641 -8.21 -19.42 18.06
C GLN C 641 -7.10 -20.11 18.83
N ARG C 642 -6.04 -19.37 19.18
CA ARG C 642 -4.97 -19.91 19.99
C ARG C 642 -5.46 -20.31 21.37
N TYR C 643 -6.32 -19.48 21.98
CA TYR C 643 -6.90 -19.87 23.25
C TYR C 643 -7.66 -21.18 23.13
N ARG C 644 -8.45 -21.31 22.05
CA ARG C 644 -9.20 -22.55 21.83
C ARG C 644 -8.27 -23.75 21.70
N LEU C 645 -7.20 -23.61 20.93
CA LEU C 645 -6.28 -24.72 20.74
C LEU C 645 -5.59 -25.09 22.04
N ILE C 646 -5.23 -24.09 22.86
CA ILE C 646 -4.62 -24.37 24.15
C ILE C 646 -5.60 -25.15 25.03
N ARG C 647 -6.88 -24.75 25.02
CA ARG C 647 -7.87 -25.48 25.80
C ARG C 647 -8.01 -26.93 25.32
N GLU C 648 -8.04 -27.13 24.00
CA GLU C 648 -8.19 -28.49 23.48
C GLU C 648 -6.99 -29.36 23.84
N PHE C 649 -5.78 -28.82 23.72
CA PHE C 649 -4.61 -29.60 24.12
C PHE C 649 -4.56 -29.85 25.62
N HIS C 650 -5.05 -28.91 26.43
CA HIS C 650 -5.13 -29.16 27.87
C HIS C 650 -6.08 -30.31 28.15
N SER C 651 -7.22 -30.35 27.46
CA SER C 651 -8.15 -31.46 27.65
C SER C 651 -7.63 -32.76 27.05
N ARG C 652 -6.68 -32.67 26.12
CA ARG C 652 -6.19 -33.86 25.43
C ARG C 652 -5.43 -34.76 26.40
N PRO C 653 -5.59 -36.08 26.30
CA PRO C 653 -4.83 -37.00 27.16
C PRO C 653 -3.35 -36.97 26.83
N ALA C 654 -2.57 -37.52 27.77
CA ALA C 654 -1.12 -37.37 27.74
C ALA C 654 -0.46 -38.20 26.65
N LEU C 655 -0.87 -39.45 26.49
CA LEU C 655 -0.10 -40.38 25.67
C LEU C 655 -0.23 -40.06 24.18
N ALA C 656 0.80 -40.46 23.43
CA ALA C 656 0.87 -40.24 22.00
C ALA C 656 -0.08 -41.19 21.26
N PRO C 657 -0.48 -40.83 20.04
CA PRO C 657 -1.42 -41.67 19.27
C PRO C 657 -0.99 -43.12 19.16
N PRO C 658 0.29 -43.42 18.87
CA PRO C 658 0.68 -44.84 18.84
C PRO C 658 0.60 -45.51 20.19
N PHE C 659 0.59 -44.74 21.28
CA PHE C 659 0.50 -45.29 22.63
C PHE C 659 -0.78 -44.89 23.35
N ILE C 660 -1.69 -44.16 22.69
CA ILE C 660 -2.88 -43.65 23.37
C ILE C 660 -3.90 -44.75 23.66
N VAL C 661 -3.65 -45.98 23.20
CA VAL C 661 -4.56 -47.08 23.51
C VAL C 661 -4.64 -47.30 25.02
N ILE C 662 -3.53 -47.05 25.73
CA ILE C 662 -3.53 -47.18 27.18
C ILE C 662 -4.48 -46.15 27.80
N SER C 663 -4.41 -44.92 27.31
CA SER C 663 -5.32 -43.88 27.80
C SER C 663 -6.77 -44.21 27.48
N HIS C 664 -7.02 -44.74 26.29
CA HIS C 664 -8.38 -45.12 25.91
C HIS C 664 -8.91 -46.23 26.81
N LEU C 665 -8.07 -47.22 27.11
CA LEU C 665 -8.47 -48.28 28.03
C LEU C 665 -8.70 -47.74 29.44
N ARG C 666 -7.88 -46.78 29.87
CA ARG C 666 -8.11 -46.15 31.17
C ARG C 666 -9.46 -45.44 31.21
N LEU C 667 -9.77 -44.70 30.14
CA LEU C 667 -11.06 -44.01 30.07
C LEU C 667 -12.21 -44.99 30.06
N LEU C 668 -12.07 -46.09 29.32
CA LEU C 668 -13.11 -47.12 29.31
C LEU C 668 -13.29 -47.73 30.70
N LEU C 669 -12.18 -47.96 31.40
CA LEU C 669 -12.28 -48.45 32.78
C LEU C 669 -12.96 -47.43 33.68
N ARG C 670 -12.63 -46.14 33.51
CA ARG C 670 -13.28 -45.11 34.32
C ARG C 670 -14.78 -45.04 34.08
N GLN C 671 -15.24 -45.40 32.88
CA GLN C 671 -16.66 -45.54 32.63
C GLN C 671 -17.20 -46.89 33.08
N LEU C 672 -16.36 -47.93 33.09
CA LEU C 672 -16.76 -49.25 33.55
C LEU C 672 -16.68 -49.40 35.05
N CYS C 673 -15.69 -48.76 35.70
CA CYS C 673 -15.59 -48.82 37.15
C CYS C 673 -16.64 -47.95 37.83
N ARG C 674 -17.32 -47.08 37.09
CA ARG C 674 -18.39 -46.29 37.65
C ARG C 674 -19.66 -47.13 37.87
N ARG C 675 -19.84 -48.18 37.08
CA ARG C 675 -21.03 -49.02 37.22
C ARG C 675 -21.13 -49.69 38.60
N PRO C 676 -20.09 -50.36 39.12
CA PRO C 676 -20.22 -50.95 40.46
C PRO C 676 -20.35 -49.92 41.57
N ARG C 677 -19.96 -48.67 41.34
CA ARG C 677 -20.06 -47.64 42.36
C ARG C 677 -21.41 -46.95 42.32
N HIS C 688 -12.08 -25.68 33.46
CA HIS C 688 -11.14 -26.73 33.08
C HIS C 688 -9.86 -26.64 33.91
N PHE C 689 -9.26 -25.46 33.99
CA PHE C 689 -8.12 -25.25 34.87
C PHE C 689 -8.54 -25.42 36.33
N ARG C 690 -9.43 -24.56 36.81
CA ARG C 690 -10.04 -24.68 38.13
C ARG C 690 -8.99 -24.74 39.24
N VAL C 691 -8.23 -23.65 39.37
CA VAL C 691 -7.29 -23.51 40.48
C VAL C 691 -8.05 -23.02 41.70
N TYR C 692 -7.83 -23.68 42.83
CA TYR C 692 -8.57 -23.36 44.04
C TYR C 692 -8.11 -22.05 44.65
N LEU C 693 -9.07 -21.29 45.17
CA LEU C 693 -8.81 -20.02 45.86
C LEU C 693 -9.34 -20.09 47.28
N SER C 694 -8.67 -19.39 48.19
CA SER C 694 -9.05 -19.41 49.59
C SER C 694 -10.32 -18.59 49.84
N LYS C 695 -11.05 -18.97 50.89
CA LYS C 695 -12.29 -18.28 51.22
C LYS C 695 -12.05 -16.82 51.57
N GLU C 696 -11.08 -16.57 52.47
CA GLU C 696 -10.74 -15.19 52.81
C GLU C 696 -10.09 -14.46 51.65
N ALA C 697 -9.28 -15.17 50.86
CA ALA C 697 -8.71 -14.58 49.66
C ALA C 697 -9.79 -14.11 48.69
N GLU C 698 -10.96 -14.76 48.69
CA GLU C 698 -12.07 -14.29 47.86
C GLU C 698 -12.48 -12.87 48.25
N ARG C 699 -12.71 -12.64 49.54
CA ARG C 699 -13.06 -11.30 50.00
C ARG C 699 -11.92 -10.32 49.77
N LYS C 700 -10.68 -10.78 49.95
CA LYS C 700 -9.53 -9.91 49.72
C LYS C 700 -9.48 -9.43 48.27
N LEU C 701 -9.62 -10.36 47.32
CA LEU C 701 -9.58 -9.97 45.92
C LEU C 701 -10.81 -9.15 45.54
N LEU C 702 -11.95 -9.43 46.18
CA LEU C 702 -13.14 -8.60 45.97
C LEU C 702 -12.87 -7.16 46.35
N THR C 703 -12.29 -6.94 47.54
CA THR C 703 -11.97 -5.59 47.97
C THR C 703 -10.94 -4.95 47.05
N TRP C 704 -9.94 -5.73 46.63
CA TRP C 704 -8.91 -5.20 45.74
C TRP C 704 -9.50 -4.72 44.41
N GLU C 705 -10.35 -5.55 43.79
CA GLU C 705 -10.91 -5.18 42.50
C GLU C 705 -11.90 -4.04 42.65
N SER C 706 -12.60 -3.97 43.79
CA SER C 706 -13.47 -2.83 44.04
C SER C 706 -12.68 -1.54 44.15
N VAL C 707 -11.55 -1.58 44.87
CA VAL C 707 -10.70 -0.40 44.97
C VAL C 707 -10.19 0.02 43.60
N HIS C 708 -9.71 -0.94 42.82
CA HIS C 708 -9.18 -0.58 41.51
C HIS C 708 -10.27 -0.11 40.55
N LYS C 709 -11.49 -0.66 40.66
CA LYS C 709 -12.56 -0.21 39.78
C LYS C 709 -13.01 1.21 40.15
N GLU C 710 -13.04 1.53 41.45
CA GLU C 710 -13.40 2.90 41.81
C GLU C 710 -12.30 3.87 41.39
N ASN C 711 -11.03 3.45 41.47
CA ASN C 711 -9.96 4.29 40.95
C ASN C 711 -10.10 4.51 39.45
N PHE C 712 -10.46 3.45 38.71
CA PHE C 712 -10.62 3.60 37.26
C PHE C 712 -11.79 4.51 36.92
N LEU C 713 -12.90 4.39 37.66
CA LEU C 713 -14.03 5.29 37.44
C LEU C 713 -13.65 6.73 37.74
N LEU C 714 -12.91 6.97 38.82
CA LEU C 714 -12.43 8.33 39.08
C LEU C 714 -11.51 8.82 37.96
N ALA C 715 -10.65 7.95 37.44
CA ALA C 715 -9.75 8.35 36.37
C ALA C 715 -10.51 8.77 35.12
N ARG C 716 -11.49 7.95 34.71
CA ARG C 716 -12.24 8.29 33.50
C ARG C 716 -13.14 9.51 33.74
N ALA C 717 -13.63 9.69 34.97
CA ALA C 717 -14.41 10.87 35.29
C ALA C 717 -13.54 12.12 35.18
N ARG C 718 -12.31 12.06 35.68
CA ARG C 718 -11.40 13.20 35.55
C ARG C 718 -11.05 13.46 34.10
N ASP C 719 -10.86 12.40 33.31
CA ASP C 719 -10.57 12.58 31.89
C ASP C 719 -11.73 13.27 31.18
N LYS C 720 -12.95 12.81 31.44
CA LYS C 720 -14.12 13.44 30.82
C LYS C 720 -14.28 14.88 31.29
N ARG C 721 -14.00 15.14 32.57
CA ARG C 721 -14.08 16.49 33.09
C ARG C 721 -13.08 17.42 32.40
N GLU C 722 -11.86 16.94 32.18
CA GLU C 722 -10.83 17.75 31.53
C GLU C 722 -10.94 17.74 30.01
N SER C 723 -11.87 16.96 29.45
CA SER C 723 -12.12 17.03 28.02
C SER C 723 -12.53 18.43 27.60
N ASP C 724 -12.12 18.80 26.38
CA ASP C 724 -12.30 20.16 25.89
C ASP C 724 -13.78 20.50 25.73
N SER C 725 -14.57 19.57 25.22
CA SER C 725 -16.01 19.83 25.05
C SER C 725 -16.69 20.06 26.39
N GLU C 726 -16.34 19.25 27.39
CA GLU C 726 -16.90 19.44 28.72
C GLU C 726 -16.45 20.76 29.33
N ARG C 727 -15.20 21.14 29.10
CA ARG C 727 -14.75 22.45 29.55
C ARG C 727 -15.54 23.57 28.89
N LEU C 728 -15.80 23.43 27.59
CA LEU C 728 -16.57 24.45 26.87
C LEU C 728 -18.00 24.56 27.41
N LYS C 729 -18.63 23.41 27.66
CA LYS C 729 -20.00 23.47 28.16
C LYS C 729 -20.05 24.00 29.60
N ARG C 730 -19.02 23.69 30.40
CA ARG C 730 -18.95 24.28 31.73
C ARG C 730 -18.79 25.78 31.67
N THR C 731 -17.94 26.28 30.76
CA THR C 731 -17.83 27.72 30.58
C THR C 731 -19.15 28.32 30.11
N SER C 732 -19.87 27.61 29.25
CA SER C 732 -21.16 28.11 28.79
C SER C 732 -22.16 28.23 29.92
N GLN C 733 -22.24 27.19 30.77
CA GLN C 733 -23.16 27.23 31.90
C GLN C 733 -22.67 28.10 33.04
N LYS C 734 -21.43 28.58 32.99
CA LYS C 734 -21.03 29.65 33.89
C LYS C 734 -21.38 31.03 33.33
N VAL C 735 -21.19 31.20 32.01
CA VAL C 735 -21.45 32.49 31.39
C VAL C 735 -22.95 32.82 31.42
N ASP C 736 -23.79 31.82 31.12
CA ASP C 736 -25.22 32.07 31.16
C ASP C 736 -25.69 32.39 32.57
N LEU C 737 -25.12 31.71 33.57
CA LEU C 737 -25.44 32.01 34.96
C LEU C 737 -25.03 33.43 35.33
N ALA C 738 -23.85 33.85 34.88
CA ALA C 738 -23.41 35.23 35.13
C ALA C 738 -24.34 36.23 34.47
N LEU C 739 -24.76 35.94 33.23
CA LEU C 739 -25.68 36.83 32.53
C LEU C 739 -27.02 36.92 33.26
N LYS C 740 -27.51 35.78 33.77
CA LYS C 740 -28.75 35.79 34.53
C LYS C 740 -28.61 36.62 35.80
N GLN C 741 -27.49 36.45 36.52
CA GLN C 741 -27.29 37.22 37.75
C GLN C 741 -27.19 38.71 37.45
N LEU C 742 -26.56 39.07 36.33
CA LEU C 742 -26.62 40.46 35.88
C LEU C 742 -28.06 40.90 35.61
N GLY C 743 -28.87 40.02 35.03
CA GLY C 743 -30.27 40.31 34.84
C GLY C 743 -31.06 40.50 36.12
N HIS C 744 -30.64 39.87 37.21
CA HIS C 744 -31.29 40.05 38.49
C HIS C 744 -30.91 41.36 39.19
N ILE C 745 -29.88 42.06 38.70
CA ILE C 745 -29.46 43.33 39.26
C ILE C 745 -29.61 44.47 38.28
N ARG C 746 -30.31 44.26 37.16
CA ARG C 746 -30.50 45.32 36.18
C ARG C 746 -31.37 46.45 36.70
N GLU C 747 -32.22 46.17 37.70
CA GLU C 747 -33.13 47.19 38.22
C GLU C 747 -32.39 48.35 38.90
N TYR C 748 -31.12 48.16 39.24
CA TYR C 748 -30.34 49.21 39.90
C TYR C 748 -30.12 50.40 38.97
N ARG D 1 14.42 34.73 56.16
CA ARG D 1 15.86 34.61 56.24
C ARG D 1 16.35 33.41 55.44
N SER D 2 17.65 33.16 55.52
CA SER D 2 18.24 32.06 54.74
C SER D 2 17.76 30.71 55.24
N PHE D 3 17.80 30.48 56.56
CA PHE D 3 17.46 29.16 57.09
C PHE D 3 15.97 28.85 56.92
N HIS D 4 15.13 29.87 56.99
CA HIS D 4 13.70 29.65 56.79
C HIS D 4 13.41 29.11 55.40
N LEU D 5 14.09 29.63 54.38
CA LEU D 5 13.94 29.09 53.04
C LEU D 5 14.67 27.77 52.86
N GLU D 6 15.79 27.58 53.55
CA GLU D 6 16.53 26.32 53.46
C GLU D 6 15.69 25.15 53.97
N ALA D 7 15.02 25.34 55.11
CA ALA D 7 14.18 24.28 55.66
C ALA D 7 13.01 23.98 54.74
N SER D 8 12.40 25.02 54.16
CA SER D 8 11.31 24.80 53.21
C SER D 8 11.81 24.03 51.99
N LEU D 9 13.02 24.31 51.53
CA LEU D 9 13.59 23.56 50.42
C LEU D 9 13.85 22.11 50.79
N MET D 10 14.35 21.86 52.01
CA MET D 10 14.48 20.49 52.50
C MET D 10 13.14 19.76 52.42
N ASP D 11 12.08 20.41 52.91
CA ASP D 11 10.76 19.79 52.90
C ASP D 11 10.26 19.54 51.48
N ALA D 12 10.38 20.55 50.62
CA ALA D 12 9.88 20.44 49.25
C ALA D 12 10.72 19.50 48.41
N LEU D 13 11.90 19.12 48.87
CA LEU D 13 12.65 18.06 48.21
C LEU D 13 12.34 16.68 48.78
N LEU D 14 12.08 16.61 50.10
CA LEU D 14 11.69 15.34 50.69
C LEU D 14 10.35 14.86 50.15
N ASN D 15 9.38 15.75 50.02
CA ASN D 15 8.13 15.43 49.34
C ASN D 15 8.18 15.99 47.92
N ASP D 16 7.29 15.49 47.06
CA ASP D 16 7.32 15.89 45.66
C ASP D 16 7.03 17.38 45.50
N ARG D 17 5.77 17.79 45.76
CA ARG D 17 5.29 19.17 45.77
C ARG D 17 6.04 20.08 44.80
N PRO D 18 5.93 19.83 43.48
CA PRO D 18 6.76 20.58 42.52
C PRO D 18 6.49 22.07 42.50
N GLU D 19 5.28 22.51 42.83
CA GLU D 19 4.95 23.93 42.79
C GLU D 19 5.75 24.72 43.82
N PHE D 20 5.90 24.18 45.02
CA PHE D 20 6.71 24.86 46.04
C PHE D 20 8.16 24.95 45.60
N VAL D 21 8.68 23.87 45.00
CA VAL D 21 10.04 23.89 44.46
C VAL D 21 10.17 24.98 43.41
N ARG D 22 9.21 25.05 42.49
CA ARG D 22 9.24 26.07 41.45
C ARG D 22 9.28 27.46 42.05
N LEU D 23 8.40 27.73 43.02
CA LEU D 23 8.36 29.05 43.64
C LEU D 23 9.67 29.37 44.35
N LEU D 24 10.20 28.41 45.12
CA LEU D 24 11.40 28.68 45.90
C LEU D 24 12.61 28.98 45.02
N ILE D 25 12.90 28.10 44.05
CA ILE D 25 14.06 28.36 43.19
C ILE D 25 13.80 29.54 42.25
N SER D 26 12.54 29.83 41.93
CA SER D 26 12.27 31.06 41.19
C SER D 26 12.63 32.30 42.00
N HIS D 27 12.33 32.28 43.30
CA HIS D 27 12.65 33.40 44.17
C HIS D 27 14.12 33.47 44.56
N GLY D 28 14.87 32.38 44.40
CA GLY D 28 16.30 32.41 44.66
C GLY D 28 16.74 31.81 45.97
N LEU D 29 17.66 30.85 45.92
CA LEU D 29 18.24 30.24 47.10
C LEU D 29 19.76 30.32 47.07
N SER D 30 20.42 29.65 48.01
CA SER D 30 21.89 29.69 48.08
C SER D 30 22.51 28.80 47.02
N LEU D 31 22.21 27.50 47.06
CA LEU D 31 22.74 26.50 46.13
C LEU D 31 24.25 26.33 46.25
N GLY D 32 24.87 27.05 47.19
CA GLY D 32 26.28 26.90 47.45
C GLY D 32 26.54 26.42 48.86
N HIS D 33 25.64 26.80 49.78
CA HIS D 33 25.66 26.34 51.15
C HIS D 33 24.54 25.35 51.44
N PHE D 34 23.65 25.11 50.47
CA PHE D 34 22.55 24.16 50.62
C PHE D 34 23.00 22.72 50.39
N LEU D 35 24.19 22.52 49.84
CA LEU D 35 24.66 21.20 49.42
C LEU D 35 25.70 20.62 50.37
N THR D 36 25.52 20.82 51.68
CA THR D 36 26.43 20.22 52.64
C THR D 36 26.27 18.70 52.63
N PRO D 37 27.35 17.95 52.91
CA PRO D 37 27.24 16.48 52.88
C PRO D 37 26.21 15.92 53.83
N MET D 38 25.97 16.57 54.96
CA MET D 38 24.91 16.12 55.87
C MET D 38 23.55 16.17 55.18
N ARG D 39 23.27 17.27 54.48
CA ARG D 39 22.01 17.38 53.76
C ARG D 39 21.95 16.41 52.59
N LEU D 40 23.09 16.18 51.93
CA LEU D 40 23.15 15.15 50.89
C LEU D 40 22.74 13.78 51.44
N ALA D 41 23.31 13.41 52.59
CA ALA D 41 22.95 12.14 53.21
C ALA D 41 21.50 12.10 53.63
N GLN D 42 20.99 13.22 54.16
CA GLN D 42 19.59 13.28 54.58
C GLN D 42 18.64 13.07 53.40
N LEU D 43 18.92 13.72 52.27
CA LEU D 43 18.08 13.54 51.09
C LEU D 43 18.24 12.13 50.50
N TYR D 44 19.45 11.58 50.55
CA TYR D 44 19.65 10.22 50.07
C TYR D 44 18.88 9.20 50.93
N SER D 45 18.73 9.50 52.22
CA SER D 45 17.99 8.61 53.12
C SER D 45 16.50 8.59 52.85
N ALA D 46 15.99 9.49 52.00
CA ALA D 46 14.57 9.57 51.71
C ALA D 46 14.07 8.46 50.79
N ALA D 47 14.96 7.58 50.34
CA ALA D 47 14.54 6.49 49.46
C ALA D 47 13.63 5.52 50.21
N PRO D 48 12.58 5.02 49.56
CA PRO D 48 11.69 4.05 50.20
C PRO D 48 12.43 2.77 50.55
N SER D 49 12.05 2.16 51.67
CA SER D 49 12.67 0.90 52.07
C SER D 49 12.35 -0.21 51.09
N ASN D 50 11.09 -0.31 50.67
CA ASN D 50 10.66 -1.33 49.71
C ASN D 50 10.71 -0.81 48.29
N SER D 51 11.87 -0.33 47.88
CA SER D 51 12.09 0.21 46.53
C SER D 51 13.35 -0.42 45.94
N LEU D 52 13.74 0.11 44.78
CA LEU D 52 14.95 -0.34 44.09
C LEU D 52 16.16 0.54 44.37
N ILE D 53 16.06 1.44 45.34
CA ILE D 53 17.12 2.38 45.66
C ILE D 53 17.84 1.98 46.95
N ARG D 54 17.10 1.73 48.02
CA ARG D 54 17.72 1.44 49.31
C ARG D 54 18.50 0.13 49.26
N ASN D 55 17.94 -0.89 48.60
CA ASN D 55 18.63 -2.17 48.50
C ASN D 55 19.95 -2.04 47.74
N LEU D 56 19.94 -1.29 46.63
CA LEU D 56 21.17 -1.10 45.86
C LEU D 56 22.17 -0.25 46.65
N LEU D 57 21.70 0.75 47.39
CA LEU D 57 22.59 1.54 48.22
C LEU D 57 23.24 0.69 49.31
N ASP D 58 22.46 -0.19 49.94
CA ASP D 58 23.01 -1.09 50.95
C ASP D 58 24.03 -2.04 50.33
N GLN D 59 23.73 -2.57 49.13
CA GLN D 59 24.66 -3.45 48.45
C GLN D 59 25.96 -2.72 48.12
N ALA D 60 25.86 -1.47 47.67
CA ALA D 60 27.06 -0.68 47.38
C ALA D 60 27.86 -0.42 48.65
N SER D 61 27.18 -0.11 49.76
CA SER D 61 27.88 0.11 51.02
C SER D 61 28.59 -1.16 51.49
N HIS D 62 27.93 -2.31 51.35
CA HIS D 62 28.53 -3.58 51.76
C HIS D 62 29.60 -4.06 50.80
N SER D 63 29.64 -3.55 49.57
CA SER D 63 30.66 -3.96 48.61
C SER D 63 32.03 -3.38 48.99
N VAL D 83 28.27 2.01 34.33
CA VAL D 83 27.22 2.29 35.30
C VAL D 83 27.66 1.84 36.69
N GLY D 84 28.35 0.71 36.75
CA GLY D 84 28.85 0.22 38.03
C GLY D 84 29.79 1.20 38.70
N HIS D 85 30.66 1.84 37.92
CA HIS D 85 31.56 2.83 38.48
C HIS D 85 30.80 4.01 39.06
N VAL D 86 29.67 4.37 38.46
CA VAL D 86 28.83 5.43 39.02
C VAL D 86 28.32 5.03 40.39
N LEU D 87 27.88 3.78 40.54
CA LEU D 87 27.42 3.30 41.84
C LEU D 87 28.56 3.28 42.86
N ARG D 88 29.77 2.90 42.42
CA ARG D 88 30.92 2.95 43.32
C ARG D 88 31.18 4.38 43.77
N MET D 89 31.10 5.35 42.85
CA MET D 89 31.43 6.72 43.18
C MET D 89 30.38 7.38 44.06
N LEU D 90 29.10 7.05 43.86
CA LEU D 90 28.04 7.63 44.67
C LEU D 90 27.95 6.92 46.01
N LEU D 91 27.76 7.70 47.08
CA LEU D 91 27.64 7.16 48.42
C LEU D 91 26.49 7.88 49.13
N GLY D 92 25.90 7.18 50.10
CA GLY D 92 24.78 7.73 50.86
C GLY D 92 25.17 8.88 51.77
N PRO D 138 26.61 21.40 40.91
CA PRO D 138 25.63 21.50 42.00
C PRO D 138 24.26 20.92 41.61
N TRP D 139 23.72 21.37 40.48
CA TRP D 139 22.43 20.86 40.02
C TRP D 139 22.52 19.40 39.59
N SER D 140 23.72 18.93 39.22
CA SER D 140 23.88 17.56 38.74
C SER D 140 23.59 16.55 39.85
N ASP D 141 24.00 16.87 41.08
CA ASP D 141 23.73 15.98 42.20
C ASP D 141 22.22 15.82 42.41
N LEU D 142 21.49 16.94 42.39
CA LEU D 142 20.04 16.87 42.55
C LEU D 142 19.41 16.12 41.39
N LEU D 143 19.91 16.34 40.17
CA LEU D 143 19.36 15.67 39.00
C LEU D 143 19.54 14.15 39.11
N LEU D 144 20.73 13.69 39.50
CA LEU D 144 20.96 12.26 39.62
C LEU D 144 20.17 11.68 40.78
N TRP D 145 19.98 12.45 41.84
CA TRP D 145 19.13 12.00 42.94
C TRP D 145 17.70 11.81 42.47
N ALA D 146 17.20 12.75 41.67
CA ALA D 146 15.85 12.60 41.12
C ALA D 146 15.77 11.39 40.19
N LEU D 147 16.82 11.17 39.39
CA LEU D 147 16.84 10.02 38.50
C LEU D 147 16.74 8.72 39.28
N LEU D 148 17.59 8.56 40.29
CA LEU D 148 17.55 7.33 41.08
C LEU D 148 16.23 7.21 41.84
N LEU D 149 15.66 8.32 42.30
CA LEU D 149 14.36 8.32 42.95
C LEU D 149 13.21 8.34 41.95
N ASN D 150 13.50 8.46 40.65
CA ASN D 150 12.52 8.45 39.58
C ASN D 150 11.55 9.63 39.65
N ARG D 151 12.02 10.79 40.10
CA ARG D 151 11.21 12.01 40.12
C ARG D 151 11.32 12.69 38.76
N ALA D 152 10.28 12.55 37.93
CA ALA D 152 10.34 13.10 36.58
C ALA D 152 10.37 14.63 36.61
N GLN D 153 9.43 15.25 37.33
CA GLN D 153 9.39 16.71 37.39
C GLN D 153 10.63 17.26 38.06
N MET D 154 11.09 16.66 39.16
CA MET D 154 12.29 17.15 39.81
C MET D 154 13.49 17.03 38.88
N ALA D 155 13.61 15.90 38.19
CA ALA D 155 14.75 15.69 37.31
C ALA D 155 14.78 16.71 36.18
N MET D 156 13.63 16.94 35.52
CA MET D 156 13.65 17.87 34.40
C MET D 156 13.80 19.32 34.88
N TYR D 157 13.28 19.64 36.07
CA TYR D 157 13.52 20.97 36.64
C TYR D 157 15.00 21.18 36.94
N PHE D 158 15.65 20.19 37.56
CA PHE D 158 17.07 20.29 37.85
C PHE D 158 17.87 20.40 36.56
N TRP D 159 17.46 19.66 35.52
CA TRP D 159 18.11 19.79 34.22
C TRP D 159 17.98 21.20 33.66
N GLU D 160 16.78 21.78 33.75
CA GLU D 160 16.59 23.08 33.13
C GLU D 160 17.34 24.19 33.87
N MET D 161 17.56 24.04 35.19
CA MET D 161 18.53 24.96 35.80
C MET D 161 19.98 24.59 35.52
N GLY D 162 20.27 23.33 35.22
CA GLY D 162 21.65 22.87 35.25
C GLY D 162 22.44 23.24 34.01
N SER D 163 23.74 22.98 34.09
CA SER D 163 24.66 23.26 33.00
C SER D 163 24.94 21.97 32.23
N ASN D 164 25.75 22.09 31.18
CA ASN D 164 26.02 21.01 30.23
C ASN D 164 24.75 20.19 29.98
N ALA D 165 23.72 20.89 29.50
CA ALA D 165 22.37 20.32 29.50
C ALA D 165 22.27 19.09 28.62
N VAL D 166 22.88 19.12 27.44
CA VAL D 166 22.77 17.99 26.52
C VAL D 166 23.44 16.75 27.12
N SER D 167 24.66 16.93 27.64
CA SER D 167 25.37 15.81 28.24
C SER D 167 24.62 15.26 29.45
N SER D 168 24.09 16.15 30.29
CA SER D 168 23.34 15.71 31.46
C SER D 168 22.09 14.94 31.04
N ALA D 169 21.38 15.42 30.02
CA ALA D 169 20.18 14.74 29.57
C ALA D 169 20.49 13.37 29.00
N LEU D 170 21.55 13.25 28.19
CA LEU D 170 21.89 11.96 27.61
C LEU D 170 22.40 10.99 28.68
N GLY D 171 23.15 11.48 29.66
CA GLY D 171 23.53 10.64 30.78
C GLY D 171 22.34 10.18 31.58
N ALA D 172 21.34 11.06 31.75
CA ALA D 172 20.10 10.67 32.40
C ALA D 172 19.39 9.58 31.61
N CYS D 173 19.36 9.72 30.28
CA CYS D 173 18.76 8.68 29.45
C CYS D 173 19.48 7.35 29.62
N LEU D 174 20.82 7.38 29.65
CA LEU D 174 21.58 6.16 29.87
C LEU D 174 21.25 5.53 31.22
N LEU D 175 21.20 6.35 32.27
CA LEU D 175 20.93 5.83 33.61
C LEU D 175 19.53 5.23 33.66
N LEU D 176 18.55 5.90 33.07
CA LEU D 176 17.18 5.39 33.09
C LEU D 176 17.07 4.09 32.29
N ARG D 177 17.72 4.01 31.13
CA ARG D 177 17.69 2.78 30.36
C ARG D 177 18.30 1.62 31.14
N VAL D 178 19.46 1.84 31.74
CA VAL D 178 20.13 0.76 32.48
C VAL D 178 19.29 0.35 33.68
N MET D 179 18.76 1.33 34.42
CA MET D 179 17.99 1.01 35.61
C MET D 179 16.69 0.33 35.27
N ALA D 180 16.04 0.73 34.17
CA ALA D 180 14.82 0.06 33.73
C ALA D 180 15.10 -1.37 33.28
N ARG D 181 16.24 -1.58 32.61
CA ARG D 181 16.64 -2.94 32.27
C ARG D 181 16.87 -3.78 33.53
N LEU D 182 17.39 -3.16 34.58
CA LEU D 182 17.57 -3.84 35.86
C LEU D 182 16.30 -3.91 36.69
N GLU D 183 15.23 -3.22 36.29
CA GLU D 183 14.01 -3.18 37.09
C GLU D 183 13.34 -4.56 37.10
N PRO D 184 12.86 -5.01 38.26
CA PRO D 184 12.11 -6.27 38.30
C PRO D 184 10.63 -6.09 38.01
N ASP D 185 10.10 -4.90 38.27
CA ASP D 185 8.68 -4.64 38.17
C ASP D 185 8.33 -3.85 36.91
N ALA D 186 7.29 -4.34 36.22
CA ALA D 186 6.95 -3.82 34.90
C ALA D 186 6.50 -2.36 34.96
N GLU D 187 5.73 -1.98 35.97
CA GLU D 187 5.21 -0.61 36.03
C GLU D 187 6.35 0.39 36.23
N GLU D 188 7.28 0.09 37.14
CA GLU D 188 8.41 0.99 37.35
C GLU D 188 9.31 1.02 36.12
N ALA D 189 9.52 -0.14 35.49
CA ALA D 189 10.32 -0.18 34.28
C ALA D 189 9.69 0.69 33.18
N ALA D 190 8.36 0.60 33.03
CA ALA D 190 7.67 1.35 31.99
C ALA D 190 7.72 2.85 32.27
N ARG D 191 7.48 3.27 33.52
CA ARG D 191 7.54 4.69 33.82
C ARG D 191 8.96 5.23 33.62
N ARG D 192 9.97 4.47 34.04
CA ARG D 192 11.34 4.91 33.85
C ARG D 192 11.69 5.00 32.37
N LYS D 193 11.24 4.04 31.56
CA LYS D 193 11.60 4.05 30.16
C LYS D 193 10.86 5.16 29.40
N ASP D 194 9.61 5.46 29.76
CA ASP D 194 8.94 6.57 29.10
C ASP D 194 9.56 7.90 29.51
N LEU D 195 10.00 8.01 30.76
CA LEU D 195 10.77 9.18 31.16
C LEU D 195 12.05 9.29 30.35
N ALA D 196 12.71 8.15 30.10
CA ALA D 196 13.93 8.15 29.29
C ALA D 196 13.66 8.62 27.86
N PHE D 197 12.56 8.14 27.27
CA PHE D 197 12.20 8.61 25.93
C PHE D 197 11.89 10.10 25.91
N LYS D 198 11.17 10.59 26.93
CA LYS D 198 10.89 12.02 27.00
C LYS D 198 12.19 12.82 27.11
N PHE D 199 13.11 12.37 27.95
CA PHE D 199 14.39 13.06 28.11
C PHE D 199 15.18 13.04 26.80
N GLU D 200 15.18 11.90 26.10
CA GLU D 200 15.86 11.83 24.81
C GLU D 200 15.26 12.81 23.82
N GLY D 201 13.93 12.89 23.78
CA GLY D 201 13.28 13.80 22.85
C GLY D 201 13.60 15.25 23.14
N MET D 202 13.52 15.65 24.41
CA MET D 202 13.80 17.05 24.72
C MET D 202 15.28 17.38 24.54
N GLY D 203 16.16 16.41 24.83
CA GLY D 203 17.57 16.62 24.60
C GLY D 203 17.90 16.78 23.13
N VAL D 204 17.30 15.95 22.27
CA VAL D 204 17.58 16.06 20.84
C VAL D 204 16.96 17.34 20.28
N ASP D 205 15.83 17.78 20.84
CA ASP D 205 15.27 19.07 20.45
C ASP D 205 16.21 20.22 20.81
N LEU D 206 16.78 20.16 22.02
CA LEU D 206 17.77 21.16 22.41
C LEU D 206 18.98 21.12 21.49
N PHE D 207 19.43 19.92 21.14
CA PHE D 207 20.56 19.79 20.23
C PHE D 207 20.23 20.40 18.87
N GLY D 208 19.03 20.15 18.35
CA GLY D 208 18.66 20.72 17.06
C GLY D 208 18.61 22.24 17.10
N GLU D 209 18.03 22.80 18.16
CA GLU D 209 17.95 24.25 18.24
C GLU D 209 19.33 24.87 18.44
N CYS D 210 20.24 24.17 19.12
CA CYS D 210 21.61 24.65 19.22
C CYS D 210 22.32 24.60 17.87
N TYR D 211 22.10 23.52 17.13
CA TYR D 211 22.73 23.40 15.80
C TYR D 211 22.21 24.46 14.84
N ARG D 212 20.94 24.83 14.97
CA ARG D 212 20.34 25.77 14.03
C ARG D 212 20.98 27.15 14.10
N SER D 213 21.75 27.44 15.14
CA SER D 213 22.40 28.74 15.30
C SER D 213 23.88 28.71 14.91
N SER D 214 24.67 27.86 15.56
CA SER D 214 26.13 27.87 15.40
C SER D 214 26.59 26.46 15.02
N GLU D 215 26.89 26.27 13.74
CA GLU D 215 27.33 24.96 13.26
C GLU D 215 28.63 24.53 13.93
N VAL D 216 29.63 25.40 13.93
CA VAL D 216 30.95 25.01 14.44
C VAL D 216 30.92 24.85 15.95
N ARG D 217 30.20 25.73 16.66
CA ARG D 217 30.11 25.60 18.11
C ARG D 217 29.37 24.32 18.49
N ALA D 218 28.27 24.02 17.80
CA ALA D 218 27.56 22.77 18.05
C ALA D 218 28.45 21.58 17.77
N ALA D 219 29.24 21.65 16.69
CA ALA D 219 30.15 20.55 16.36
C ALA D 219 31.17 20.33 17.47
N ARG D 220 31.76 21.41 17.97
CA ARG D 220 32.78 21.25 19.01
C ARG D 220 32.20 20.97 20.38
N LEU D 221 30.88 21.11 20.56
CA LEU D 221 30.27 20.69 21.82
C LEU D 221 30.43 19.19 22.05
N LEU D 222 30.33 18.38 20.99
CA LEU D 222 30.26 16.94 21.15
C LEU D 222 31.56 16.37 21.70
N LEU D 223 32.67 16.62 20.99
CA LEU D 223 33.95 16.03 21.38
C LEU D 223 34.48 16.60 22.68
N ARG D 224 33.85 17.64 23.22
CA ARG D 224 34.17 18.10 24.57
C ARG D 224 34.01 16.95 25.56
N ARG D 225 35.03 16.76 26.40
CA ARG D 225 35.00 15.72 27.43
C ARG D 225 34.29 16.29 28.65
N CYS D 226 33.07 15.86 28.89
CA CYS D 226 32.32 16.30 30.06
C CYS D 226 32.93 15.69 31.31
N PRO D 227 33.23 16.48 32.34
CA PRO D 227 33.82 15.89 33.56
C PRO D 227 32.93 14.87 34.24
N LEU D 228 31.61 15.03 34.17
CA LEU D 228 30.70 14.12 34.84
C LEU D 228 30.40 12.91 33.95
N TRP D 229 29.58 12.01 34.48
CA TRP D 229 29.12 10.82 33.77
C TRP D 229 30.29 9.95 33.28
N GLY D 230 31.31 9.79 34.12
CA GLY D 230 32.43 8.94 33.77
C GLY D 230 33.43 9.54 32.83
N ASP D 231 33.41 10.85 32.63
CA ASP D 231 34.38 11.55 31.78
C ASP D 231 34.39 10.99 30.36
N ALA D 232 33.20 10.71 29.83
CA ALA D 232 33.07 10.07 28.53
C ALA D 232 32.43 11.01 27.52
N THR D 233 32.77 10.79 26.25
CA THR D 233 32.21 11.59 25.17
C THR D 233 30.71 11.33 25.02
N CYS D 234 29.99 12.36 24.59
CA CYS D 234 28.54 12.29 24.48
C CYS D 234 28.11 11.20 23.51
N LEU D 235 28.81 11.08 22.38
CA LEU D 235 28.44 10.08 21.37
C LEU D 235 28.53 8.67 21.92
N GLN D 236 29.59 8.37 22.67
CA GLN D 236 29.72 7.04 23.25
C GLN D 236 28.60 6.75 24.24
N LEU D 237 28.25 7.72 25.08
CA LEU D 237 27.15 7.54 26.02
C LEU D 237 25.83 7.38 25.28
N ALA D 238 25.63 8.16 24.22
CA ALA D 238 24.41 8.02 23.43
C ALA D 238 24.30 6.65 22.80
N MET D 239 25.41 6.12 22.28
CA MET D 239 25.39 4.79 21.69
C MET D 239 25.15 3.72 22.76
N GLN D 240 25.77 3.88 23.93
CA GLN D 240 25.55 2.93 25.01
C GLN D 240 24.09 2.95 25.47
N ALA D 241 23.46 4.12 25.42
CA ALA D 241 22.04 4.24 25.72
C ALA D 241 21.16 3.90 24.52
N ASP D 242 21.75 3.58 23.38
CA ASP D 242 21.02 3.31 22.15
C ASP D 242 20.08 4.45 21.78
N ALA D 243 20.57 5.69 21.93
CA ALA D 243 19.78 6.88 21.63
C ALA D 243 19.67 7.01 20.11
N ARG D 244 18.91 6.10 19.51
CA ARG D 244 18.76 6.09 18.07
C ARG D 244 18.08 7.36 17.56
N ALA D 245 17.10 7.87 18.30
CA ALA D 245 16.48 9.13 17.92
C ALA D 245 17.48 10.27 17.93
N PHE D 246 18.37 10.29 18.92
CA PHE D 246 19.41 11.32 18.96
C PHE D 246 20.37 11.17 17.78
N PHE D 247 20.77 9.94 17.45
CA PHE D 247 21.68 9.72 16.34
C PHE D 247 21.01 10.05 15.00
N ALA D 248 19.69 9.92 14.92
CA ALA D 248 19.00 10.24 13.68
C ALA D 248 18.97 11.74 13.39
N GLN D 249 19.39 12.55 14.35
CA GLN D 249 19.39 14.01 14.18
C GLN D 249 20.32 14.39 13.03
N ASP D 250 19.86 15.33 12.20
CA ASP D 250 20.61 15.70 11.01
C ASP D 250 21.96 16.30 11.35
N GLY D 251 22.06 17.03 12.46
CA GLY D 251 23.33 17.61 12.85
C GLY D 251 24.39 16.58 13.16
N VAL D 252 24.03 15.57 13.97
CA VAL D 252 25.00 14.52 14.27
C VAL D 252 25.26 13.67 13.04
N GLN D 253 24.27 13.51 12.16
CA GLN D 253 24.51 12.81 10.90
C GLN D 253 25.56 13.55 10.07
N SER D 254 25.44 14.87 9.96
CA SER D 254 26.40 15.65 9.22
C SER D 254 27.78 15.61 9.87
N LEU D 255 27.83 15.65 11.20
CA LEU D 255 29.11 15.56 11.89
C LEU D 255 29.78 14.22 11.63
N LEU D 256 29.01 13.13 11.69
CA LEU D 256 29.57 11.81 11.40
C LEU D 256 30.03 11.73 9.95
N THR D 257 29.29 12.35 9.04
CA THR D 257 29.72 12.40 7.64
C THR D 257 31.05 13.12 7.52
N GLN D 258 31.20 14.25 8.21
CA GLN D 258 32.45 15.00 8.14
C GLN D 258 33.61 14.20 8.74
N LYS D 259 33.35 13.48 9.84
CA LYS D 259 34.41 12.66 10.42
C LYS D 259 34.81 11.52 9.49
N TRP D 260 33.83 10.91 8.81
CA TRP D 260 34.16 9.87 7.84
C TRP D 260 34.99 10.44 6.70
N TRP D 261 34.62 11.61 6.18
CA TRP D 261 35.47 12.36 5.28
C TRP D 261 36.44 13.26 6.05
N GLY D 262 37.16 12.71 7.02
CA GLY D 262 38.01 13.50 7.90
C GLY D 262 39.10 14.27 7.18
N ASP D 263 39.08 15.60 7.31
CA ASP D 263 40.03 16.47 6.64
C ASP D 263 40.08 16.21 5.14
N MET D 264 38.89 16.03 4.54
CA MET D 264 38.81 15.46 3.21
C MET D 264 37.80 16.18 2.31
N ALA D 265 37.24 17.31 2.76
CA ALA D 265 36.28 18.09 1.98
C ALA D 265 35.02 17.26 1.67
N SER D 266 34.26 17.00 2.74
CA SER D 266 33.13 16.10 2.73
C SER D 266 32.13 16.34 1.60
N THR D 267 32.17 17.51 0.98
CA THR D 267 31.27 17.82 -0.13
C THR D 267 31.82 17.32 -1.48
N THR D 268 33.01 16.73 -1.50
CA THR D 268 33.61 16.29 -2.75
C THR D 268 32.87 15.08 -3.33
N PRO D 269 32.78 14.99 -4.64
CA PRO D 269 32.13 13.82 -5.26
C PRO D 269 32.99 12.56 -5.16
N ILE D 270 32.32 11.43 -5.34
CA ILE D 270 32.95 10.13 -5.11
C ILE D 270 34.04 9.84 -6.15
N TRP D 271 33.78 10.22 -7.41
CA TRP D 271 34.73 9.90 -8.47
C TRP D 271 36.07 10.59 -8.24
N ALA D 272 36.04 11.83 -7.75
CA ALA D 272 37.29 12.48 -7.36
C ALA D 272 38.03 11.64 -6.35
N LEU D 273 37.32 11.11 -5.36
CA LEU D 273 37.95 10.25 -4.35
C LEU D 273 38.58 9.02 -4.97
N VAL D 274 37.85 8.31 -5.84
CA VAL D 274 38.34 7.02 -6.31
C VAL D 274 39.51 7.20 -7.27
N LEU D 275 39.41 8.19 -8.18
CA LEU D 275 40.54 8.47 -9.07
C LEU D 275 41.75 8.96 -8.29
N ALA D 276 41.54 9.77 -7.25
CA ALA D 276 42.66 10.18 -6.41
C ALA D 276 43.28 8.98 -5.72
N PHE D 277 42.46 8.00 -5.33
CA PHE D 277 42.99 6.80 -4.69
C PHE D 277 43.87 6.01 -5.65
N PHE D 278 43.44 5.85 -6.91
CA PHE D 278 44.33 5.19 -7.86
C PHE D 278 45.55 6.04 -8.21
N CYS D 279 45.45 7.36 -8.12
CA CYS D 279 46.56 8.24 -8.49
C CYS D 279 47.07 9.00 -7.27
N PRO D 280 48.07 8.48 -6.56
CA PRO D 280 48.64 9.22 -5.43
C PRO D 280 49.20 10.57 -5.82
N PRO D 281 49.81 10.73 -7.01
CA PRO D 281 50.22 12.09 -7.42
C PRO D 281 49.07 13.06 -7.60
N LEU D 282 47.84 12.56 -7.78
CA LEU D 282 46.71 13.46 -8.00
C LEU D 282 46.33 14.24 -6.74
N ILE D 283 46.94 13.91 -5.60
CA ILE D 283 46.60 14.58 -4.35
C ILE D 283 46.93 16.08 -4.43
N TYR D 284 48.01 16.42 -5.13
CA TYR D 284 48.47 17.80 -5.19
C TYR D 284 47.97 18.48 -6.48
N THR D 285 46.66 18.64 -6.55
CA THR D 285 46.01 19.27 -7.69
C THR D 285 44.96 20.25 -7.19
N ARG D 286 44.35 20.97 -8.13
CA ARG D 286 43.25 21.87 -7.83
C ARG D 286 42.01 21.13 -7.33
N LEU D 287 41.83 19.88 -7.70
CA LEU D 287 40.70 19.08 -7.28
C LEU D 287 40.91 18.57 -5.85
N ILE D 288 39.83 18.05 -5.26
CA ILE D 288 39.81 17.38 -3.96
C ILE D 288 40.57 18.17 -2.90
N THR D 289 40.00 19.29 -2.48
CA THR D 289 40.61 20.12 -1.45
C THR D 289 40.50 19.46 -0.08
N PHE D 290 41.16 20.07 0.90
CA PHE D 290 41.07 19.66 2.29
C PHE D 290 40.76 20.88 3.17
N ARG D 291 40.74 20.66 4.48
CA ARG D 291 40.59 21.76 5.43
C ARG D 291 41.93 22.44 5.65
N ARG D 346 57.41 20.06 6.47
CA ARG D 346 57.02 19.23 5.33
C ARG D 346 55.51 19.06 5.26
N ARG D 347 54.83 20.04 4.68
CA ARG D 347 53.37 19.97 4.55
C ARG D 347 52.95 18.73 3.77
N CYS D 348 53.83 18.22 2.90
CA CYS D 348 53.53 17.00 2.17
C CYS D 348 53.32 15.82 3.12
N LEU D 349 54.10 15.76 4.20
CA LEU D 349 53.93 14.66 5.15
C LEU D 349 52.57 14.69 5.83
N ARG D 350 52.15 15.87 6.32
CA ARG D 350 50.84 15.95 6.94
C ARG D 350 49.73 15.70 5.93
N ARG D 351 49.88 16.20 4.70
CA ARG D 351 48.88 15.91 3.67
C ARG D 351 48.76 14.42 3.41
N TRP D 352 49.90 13.74 3.26
CA TRP D 352 49.91 12.31 3.01
C TRP D 352 49.26 11.55 4.16
N PHE D 353 49.65 11.87 5.40
CA PHE D 353 49.11 11.16 6.54
C PHE D 353 47.62 11.41 6.71
N HIS D 354 47.18 12.67 6.54
CA HIS D 354 45.77 12.99 6.66
C HIS D 354 44.93 12.34 5.58
N PHE D 355 45.42 12.27 4.34
CA PHE D 355 44.68 11.61 3.28
C PHE D 355 44.62 10.10 3.46
N TRP D 356 45.72 9.48 3.89
CA TRP D 356 45.75 8.03 4.02
C TRP D 356 45.20 7.53 5.35
N GLY D 357 44.95 8.41 6.30
CA GLY D 357 44.34 8.03 7.56
C GLY D 357 42.87 8.37 7.68
N ALA D 358 42.28 8.97 6.66
CA ALA D 358 40.85 9.26 6.70
C ALA D 358 40.06 7.96 6.77
N PRO D 359 38.98 7.92 7.55
CA PRO D 359 38.17 6.70 7.61
C PRO D 359 37.64 6.27 6.25
N VAL D 360 37.25 7.23 5.41
CA VAL D 360 36.76 6.87 4.08
C VAL D 360 37.88 6.30 3.23
N THR D 361 39.09 6.84 3.37
CA THR D 361 40.23 6.29 2.63
C THR D 361 40.54 4.87 3.09
N ILE D 362 40.47 4.63 4.41
CA ILE D 362 40.67 3.28 4.92
C ILE D 362 39.59 2.35 4.37
N PHE D 363 38.35 2.83 4.30
CA PHE D 363 37.28 2.02 3.75
C PHE D 363 37.54 1.66 2.30
N MET D 364 37.98 2.64 1.49
CA MET D 364 38.25 2.36 0.09
C MET D 364 39.42 1.38 -0.06
N GLY D 365 40.46 1.55 0.75
CA GLY D 365 41.59 0.63 0.70
C GLY D 365 41.18 -0.79 1.07
N ASN D 366 40.37 -0.92 2.12
CA ASN D 366 39.91 -2.24 2.52
C ASN D 366 38.98 -2.85 1.47
N VAL D 367 38.17 -2.02 0.81
CA VAL D 367 37.28 -2.54 -0.23
C VAL D 367 38.09 -3.07 -1.41
N VAL D 368 39.09 -2.30 -1.84
CA VAL D 368 39.88 -2.76 -2.99
C VAL D 368 40.72 -3.98 -2.60
N SER D 369 41.23 -4.02 -1.36
CA SER D 369 41.97 -5.19 -0.91
C SER D 369 41.07 -6.42 -0.84
N TYR D 370 39.82 -6.24 -0.41
CA TYR D 370 38.90 -7.37 -0.33
C TYR D 370 38.51 -7.86 -1.72
N LEU D 371 38.32 -6.95 -2.67
CA LEU D 371 38.04 -7.36 -4.03
C LEU D 371 39.22 -8.14 -4.62
N LEU D 372 40.45 -7.65 -4.38
CA LEU D 372 41.62 -8.39 -4.84
C LEU D 372 41.72 -9.75 -4.16
N PHE D 373 41.38 -9.81 -2.87
CA PHE D 373 41.40 -11.09 -2.17
C PHE D 373 40.39 -12.06 -2.76
N LEU D 374 39.19 -11.59 -3.10
CA LEU D 374 38.20 -12.47 -3.70
C LEU D 374 38.65 -12.94 -5.08
N LEU D 375 39.23 -12.05 -5.87
CA LEU D 375 39.75 -12.46 -7.17
C LEU D 375 40.84 -13.51 -7.01
N LEU D 376 41.74 -13.31 -6.06
CA LEU D 376 42.79 -14.29 -5.80
C LEU D 376 42.21 -15.63 -5.34
N PHE D 377 41.21 -15.58 -4.47
CA PHE D 377 40.60 -16.80 -3.97
C PHE D 377 39.94 -17.58 -5.10
N SER D 378 39.23 -16.87 -5.98
CA SER D 378 38.61 -17.53 -7.13
C SER D 378 39.66 -18.12 -8.06
N ARG D 379 40.75 -17.37 -8.30
CA ARG D 379 41.79 -17.86 -9.20
C ARG D 379 42.49 -19.09 -8.65
N VAL D 380 42.72 -19.12 -7.33
CA VAL D 380 43.31 -20.31 -6.73
C VAL D 380 42.33 -21.48 -6.73
N LEU D 381 41.05 -21.21 -6.42
CA LEU D 381 40.06 -22.27 -6.32
C LEU D 381 39.75 -22.92 -7.66
N LEU D 382 39.74 -22.13 -8.74
CA LEU D 382 39.24 -22.63 -10.01
C LEU D 382 40.32 -23.25 -10.89
N VAL D 383 41.56 -22.78 -10.78
CA VAL D 383 42.61 -23.22 -11.69
C VAL D 383 43.74 -23.91 -10.94
N ASP D 384 44.40 -23.16 -10.05
CA ASP D 384 45.61 -23.65 -9.41
C ASP D 384 45.31 -24.35 -8.09
N PHE D 385 44.56 -25.45 -8.14
CA PHE D 385 44.27 -26.23 -6.94
C PHE D 385 44.44 -27.72 -7.21
N GLN D 386 45.55 -28.08 -7.84
CA GLN D 386 45.87 -29.47 -8.09
C GLN D 386 46.25 -30.16 -6.78
N PRO D 387 46.18 -31.49 -6.75
CA PRO D 387 46.63 -32.22 -5.56
C PRO D 387 48.11 -32.05 -5.26
N ALA D 388 48.85 -31.35 -6.11
CA ALA D 388 50.26 -31.05 -5.90
C ALA D 388 50.41 -30.10 -4.72
N PRO D 389 51.58 -30.02 -4.10
CA PRO D 389 51.77 -29.10 -2.97
C PRO D 389 51.51 -27.67 -3.40
N PRO D 390 51.06 -26.82 -2.47
CA PRO D 390 50.63 -25.47 -2.85
C PRO D 390 51.74 -24.67 -3.53
N GLY D 391 51.34 -23.90 -4.54
CA GLY D 391 52.27 -23.06 -5.27
C GLY D 391 52.41 -21.68 -4.65
N SER D 392 53.03 -20.79 -5.40
CA SER D 392 53.27 -19.43 -4.92
C SER D 392 51.96 -18.70 -4.64
N LEU D 393 50.99 -18.83 -5.55
CA LEU D 393 49.71 -18.16 -5.37
C LEU D 393 48.96 -18.70 -4.16
N GLU D 394 48.98 -20.01 -3.97
CA GLU D 394 48.27 -20.59 -2.83
C GLU D 394 48.94 -20.22 -1.51
N LEU D 395 50.28 -20.17 -1.50
CA LEU D 395 50.97 -19.70 -0.30
C LEU D 395 50.65 -18.24 -0.01
N LEU D 396 50.59 -17.42 -1.06
CA LEU D 396 50.24 -16.01 -0.87
C LEU D 396 48.83 -15.87 -0.32
N LEU D 397 47.90 -16.71 -0.80
CA LEU D 397 46.55 -16.71 -0.28
C LEU D 397 46.51 -17.14 1.18
N TYR D 398 47.32 -18.14 1.55
CA TYR D 398 47.41 -18.55 2.94
C TYR D 398 47.89 -17.38 3.81
N PHE D 399 48.92 -16.68 3.37
CA PHE D 399 49.41 -15.52 4.12
C PHE D 399 48.36 -14.43 4.19
N TRP D 400 47.61 -14.23 3.11
CA TRP D 400 46.53 -13.24 3.09
C TRP D 400 45.49 -13.56 4.15
N ALA D 401 45.00 -14.80 4.17
CA ALA D 401 43.99 -15.17 5.16
C ALA D 401 44.57 -15.13 6.56
N PHE D 402 45.86 -15.41 6.71
CA PHE D 402 46.51 -15.24 8.00
C PHE D 402 46.46 -13.80 8.45
N THR D 403 46.70 -12.86 7.52
CA THR D 403 46.62 -11.45 7.86
C THR D 403 45.21 -11.06 8.28
N LEU D 404 44.21 -11.54 7.55
CA LEU D 404 42.82 -11.26 7.94
C LEU D 404 42.51 -11.82 9.32
N LEU D 405 42.94 -13.05 9.60
CA LEU D 405 42.69 -13.63 10.91
C LEU D 405 43.38 -12.83 12.01
N CYS D 406 44.63 -12.43 11.79
CA CYS D 406 45.35 -11.64 12.77
C CYS D 406 44.65 -10.32 13.04
N GLU D 407 44.21 -9.64 11.97
CA GLU D 407 43.56 -8.34 12.15
C GLU D 407 42.22 -8.51 12.86
N GLU D 408 41.49 -9.59 12.55
CA GLU D 408 40.19 -9.78 13.19
C GLU D 408 40.35 -10.12 14.66
N LEU D 409 41.35 -10.93 15.01
CA LEU D 409 41.58 -11.22 16.42
C LEU D 409 42.10 -9.99 17.15
N ARG D 410 42.83 -9.11 16.45
CA ARG D 410 43.21 -7.84 17.02
C ARG D 410 41.99 -6.99 17.34
N GLN D 411 41.02 -6.95 16.42
CA GLN D 411 39.75 -6.28 16.71
C GLN D 411 39.07 -6.89 17.93
N GLY D 412 39.04 -8.22 17.99
CA GLY D 412 38.40 -8.87 19.13
C GLY D 412 39.07 -8.55 20.45
N LEU D 413 40.40 -8.47 20.45
CA LEU D 413 41.12 -8.15 21.67
C LEU D 413 40.94 -6.68 22.06
N SER D 414 40.91 -5.79 21.07
CA SER D 414 40.82 -4.36 21.38
C SER D 414 39.41 -3.96 21.78
N GLY D 415 38.45 -4.16 20.88
CA GLY D 415 37.07 -3.79 21.15
C GLY D 415 36.40 -4.67 22.20
N SER D 431 39.76 -8.64 31.69
CA SER D 431 38.47 -8.68 31.02
C SER D 431 38.56 -9.40 29.69
N LEU D 432 39.54 -10.32 29.58
CA LEU D 432 39.71 -11.08 28.35
C LEU D 432 38.49 -11.97 28.09
N SER D 433 37.95 -12.59 29.14
CA SER D 433 36.75 -13.41 28.97
C SER D 433 35.49 -12.55 28.83
N GLN D 434 35.44 -11.40 29.49
CA GLN D 434 34.28 -10.52 29.35
C GLN D 434 34.16 -9.99 27.93
N ARG D 435 35.29 -9.59 27.32
CA ARG D 435 35.27 -9.14 25.94
C ARG D 435 34.98 -10.26 24.96
N LEU D 436 35.40 -11.49 25.27
CA LEU D 436 35.09 -12.62 24.39
C LEU D 436 33.60 -12.86 24.32
N ARG D 437 32.90 -12.77 25.45
CA ARG D 437 31.45 -12.94 25.44
C ARG D 437 30.77 -11.84 24.65
N LEU D 438 31.25 -10.60 24.76
CA LEU D 438 30.70 -9.52 23.94
C LEU D 438 30.95 -9.77 22.46
N TYR D 439 32.14 -10.27 22.11
CA TYR D 439 32.44 -10.56 20.72
C TYR D 439 31.61 -11.73 20.20
N LEU D 440 31.17 -12.61 21.11
CA LEU D 440 30.23 -13.66 20.71
C LEU D 440 28.94 -13.06 20.16
N ALA D 441 28.55 -11.89 20.67
CA ALA D 441 27.43 -11.14 20.11
C ALA D 441 27.91 -10.43 18.85
N ASP D 442 27.07 -9.55 18.30
CA ASP D 442 27.31 -8.93 17.00
C ASP D 442 27.55 -10.01 15.95
N SER D 443 26.47 -10.73 15.67
CA SER D 443 26.50 -12.00 14.93
C SER D 443 27.22 -12.17 13.59
N TRP D 444 27.49 -11.08 12.88
CA TRP D 444 28.25 -11.22 11.64
C TRP D 444 29.81 -11.14 11.82
N ASN D 445 30.17 -10.61 12.99
CA ASN D 445 31.54 -10.77 13.47
C ASN D 445 31.60 -12.26 13.76
N GLN D 446 30.51 -12.84 14.25
CA GLN D 446 30.45 -14.30 14.39
C GLN D 446 30.54 -14.98 13.03
N CYS D 447 29.85 -14.43 12.03
CA CYS D 447 29.97 -14.96 10.68
C CYS D 447 31.40 -14.85 10.17
N ASP D 448 32.05 -13.73 10.45
CA ASP D 448 33.45 -13.57 10.06
C ASP D 448 34.34 -14.62 10.71
N LEU D 449 34.18 -14.83 12.02
CA LEU D 449 35.05 -15.78 12.72
C LEU D 449 34.79 -17.21 12.25
N VAL D 450 33.52 -17.56 12.03
CA VAL D 450 33.22 -18.91 11.56
C VAL D 450 33.76 -19.10 10.15
N ALA D 451 33.72 -18.05 9.33
CA ALA D 451 34.30 -18.13 8.00
C ALA D 451 35.80 -18.40 8.06
N LEU D 452 36.51 -17.65 8.92
CA LEU D 452 37.95 -17.85 9.02
C LEU D 452 38.29 -19.22 9.59
N THR D 453 37.52 -19.69 10.58
CA THR D 453 37.77 -21.02 11.13
C THR D 453 37.50 -22.11 10.09
N CYS D 454 36.46 -21.93 9.28
CA CYS D 454 36.18 -22.92 8.24
C CYS D 454 37.27 -22.91 7.18
N PHE D 455 37.83 -21.73 6.87
CA PHE D 455 38.97 -21.69 5.97
C PHE D 455 40.17 -22.41 6.56
N LEU D 456 40.42 -22.23 7.85
CA LEU D 456 41.52 -22.93 8.50
C LEU D 456 41.31 -24.44 8.44
N LEU D 457 40.07 -24.87 8.68
CA LEU D 457 39.75 -26.29 8.54
C LEU D 457 40.00 -26.77 7.11
N GLY D 458 39.66 -25.94 6.12
CA GLY D 458 39.89 -26.32 4.74
C GLY D 458 41.36 -26.46 4.42
N VAL D 459 42.18 -25.54 4.94
CA VAL D 459 43.62 -25.64 4.72
C VAL D 459 44.18 -26.88 5.41
N GLY D 460 43.67 -27.18 6.60
CA GLY D 460 44.09 -28.40 7.28
C GLY D 460 43.74 -29.65 6.49
N CYS D 461 42.53 -29.70 5.93
CA CYS D 461 42.15 -30.83 5.10
C CYS D 461 43.01 -30.91 3.84
N ARG D 462 43.29 -29.75 3.23
CA ARG D 462 44.12 -29.72 2.03
C ARG D 462 45.52 -30.23 2.32
N LEU D 463 46.08 -29.89 3.48
CA LEU D 463 47.41 -30.37 3.84
C LEU D 463 47.44 -31.89 3.93
N THR D 464 46.42 -32.49 4.53
CA THR D 464 46.36 -33.94 4.60
C THR D 464 46.05 -34.51 3.22
N PRO D 465 46.84 -35.49 2.75
CA PRO D 465 46.61 -36.01 1.39
C PRO D 465 45.22 -36.61 1.20
N GLY D 466 44.65 -37.24 2.22
CA GLY D 466 43.37 -37.90 2.05
C GLY D 466 42.23 -36.92 1.85
N LEU D 467 42.28 -35.77 2.53
CA LEU D 467 41.15 -34.87 2.62
C LEU D 467 41.14 -33.79 1.54
N TYR D 468 41.72 -34.06 0.37
CA TYR D 468 41.72 -33.09 -0.72
C TYR D 468 40.30 -32.74 -1.16
N HIS D 469 39.44 -33.75 -1.29
CA HIS D 469 38.09 -33.52 -1.79
C HIS D 469 37.26 -32.74 -0.79
N LEU D 470 37.42 -33.01 0.50
CA LEU D 470 36.77 -32.20 1.52
C LEU D 470 37.30 -30.78 1.51
N GLY D 471 38.61 -30.63 1.31
CA GLY D 471 39.20 -29.30 1.27
C GLY D 471 38.63 -28.44 0.16
N ARG D 472 38.49 -29.03 -1.04
CA ARG D 472 37.88 -28.28 -2.15
C ARG D 472 36.49 -27.78 -1.78
N THR D 473 35.65 -28.67 -1.25
CA THR D 473 34.28 -28.32 -0.93
C THR D 473 34.21 -27.21 0.12
N VAL D 474 34.98 -27.35 1.20
CA VAL D 474 34.91 -26.36 2.26
C VAL D 474 35.48 -25.02 1.80
N LEU D 475 36.52 -25.04 0.96
CA LEU D 475 37.02 -23.78 0.42
C LEU D 475 35.99 -23.12 -0.47
N CYS D 476 35.26 -23.91 -1.26
CA CYS D 476 34.21 -23.36 -2.11
C CYS D 476 33.12 -22.69 -1.28
N ILE D 477 32.71 -23.34 -0.18
CA ILE D 477 31.72 -22.72 0.70
C ILE D 477 32.29 -21.46 1.36
N ASP D 478 33.58 -21.48 1.67
CA ASP D 478 34.21 -20.30 2.27
C ASP D 478 34.22 -19.13 1.31
N PHE D 479 34.32 -19.40 0.01
CA PHE D 479 34.19 -18.31 -0.95
C PHE D 479 32.82 -17.62 -0.81
N MET D 480 31.76 -18.41 -0.70
CA MET D 480 30.42 -17.84 -0.57
C MET D 480 30.29 -17.03 0.71
N VAL D 481 30.80 -17.56 1.82
CA VAL D 481 30.65 -16.83 3.08
C VAL D 481 31.48 -15.55 3.05
N PHE D 482 32.64 -15.57 2.39
CA PHE D 482 33.45 -14.36 2.25
C PHE D 482 32.72 -13.32 1.40
N THR D 483 32.04 -13.75 0.34
CA THR D 483 31.26 -12.82 -0.48
C THR D 483 30.12 -12.22 0.33
N VAL D 484 29.48 -13.02 1.18
CA VAL D 484 28.44 -12.50 2.06
C VAL D 484 29.04 -11.46 3.01
N ARG D 485 30.25 -11.70 3.50
CA ARG D 485 30.91 -10.71 4.34
C ARG D 485 31.19 -9.42 3.56
N LEU D 486 31.50 -9.56 2.27
CA LEU D 486 31.61 -8.37 1.42
C LEU D 486 30.32 -7.58 1.38
N LEU D 487 29.21 -8.29 1.17
CA LEU D 487 27.90 -7.64 1.18
C LEU D 487 27.67 -6.91 2.49
N HIS D 488 28.03 -7.54 3.61
CA HIS D 488 27.83 -6.90 4.91
C HIS D 488 28.72 -5.68 5.08
N ILE D 489 29.96 -5.74 4.63
CA ILE D 489 30.92 -4.66 4.90
C ILE D 489 30.66 -3.48 3.97
N PHE D 490 30.00 -3.73 2.84
CA PHE D 490 29.71 -2.68 1.86
C PHE D 490 28.41 -1.94 2.18
N THR D 491 27.91 -2.03 3.41
CA THR D 491 26.62 -1.45 3.76
C THR D 491 26.68 0.02 4.11
N VAL D 492 27.87 0.62 4.21
CA VAL D 492 27.96 2.01 4.66
C VAL D 492 27.45 2.98 3.61
N ASN D 493 27.13 2.51 2.40
CA ASN D 493 26.61 3.40 1.37
C ASN D 493 25.27 3.98 1.82
N LYS D 494 25.10 5.29 1.57
CA LYS D 494 23.93 6.01 2.07
C LYS D 494 22.64 5.62 1.36
N GLN D 495 22.70 4.88 0.26
CA GLN D 495 21.51 4.50 -0.48
C GLN D 495 21.19 3.01 -0.37
N LEU D 496 21.97 2.24 0.38
CA LEU D 496 21.79 0.80 0.45
C LEU D 496 21.51 0.27 1.85
N GLY D 497 21.98 0.96 2.89
CA GLY D 497 21.92 0.46 4.24
C GLY D 497 20.54 0.12 4.78
N PRO D 498 19.56 1.00 4.58
CA PRO D 498 18.19 0.64 4.98
C PRO D 498 17.71 -0.64 4.33
N LYS D 499 18.04 -0.85 3.06
CA LYS D 499 17.64 -2.09 2.40
C LYS D 499 18.46 -3.28 2.88
N ILE D 500 19.71 -3.03 3.29
CA ILE D 500 20.49 -4.07 3.96
C ILE D 500 19.75 -4.54 5.20
N VAL D 501 19.18 -3.61 5.96
CA VAL D 501 18.41 -3.99 7.14
C VAL D 501 17.12 -4.69 6.74
N ILE D 502 16.47 -4.23 5.67
CA ILE D 502 15.19 -4.77 5.27
C ILE D 502 15.32 -6.23 4.83
N VAL D 503 16.34 -6.54 4.04
CA VAL D 503 16.50 -7.93 3.59
C VAL D 503 16.79 -8.85 4.77
N SER D 504 17.46 -8.33 5.81
CA SER D 504 17.60 -9.11 7.03
C SER D 504 16.26 -9.32 7.71
N LYS D 505 15.41 -8.29 7.70
CA LYS D 505 14.09 -8.41 8.32
C LYS D 505 13.16 -9.37 7.58
N MET D 506 13.32 -9.53 6.27
CA MET D 506 12.39 -10.34 5.48
C MET D 506 12.53 -11.83 5.73
N MET D 507 13.42 -12.24 6.63
CA MET D 507 13.65 -13.66 6.86
C MET D 507 12.42 -14.35 7.44
N LYS D 508 11.64 -13.67 8.26
CA LYS D 508 10.44 -14.29 8.81
C LYS D 508 9.46 -14.66 7.69
N ASP D 509 9.25 -13.74 6.75
CA ASP D 509 8.33 -14.02 5.65
C ASP D 509 8.88 -15.12 4.73
N VAL D 510 10.18 -15.08 4.44
CA VAL D 510 10.70 -16.11 3.54
C VAL D 510 10.67 -17.47 4.22
N PHE D 511 10.85 -17.51 5.54
CA PHE D 511 10.73 -18.78 6.26
C PHE D 511 9.29 -19.28 6.26
N PHE D 512 8.32 -18.38 6.39
CA PHE D 512 6.92 -18.78 6.25
C PHE D 512 6.66 -19.41 4.90
N PHE D 513 7.10 -18.75 3.83
CA PHE D 513 6.92 -19.30 2.50
C PHE D 513 7.63 -20.64 2.37
N LEU D 514 8.83 -20.76 2.95
CA LEU D 514 9.56 -22.01 2.87
C LEU D 514 8.83 -23.14 3.58
N PHE D 515 8.21 -22.84 4.72
CA PHE D 515 7.47 -23.87 5.45
C PHE D 515 6.25 -24.34 4.68
N PHE D 516 5.46 -23.39 4.15
CA PHE D 516 4.29 -23.80 3.35
C PHE D 516 4.72 -24.55 2.09
N LEU D 517 5.78 -24.09 1.43
CA LEU D 517 6.26 -24.81 0.26
C LEU D 517 6.70 -26.22 0.64
N GLY D 518 7.35 -26.38 1.81
CA GLY D 518 7.73 -27.70 2.25
C GLY D 518 6.54 -28.62 2.48
N VAL D 519 5.51 -28.10 3.15
CA VAL D 519 4.34 -28.93 3.44
C VAL D 519 3.64 -29.35 2.15
N TRP D 520 3.35 -28.38 1.28
CA TRP D 520 2.65 -28.70 0.06
C TRP D 520 3.51 -29.56 -0.86
N LEU D 521 4.81 -29.34 -0.85
CA LEU D 521 5.73 -30.13 -1.65
C LEU D 521 5.77 -31.57 -1.20
N VAL D 522 5.80 -31.79 0.12
CA VAL D 522 5.74 -33.15 0.65
C VAL D 522 4.46 -33.82 0.20
N ALA D 523 3.33 -33.13 0.37
CA ALA D 523 2.05 -33.73 0.02
C ALA D 523 2.01 -34.13 -1.45
N TYR D 524 2.32 -33.19 -2.34
CA TYR D 524 2.23 -33.47 -3.77
C TYR D 524 3.25 -34.51 -4.20
N GLY D 525 4.49 -34.40 -3.70
CA GLY D 525 5.53 -35.32 -4.12
C GLY D 525 5.22 -36.75 -3.72
N VAL D 526 4.81 -36.95 -2.47
CA VAL D 526 4.49 -38.31 -2.04
C VAL D 526 3.25 -38.82 -2.77
N ALA D 527 2.27 -37.94 -3.01
CA ALA D 527 1.08 -38.37 -3.72
C ALA D 527 1.40 -38.84 -5.13
N THR D 528 2.22 -38.09 -5.86
CA THR D 528 2.55 -38.50 -7.22
C THR D 528 3.47 -39.72 -7.22
N GLU D 529 4.40 -39.79 -6.26
CA GLU D 529 5.29 -40.94 -6.15
C GLU D 529 4.54 -42.21 -5.80
N GLY D 530 3.37 -42.08 -5.19
CA GLY D 530 2.54 -43.25 -4.94
C GLY D 530 1.63 -43.57 -6.11
N LEU D 531 1.09 -42.52 -6.75
CA LEU D 531 0.16 -42.74 -7.85
C LEU D 531 0.84 -43.41 -9.04
N LEU D 532 2.05 -42.97 -9.37
CA LEU D 532 2.87 -43.64 -10.36
C LEU D 532 3.97 -44.41 -9.65
N ARG D 533 4.20 -45.66 -10.06
CA ARG D 533 5.05 -46.55 -9.29
C ARG D 533 6.30 -46.94 -10.06
N PRO D 534 7.34 -46.11 -10.06
CA PRO D 534 8.58 -46.48 -10.76
C PRO D 534 9.23 -47.69 -10.12
N ARG D 535 9.87 -48.50 -10.96
CA ARG D 535 10.59 -49.66 -10.44
C ARG D 535 11.88 -49.24 -9.75
N ASP D 536 12.42 -48.08 -10.11
CA ASP D 536 13.62 -47.57 -9.45
C ASP D 536 13.24 -46.99 -8.09
N SER D 537 12.98 -47.87 -7.11
CA SER D 537 12.55 -47.46 -5.79
C SER D 537 13.73 -47.23 -4.84
N ASP D 538 14.90 -46.88 -5.38
CA ASP D 538 16.04 -46.57 -4.55
C ASP D 538 15.75 -45.35 -3.71
N PHE D 539 16.31 -45.31 -2.49
CA PHE D 539 16.05 -44.20 -1.57
C PHE D 539 16.52 -42.85 -2.11
N PRO D 540 17.74 -42.70 -2.65
CA PRO D 540 18.09 -41.40 -3.24
C PRO D 540 17.17 -40.99 -4.39
N SER D 541 16.78 -41.94 -5.24
CA SER D 541 15.89 -41.60 -6.34
C SER D 541 14.52 -41.18 -5.85
N ILE D 542 14.02 -41.82 -4.78
CA ILE D 542 12.73 -41.42 -4.22
C ILE D 542 12.83 -40.03 -3.61
N LEU D 543 13.88 -39.79 -2.82
CA LEU D 543 14.08 -38.46 -2.26
C LEU D 543 14.27 -37.39 -3.33
N ARG D 544 14.76 -37.78 -4.50
CA ARG D 544 14.85 -36.85 -5.62
C ARG D 544 13.48 -36.57 -6.22
N ARG D 545 12.79 -37.63 -6.65
CA ARG D 545 11.52 -37.47 -7.34
C ARG D 545 10.43 -36.86 -6.46
N VAL D 546 10.56 -36.95 -5.13
CA VAL D 546 9.54 -36.37 -4.26
C VAL D 546 9.80 -34.90 -3.96
N PHE D 547 11.06 -34.49 -3.83
CA PHE D 547 11.39 -33.13 -3.41
C PHE D 547 12.01 -32.29 -4.53
N TYR D 548 13.09 -32.77 -5.14
CA TYR D 548 13.84 -31.95 -6.07
C TYR D 548 13.03 -31.64 -7.32
N ARG D 549 12.46 -32.66 -7.95
CA ARG D 549 11.70 -32.45 -9.18
C ARG D 549 10.48 -31.57 -8.99
N PRO D 550 9.60 -31.81 -8.00
CA PRO D 550 8.49 -30.87 -7.80
C PRO D 550 8.95 -29.47 -7.46
N TYR D 551 10.10 -29.33 -6.80
CA TYR D 551 10.64 -28.00 -6.55
C TYR D 551 10.98 -27.30 -7.87
N LEU D 552 11.64 -28.01 -8.78
CA LEU D 552 11.97 -27.42 -10.07
C LEU D 552 10.74 -27.21 -10.95
N GLN D 553 9.62 -27.86 -10.64
CA GLN D 553 8.39 -27.55 -11.37
C GLN D 553 7.96 -26.11 -11.14
N ILE D 554 8.39 -25.50 -10.03
CA ILE D 554 8.03 -24.11 -9.73
C ILE D 554 8.70 -23.15 -10.71
N PHE D 555 9.94 -23.43 -11.09
CA PHE D 555 10.75 -22.50 -11.87
C PHE D 555 10.87 -22.92 -13.33
N GLY D 556 9.79 -23.47 -13.90
CA GLY D 556 9.73 -23.75 -15.32
C GLY D 556 10.24 -25.10 -15.76
N GLN D 557 10.83 -25.89 -14.86
CA GLN D 557 11.33 -27.21 -15.22
C GLN D 557 10.24 -28.23 -14.92
N ILE D 558 9.35 -28.43 -15.88
CA ILE D 558 8.23 -29.35 -15.74
C ILE D 558 8.48 -30.59 -16.58
N PRO D 559 8.77 -31.74 -15.97
CA PRO D 559 8.99 -32.98 -16.72
C PRO D 559 7.68 -33.58 -17.22
N GLN D 560 7.02 -32.83 -18.11
CA GLN D 560 5.72 -33.24 -18.63
C GLN D 560 5.83 -34.58 -19.34
N GLU D 561 6.85 -34.75 -20.18
CA GLU D 561 7.04 -36.01 -20.88
C GLU D 561 7.47 -37.13 -19.93
N ASP D 562 7.94 -36.79 -18.73
CA ASP D 562 8.32 -37.81 -17.77
C ASP D 562 7.16 -38.26 -16.90
N MET D 563 6.15 -37.41 -16.69
CA MET D 563 5.07 -37.78 -15.78
C MET D 563 3.71 -37.98 -16.46
N ASP D 564 3.55 -37.63 -17.73
CA ASP D 564 2.26 -37.75 -18.39
C ASP D 564 2.25 -38.99 -19.28
N VAL D 565 1.14 -39.72 -19.26
CA VAL D 565 1.07 -41.00 -19.97
C VAL D 565 1.06 -40.80 -21.47
N ALA D 566 0.39 -39.75 -21.95
CA ALA D 566 0.30 -39.54 -23.39
C ALA D 566 1.64 -39.28 -24.04
N LEU D 567 2.60 -38.73 -23.30
CA LEU D 567 3.88 -38.36 -23.88
C LEU D 567 4.90 -39.49 -23.89
N MET D 568 4.62 -40.61 -23.22
CA MET D 568 5.55 -41.74 -23.19
C MET D 568 5.02 -42.88 -24.07
N GLU D 569 5.94 -43.74 -24.48
CA GLU D 569 5.61 -44.88 -25.33
C GLU D 569 5.27 -46.07 -24.45
N HIS D 570 4.21 -46.78 -24.82
CA HIS D 570 3.70 -47.88 -24.00
C HIS D 570 4.53 -49.15 -24.22
N SER D 571 4.85 -49.82 -23.12
CA SER D 571 5.68 -51.01 -23.17
C SER D 571 5.45 -51.83 -21.90
N ASN D 572 5.64 -53.15 -22.03
CA ASN D 572 5.49 -54.05 -20.89
C ASN D 572 6.80 -54.16 -20.13
N CYS D 573 7.28 -53.03 -19.58
CA CYS D 573 8.55 -52.99 -18.87
C CYS D 573 8.50 -53.62 -17.49
N SER D 574 7.33 -54.04 -17.01
CA SER D 574 7.22 -54.71 -15.72
C SER D 574 6.33 -55.94 -15.85
N SER D 575 6.49 -56.85 -14.89
CA SER D 575 5.73 -58.09 -14.86
C SER D 575 4.42 -57.97 -14.06
N GLU D 576 4.27 -56.93 -13.25
CA GLU D 576 3.04 -56.72 -12.52
C GLU D 576 1.89 -56.50 -13.52
N PRO D 577 0.71 -57.05 -13.24
CA PRO D 577 -0.39 -56.97 -14.22
C PRO D 577 -0.97 -55.58 -14.37
N GLY D 578 -0.29 -54.74 -15.17
CA GLY D 578 -0.78 -53.41 -15.44
C GLY D 578 -0.14 -52.86 -16.69
N PHE D 579 -0.48 -51.60 -16.98
CA PHE D 579 0.05 -50.87 -18.13
C PHE D 579 1.07 -49.87 -17.62
N TRP D 580 2.25 -49.84 -18.24
CA TRP D 580 3.38 -49.14 -17.65
C TRP D 580 3.89 -47.96 -18.47
N ALA D 581 4.26 -48.17 -19.73
CA ALA D 581 4.75 -47.10 -20.61
C ALA D 581 6.00 -46.43 -20.03
N HIS D 582 7.08 -47.20 -20.03
CA HIS D 582 8.42 -46.78 -19.64
C HIS D 582 8.77 -45.39 -20.15
N PRO D 583 9.12 -44.46 -19.27
CA PRO D 583 9.38 -43.08 -19.70
C PRO D 583 10.77 -42.96 -20.31
N PRO D 584 11.05 -41.86 -21.00
CA PRO D 584 12.40 -41.64 -21.53
C PRO D 584 13.35 -40.91 -20.59
N GLY D 585 12.87 -40.49 -19.41
CA GLY D 585 13.73 -39.73 -18.51
C GLY D 585 14.84 -40.58 -17.92
N ALA D 586 15.94 -39.93 -17.58
CA ALA D 586 17.08 -40.62 -16.99
C ALA D 586 16.84 -40.95 -15.51
N GLN D 587 16.20 -40.04 -14.77
CA GLN D 587 15.93 -40.25 -13.35
C GLN D 587 14.45 -40.18 -13.05
N ALA D 588 13.59 -40.47 -14.02
CA ALA D 588 12.15 -40.51 -13.82
C ALA D 588 11.64 -41.91 -13.52
N GLY D 589 12.53 -42.88 -13.38
CA GLY D 589 12.13 -44.27 -13.19
C GLY D 589 12.22 -45.05 -14.48
N THR D 590 12.72 -46.28 -14.40
CA THR D 590 12.87 -47.09 -15.61
C THR D 590 11.53 -47.61 -16.11
N CYS D 591 10.52 -47.67 -15.24
CA CYS D 591 9.24 -48.25 -15.60
C CYS D 591 8.17 -47.60 -14.73
N VAL D 592 7.49 -46.59 -15.27
CA VAL D 592 6.45 -45.88 -14.55
C VAL D 592 5.13 -46.62 -14.72
N SER D 593 4.16 -46.34 -13.85
CA SER D 593 2.82 -46.87 -13.97
C SER D 593 1.88 -45.80 -14.52
N GLN D 594 0.69 -46.23 -14.97
CA GLN D 594 -0.20 -45.31 -15.66
C GLN D 594 -1.67 -45.49 -15.30
N TYR D 595 -1.99 -46.21 -14.23
CA TYR D 595 -3.40 -46.50 -13.94
C TYR D 595 -4.21 -45.23 -13.73
N ALA D 596 -3.74 -44.33 -12.88
CA ALA D 596 -4.45 -43.10 -12.57
C ALA D 596 -3.63 -41.90 -13.02
N ASN D 597 -3.00 -42.00 -14.18
CA ASN D 597 -2.17 -40.89 -14.64
C ASN D 597 -2.99 -39.67 -15.01
N TRP D 598 -4.29 -39.82 -15.27
CA TRP D 598 -5.15 -38.65 -15.36
C TRP D 598 -5.21 -37.91 -14.04
N LEU D 599 -5.30 -38.65 -12.93
CA LEU D 599 -5.24 -38.02 -11.61
C LEU D 599 -3.86 -37.42 -11.37
N VAL D 600 -2.81 -38.05 -11.86
CA VAL D 600 -1.47 -37.47 -11.73
C VAL D 600 -1.41 -36.13 -12.46
N VAL D 601 -1.97 -36.06 -13.66
CA VAL D 601 -1.97 -34.81 -14.42
C VAL D 601 -2.79 -33.75 -13.69
N LEU D 602 -3.97 -34.11 -13.19
CA LEU D 602 -4.79 -33.16 -12.46
C LEU D 602 -4.07 -32.68 -11.20
N LEU D 603 -3.34 -33.58 -10.55
CA LEU D 603 -2.61 -33.21 -9.35
C LEU D 603 -1.45 -32.26 -9.68
N LEU D 604 -0.80 -32.48 -10.82
CA LEU D 604 0.21 -31.53 -11.28
C LEU D 604 -0.41 -30.17 -11.55
N VAL D 605 -1.61 -30.15 -12.14
CA VAL D 605 -2.30 -28.88 -12.39
C VAL D 605 -2.58 -28.17 -11.07
N ILE D 606 -3.06 -28.91 -10.08
CA ILE D 606 -3.36 -28.29 -8.78
C ILE D 606 -2.08 -27.77 -8.12
N PHE D 607 -0.99 -28.54 -8.22
CA PHE D 607 0.28 -28.08 -7.66
C PHE D 607 0.75 -26.80 -8.34
N LEU D 608 0.63 -26.74 -9.66
CA LEU D 608 1.01 -25.53 -10.38
C LEU D 608 0.15 -24.36 -9.97
N LEU D 609 -1.14 -24.57 -9.73
CA LEU D 609 -2.00 -23.49 -9.26
C LEU D 609 -1.64 -23.05 -7.86
N VAL D 610 -1.24 -23.98 -7.00
CA VAL D 610 -0.99 -23.64 -5.60
C VAL D 610 0.36 -22.94 -5.44
N ALA D 611 1.42 -23.55 -5.97
CA ALA D 611 2.76 -23.04 -5.71
C ALA D 611 3.08 -21.82 -6.57
N ASN D 612 2.89 -21.93 -7.87
CA ASN D 612 3.26 -20.86 -8.79
C ASN D 612 2.34 -19.66 -8.74
N ILE D 613 1.17 -19.77 -8.11
CA ILE D 613 0.20 -18.69 -8.17
C ILE D 613 -0.14 -18.19 -6.78
N LEU D 614 -0.61 -19.09 -5.90
CA LEU D 614 -1.03 -18.67 -4.58
C LEU D 614 0.16 -18.28 -3.71
N LEU D 615 1.07 -19.23 -3.48
CA LEU D 615 2.13 -19.03 -2.50
C LEU D 615 3.06 -17.89 -2.89
N VAL D 616 3.50 -17.86 -4.14
CA VAL D 616 4.48 -16.86 -4.56
C VAL D 616 3.87 -15.46 -4.49
N ASN D 617 2.64 -15.29 -4.99
CA ASN D 617 2.03 -13.96 -4.96
C ASN D 617 1.69 -13.53 -3.54
N LEU D 618 1.31 -14.48 -2.68
CA LEU D 618 1.10 -14.16 -1.28
C LEU D 618 2.40 -13.69 -0.64
N LEU D 619 3.52 -14.33 -0.99
CA LEU D 619 4.81 -13.90 -0.50
C LEU D 619 5.15 -12.49 -0.99
N ILE D 620 4.81 -12.20 -2.24
CA ILE D 620 5.02 -10.83 -2.76
C ILE D 620 4.22 -9.83 -1.95
N ALA D 621 2.96 -10.15 -1.67
CA ALA D 621 2.13 -9.24 -0.87
C ALA D 621 2.70 -9.04 0.52
N MET D 622 3.20 -10.11 1.13
CA MET D 622 3.77 -9.98 2.47
C MET D 622 5.05 -9.14 2.45
N PHE D 623 5.90 -9.32 1.44
CA PHE D 623 7.07 -8.46 1.33
C PHE D 623 6.66 -7.00 1.18
N SER D 624 5.65 -6.72 0.36
CA SER D 624 5.20 -5.34 0.21
C SER D 624 4.74 -4.77 1.54
N TYR D 625 3.89 -5.51 2.26
CA TYR D 625 3.34 -5.01 3.51
C TYR D 625 4.43 -4.82 4.56
N THR D 626 5.33 -5.79 4.70
CA THR D 626 6.38 -5.68 5.71
C THR D 626 7.37 -4.58 5.37
N PHE D 627 7.72 -4.43 4.09
CA PHE D 627 8.56 -3.31 3.66
C PHE D 627 7.93 -1.99 4.06
N GLY D 628 6.65 -1.80 3.71
CA GLY D 628 5.97 -0.57 4.09
C GLY D 628 5.94 -0.36 5.59
N LYS D 629 5.82 -1.44 6.36
CA LYS D 629 5.78 -1.31 7.81
C LYS D 629 7.13 -0.89 8.37
N VAL D 630 8.22 -1.53 7.94
CA VAL D 630 9.46 -1.48 8.72
C VAL D 630 10.57 -0.66 8.03
N GLN D 631 10.31 -0.07 6.86
CA GLN D 631 11.35 0.74 6.23
C GLN D 631 11.70 1.96 7.09
N GLY D 632 10.71 2.59 7.71
CA GLY D 632 10.98 3.77 8.52
C GLY D 632 11.85 3.46 9.72
N ASN D 633 11.55 2.37 10.42
CA ASN D 633 12.40 1.95 11.54
C ASN D 633 13.76 1.49 11.05
N SER D 634 13.83 0.90 9.86
CA SER D 634 15.11 0.45 9.33
C SER D 634 16.05 1.61 9.08
N ASP D 635 15.51 2.72 8.56
CA ASP D 635 16.36 3.91 8.35
C ASP D 635 16.91 4.43 9.67
N LEU D 636 16.06 4.52 10.69
CA LEU D 636 16.49 4.98 12.01
C LEU D 636 17.56 4.07 12.58
N TYR D 637 17.38 2.76 12.46
CA TYR D 637 18.41 1.83 12.91
C TYR D 637 19.70 2.00 12.11
N TRP D 638 19.58 2.24 10.81
CA TRP D 638 20.76 2.37 9.97
C TRP D 638 21.58 3.59 10.34
N LYS D 639 20.94 4.65 10.83
CA LYS D 639 21.73 5.80 11.30
C LYS D 639 22.73 5.38 12.38
N ALA D 640 22.24 4.70 13.41
CA ALA D 640 23.13 4.26 14.49
C ALA D 640 24.13 3.22 14.01
N GLN D 641 23.70 2.31 13.13
CA GLN D 641 24.61 1.31 12.61
C GLN D 641 25.73 1.96 11.81
N ARG D 642 25.41 2.98 11.02
CA ARG D 642 26.42 3.72 10.27
C ARG D 642 27.39 4.43 11.22
N TYR D 643 26.88 5.01 12.29
CA TYR D 643 27.77 5.61 13.28
C TYR D 643 28.74 4.57 13.84
N ARG D 644 28.21 3.39 14.17
CA ARG D 644 29.05 2.33 14.73
C ARG D 644 30.14 1.91 13.75
N LEU D 645 29.79 1.74 12.47
CA LEU D 645 30.80 1.35 11.48
C LEU D 645 31.81 2.45 11.24
N ILE D 646 31.38 3.72 11.31
CA ILE D 646 32.35 4.82 11.22
C ILE D 646 33.33 4.74 12.39
N ARG D 647 32.82 4.46 13.58
CA ARG D 647 33.71 4.30 14.73
C ARG D 647 34.70 3.17 14.50
N GLU D 648 34.22 2.03 13.99
CA GLU D 648 35.11 0.89 13.76
C GLU D 648 36.19 1.24 12.75
N PHE D 649 35.81 1.85 11.63
CA PHE D 649 36.79 2.19 10.61
C PHE D 649 37.77 3.26 11.09
N HIS D 650 37.31 4.18 11.94
CA HIS D 650 38.24 5.13 12.56
C HIS D 650 39.26 4.41 13.43
N SER D 651 38.80 3.42 14.19
CA SER D 651 39.71 2.64 15.02
C SER D 651 40.59 1.70 14.20
N ARG D 652 40.25 1.45 12.94
CA ARG D 652 40.99 0.48 12.15
C ARG D 652 42.39 1.01 11.82
N PRO D 653 43.37 0.13 11.62
CA PRO D 653 44.70 0.57 11.25
C PRO D 653 44.75 1.03 9.80
N ALA D 654 45.85 1.72 9.47
CA ALA D 654 45.95 2.38 8.17
C ALA D 654 46.18 1.40 7.02
N LEU D 655 47.07 0.43 7.18
CA LEU D 655 47.53 -0.35 6.04
C LEU D 655 46.51 -1.41 5.64
N ALA D 656 46.62 -1.84 4.40
CA ALA D 656 45.72 -2.84 3.82
C ALA D 656 46.06 -4.24 4.34
N PRO D 657 45.10 -5.16 4.30
CA PRO D 657 45.31 -6.52 4.83
C PRO D 657 46.53 -7.20 4.23
N PRO D 658 46.77 -7.13 2.91
CA PRO D 658 48.00 -7.76 2.40
C PRO D 658 49.27 -7.08 2.91
N PHE D 659 49.18 -5.83 3.36
CA PHE D 659 50.32 -5.11 3.91
C PHE D 659 50.18 -4.82 5.40
N ILE D 660 49.11 -5.32 6.05
CA ILE D 660 48.82 -4.95 7.43
C ILE D 660 49.78 -5.58 8.42
N VAL D 661 50.66 -6.49 7.96
CA VAL D 661 51.65 -7.07 8.86
C VAL D 661 52.56 -5.99 9.43
N ILE D 662 52.79 -4.93 8.66
CA ILE D 662 53.59 -3.81 9.17
C ILE D 662 52.91 -3.19 10.39
N SER D 663 51.61 -2.94 10.27
CA SER D 663 50.87 -2.38 11.41
C SER D 663 50.82 -3.35 12.58
N HIS D 664 50.69 -4.64 12.30
CA HIS D 664 50.67 -5.63 13.37
C HIS D 664 51.99 -5.67 14.13
N LEU D 665 53.10 -5.64 13.41
CA LEU D 665 54.41 -5.58 14.07
C LEU D 665 54.62 -4.26 14.79
N ARG D 666 54.08 -3.16 14.26
CA ARG D 666 54.13 -1.89 14.98
C ARG D 666 53.38 -1.99 16.31
N LEU D 667 52.19 -2.59 16.30
CA LEU D 667 51.43 -2.76 17.53
C LEU D 667 52.16 -3.69 18.50
N LEU D 668 52.75 -4.77 17.98
CA LEU D 668 53.50 -5.68 18.84
C LEU D 668 54.69 -4.99 19.49
N LEU D 669 55.38 -4.14 18.72
CA LEU D 669 56.46 -3.35 19.29
C LEU D 669 55.95 -2.39 20.36
N ARG D 670 54.80 -1.75 20.13
CA ARG D 670 54.23 -0.85 21.11
C ARG D 670 53.87 -1.56 22.41
N GLN D 671 53.57 -2.86 22.35
CA GLN D 671 53.40 -3.65 23.55
C GLN D 671 54.72 -4.19 24.09
N LEU D 672 55.72 -4.38 23.24
CA LEU D 672 57.03 -4.85 23.67
C LEU D 672 57.94 -3.71 24.11
N CYS D 673 57.79 -2.51 23.53
CA CYS D 673 58.57 -1.37 23.97
C CYS D 673 58.04 -0.77 25.27
N ARG D 674 56.84 -1.17 25.70
CA ARG D 674 56.32 -0.71 26.97
C ARG D 674 56.99 -1.42 28.15
N ARG D 675 57.47 -2.65 27.93
CA ARG D 675 58.12 -3.38 29.02
C ARG D 675 59.37 -2.69 29.55
N PRO D 676 60.33 -2.25 28.73
CA PRO D 676 61.49 -1.55 29.29
C PRO D 676 61.16 -0.22 29.92
N ARG D 677 60.02 0.38 29.59
CA ARG D 677 59.63 1.67 30.14
C ARG D 677 58.86 1.50 31.44
N HIS D 688 37.71 8.76 21.00
CA HIS D 688 38.60 8.42 19.89
C HIS D 688 38.99 9.64 19.06
N PHE D 689 38.01 10.47 18.70
CA PHE D 689 38.30 11.74 18.05
C PHE D 689 39.06 12.64 19.00
N ARG D 690 38.41 13.04 20.08
CA ARG D 690 39.02 13.76 21.19
C ARG D 690 39.75 15.02 20.72
N VAL D 691 39.00 15.92 20.08
CA VAL D 691 39.54 17.20 19.67
C VAL D 691 39.63 18.12 20.88
N TYR D 692 40.79 18.74 21.07
CA TYR D 692 41.03 19.54 22.25
C TYR D 692 40.26 20.86 22.18
N LEU D 693 39.74 21.29 23.33
CA LEU D 693 39.04 22.56 23.46
C LEU D 693 39.74 23.44 24.48
N SER D 694 39.71 24.75 24.25
CA SER D 694 40.39 25.68 25.14
C SER D 694 39.65 25.83 26.46
N LYS D 695 40.40 26.19 27.50
CA LYS D 695 39.82 26.34 28.83
C LYS D 695 38.79 27.45 28.85
N GLU D 696 39.13 28.63 28.30
CA GLU D 696 38.16 29.72 28.23
C GLU D 696 37.04 29.42 27.24
N ALA D 697 37.36 28.71 26.16
CA ALA D 697 36.33 28.29 25.22
C ALA D 697 35.30 27.39 25.89
N GLU D 698 35.72 26.65 26.91
CA GLU D 698 34.76 25.83 27.68
C GLU D 698 33.69 26.71 28.32
N ARG D 699 34.11 27.76 29.03
CA ARG D 699 33.15 28.67 29.64
C ARG D 699 32.33 29.40 28.57
N LYS D 700 32.97 29.75 27.45
CA LYS D 700 32.24 30.43 26.38
C LYS D 700 31.12 29.56 25.84
N LEU D 701 31.42 28.29 25.53
CA LEU D 701 30.38 27.40 25.02
C LEU D 701 29.36 27.09 26.09
N LEU D 702 29.77 27.02 27.35
CA LEU D 702 28.82 26.88 28.45
C LEU D 702 27.80 28.01 28.44
N THR D 703 28.27 29.25 28.37
CA THR D 703 27.36 30.39 28.34
C THR D 703 26.48 30.36 27.10
N TRP D 704 27.06 29.99 25.96
CA TRP D 704 26.29 29.91 24.72
C TRP D 704 25.15 28.90 24.83
N GLU D 705 25.44 27.70 25.32
CA GLU D 705 24.40 26.68 25.36
C GLU D 705 23.38 27.01 26.45
N SER D 706 23.82 27.70 27.52
CA SER D 706 22.87 28.16 28.52
C SER D 706 21.90 29.18 27.92
N VAL D 707 22.42 30.12 27.13
CA VAL D 707 21.56 31.12 26.49
C VAL D 707 20.57 30.42 25.56
N HIS D 708 21.06 29.50 24.73
CA HIS D 708 20.16 28.85 23.80
C HIS D 708 19.16 27.94 24.50
N LYS D 709 19.55 27.31 25.62
CA LYS D 709 18.61 26.45 26.32
C LYS D 709 17.52 27.29 26.98
N GLU D 710 17.87 28.47 27.53
CA GLU D 710 16.82 29.30 28.11
C GLU D 710 15.92 29.87 27.01
N ASN D 711 16.48 30.17 25.83
CA ASN D 711 15.64 30.58 24.72
C ASN D 711 14.65 29.47 24.34
N PHE D 712 15.11 28.22 24.34
CA PHE D 712 14.22 27.12 23.99
C PHE D 712 13.18 26.87 25.08
N LEU D 713 13.56 27.05 26.36
CA LEU D 713 12.57 27.05 27.44
C LEU D 713 11.47 28.07 27.20
N LEU D 714 11.84 29.32 26.94
CA LEU D 714 10.82 30.34 26.67
C LEU D 714 10.02 29.99 25.42
N ALA D 715 10.66 29.39 24.42
CA ALA D 715 9.95 29.00 23.20
C ALA D 715 8.83 28.01 23.51
N ARG D 716 9.15 26.93 24.22
CA ARG D 716 8.09 25.94 24.43
C ARG D 716 7.09 26.44 25.45
N ALA D 717 7.52 27.31 26.37
CA ALA D 717 6.58 27.89 27.32
C ALA D 717 5.54 28.75 26.61
N ARG D 718 5.98 29.60 25.68
CA ARG D 718 5.03 30.40 24.92
C ARG D 718 4.18 29.53 24.02
N ASP D 719 4.76 28.47 23.46
CA ASP D 719 3.96 27.56 22.63
C ASP D 719 2.85 26.90 23.45
N LYS D 720 3.19 26.43 24.65
CA LYS D 720 2.17 25.83 25.52
C LYS D 720 1.12 26.86 25.93
N ARG D 721 1.55 28.08 26.24
CA ARG D 721 0.59 29.11 26.64
C ARG D 721 -0.37 29.44 25.51
N GLU D 722 0.14 29.51 24.27
CA GLU D 722 -0.71 29.78 23.12
C GLU D 722 -1.46 28.55 22.63
N SER D 723 -1.18 27.38 23.19
CA SER D 723 -1.99 26.20 22.89
C SER D 723 -3.44 26.43 23.27
N ASP D 724 -4.35 25.85 22.47
CA ASP D 724 -5.78 26.12 22.64
C ASP D 724 -6.29 25.57 23.96
N SER D 725 -5.82 24.40 24.37
CA SER D 725 -6.27 23.82 25.63
C SER D 725 -5.88 24.71 26.81
N GLU D 726 -4.65 25.22 26.80
CA GLU D 726 -4.21 26.12 27.86
C GLU D 726 -4.97 27.44 27.82
N ARG D 727 -5.29 27.93 26.62
CA ARG D 727 -6.12 29.12 26.50
C ARG D 727 -7.50 28.88 27.12
N LEU D 728 -8.09 27.72 26.85
CA LEU D 728 -9.38 27.40 27.44
C LEU D 728 -9.29 27.30 28.95
N LYS D 729 -8.20 26.72 29.46
CA LYS D 729 -8.01 26.61 30.91
C LYS D 729 -7.93 27.99 31.54
N ARG D 730 -7.12 28.88 30.96
CA ARG D 730 -7.01 30.24 31.46
C ARG D 730 -8.35 30.97 31.39
N THR D 731 -9.09 30.78 30.30
CA THR D 731 -10.41 31.40 30.18
C THR D 731 -11.36 30.89 31.26
N SER D 732 -11.31 29.58 31.55
CA SER D 732 -12.19 29.01 32.56
C SER D 732 -11.90 29.59 33.94
N GLN D 733 -10.61 29.71 34.29
CA GLN D 733 -10.30 30.36 35.57
C GLN D 733 -10.62 31.84 35.57
N LYS D 734 -10.46 32.54 34.45
CA LYS D 734 -10.92 33.92 34.41
C LYS D 734 -12.42 34.00 34.67
N VAL D 735 -13.19 33.09 34.07
CA VAL D 735 -14.64 33.12 34.19
C VAL D 735 -15.08 32.82 35.62
N ASP D 736 -14.51 31.78 36.24
CA ASP D 736 -15.00 31.45 37.58
C ASP D 736 -14.46 32.43 38.62
N LEU D 737 -13.29 33.04 38.35
CA LEU D 737 -12.85 34.15 39.19
C LEU D 737 -13.81 35.32 39.10
N ALA D 738 -14.28 35.63 37.88
CA ALA D 738 -15.28 36.67 37.73
C ALA D 738 -16.56 36.32 38.47
N LEU D 739 -17.00 35.07 38.39
CA LEU D 739 -18.19 34.66 39.12
C LEU D 739 -18.00 34.83 40.62
N LYS D 740 -16.82 34.47 41.12
CA LYS D 740 -16.53 34.63 42.54
C LYS D 740 -16.56 36.10 42.95
N GLN D 741 -15.99 36.98 42.13
CA GLN D 741 -15.96 38.39 42.52
C GLN D 741 -17.36 39.01 42.41
N LEU D 742 -18.19 38.50 41.51
CA LEU D 742 -19.61 38.85 41.55
C LEU D 742 -20.27 38.35 42.83
N GLY D 743 -19.82 37.20 43.33
CA GLY D 743 -20.37 36.67 44.56
C GLY D 743 -20.12 37.54 45.78
N HIS D 744 -19.17 38.47 45.71
CA HIS D 744 -18.88 39.36 46.83
C HIS D 744 -19.67 40.66 46.77
N ILE D 745 -20.43 40.92 45.71
CA ILE D 745 -21.21 42.14 45.57
C ILE D 745 -22.70 41.87 45.45
N ARG D 746 -23.13 40.63 45.69
CA ARG D 746 -24.55 40.31 45.60
C ARG D 746 -25.36 40.97 46.72
N GLU D 747 -24.72 41.32 47.84
CA GLU D 747 -25.42 41.92 48.96
C GLU D 747 -25.98 43.30 48.65
N TYR D 748 -25.49 43.94 47.59
CA TYR D 748 -25.95 45.28 47.22
C TYR D 748 -27.41 45.26 46.79
#